data_6O9N
#
_entry.id   6O9N
#
_cell.length_a   63.854
_cell.length_b   109.696
_cell.length_c   220.258
_cell.angle_alpha   90.00
_cell.angle_beta   90.00
_cell.angle_gamma   90.00
#
_symmetry.space_group_name_H-M   'P 2 21 21'
#
loop_
_entity.id
_entity.type
_entity.pdbx_description
1 polymer 'Aryl-alcohol oxidase'
2 branched beta-D-mannopyranose-(1-4)-2-acetamido-2-deoxy-beta-D-glucopyranose-(1-4)-2-acetamido-2-deoxy-beta-D-glucopyranose
3 branched 2-acetamido-2-deoxy-beta-D-glucopyranose-(1-4)-2-acetamido-2-deoxy-beta-D-glucopyranose
4 non-polymer 'FLAVIN-ADENINE DINUCLEOTIDE'
5 non-polymer 2-acetamido-2-deoxy-beta-D-glucopyranose
6 non-polymer 'SULFATE ION'
7 non-polymer 'CALCIUM ION'
8 non-polymer 2-[3-(2-HYDROXY-1,1-DIHYDROXYMETHYL-ETHYLAMINO)-PROPYLAMINO]-2-HYDROXYMETHYL-PROPANE-1,3-DIOL
9 non-polymer 1,2-ETHANEDIOL
10 non-polymer TRIS-HYDROXYMETHYL-METHYL-AMMONIUM
11 water water
#
_entity_poly.entity_id   1
_entity_poly.type   'polypeptide(L)'
_entity_poly.pdbx_seq_one_letter_code
;MGFLAATLVSCAALASAASIPRPHAKRQVSQLRDDYDFVIVGGGTSGLTVADRLTEAFPAKNVLVIEYGDVHYAPGTFDP
PTDWITPQPDAPPSWSFNSLPNPDMANTTAFVLAGQVVGGSSAVNGMFFDRASRHDYDAWTAVGGSGFEQSSHKWDWEGL
FPFFQKSVTFTEPPADIVQKYHYTWDLSAYGNGSTPIYSSYPVFQWADQPLLNQAWQEMGINPVTECAGGDKEGVCWVPA
SQHPVTARRSHAGLGHYADVLPRANYDLLVQHQVVRVVFPNGPSHGPPLVEARSLADNHLFNVTVKGEVIISAGALHTPT
VLQRSGIGPASFLDDAGIPVTLDLPGVGANLQDHCGPPVTWNYTEPYTGFFPLPSEMVNNATFKAEAITGFDEVPARGPY
TLAGGNNAIFVSLPHLTADYGAITAKIRAMVADGTAASYLAADVRTIPGMVAGYEAQLLVLADLLDNPEAPSLETPWATS
EAPQTSSVLAFLLHPLSRGSVRLNLSDPLAQPVLDYRSGSNPVDIDLHLAHVRFLRGLLDTPTMQARGALETAPGSAVAD
SDEALGEYVRSHSTLSFMHPCCTAAMLPEDRGGVVGPDLKVHGAEGLRVVDMSVMPLLPGAHLSATAYAVGEKAADIIIQ
EWMDKEQ
;
_entity_poly.pdbx_strand_id   A,B
#
loop_
_chem_comp.id
_chem_comp.type
_chem_comp.name
_chem_comp.formula
144 non-polymer TRIS-HYDROXYMETHYL-METHYL-AMMONIUM 'C4 H12 N O3 1'
B3P non-polymer 2-[3-(2-HYDROXY-1,1-DIHYDROXYMETHYL-ETHYLAMINO)-PROPYLAMINO]-2-HYDROXYMETHYL-PROPANE-1,3-DIOL 'C11 H26 N2 O6'
BMA D-saccharide, beta linking beta-D-mannopyranose 'C6 H12 O6'
CA non-polymer 'CALCIUM ION' 'Ca 2'
EDO non-polymer 1,2-ETHANEDIOL 'C2 H6 O2'
FAD non-polymer 'FLAVIN-ADENINE DINUCLEOTIDE' 'C27 H33 N9 O15 P2'
NAG D-saccharide, beta linking 2-acetamido-2-deoxy-beta-D-glucopyranose 'C8 H15 N O6'
SO4 non-polymer 'SULFATE ION' 'O4 S -2'
#
# COMPACT_ATOMS: atom_id res chain seq x y z
N LEU A 32 6.51 7.01 7.39
CA LEU A 32 6.33 8.41 7.01
C LEU A 32 7.65 9.16 7.07
N ARG A 33 8.03 9.77 5.94
CA ARG A 33 9.38 10.32 5.76
C ARG A 33 9.56 11.61 6.55
N ASP A 34 10.83 12.03 6.65
CA ASP A 34 11.19 13.25 7.38
C ASP A 34 10.58 14.47 6.71
N ASP A 35 10.83 14.65 5.42
CA ASP A 35 10.17 15.69 4.64
C ASP A 35 9.76 15.12 3.28
N TYR A 36 8.91 15.86 2.59
CA TYR A 36 8.48 15.53 1.24
C TYR A 36 8.72 16.72 0.34
N ASP A 37 8.82 16.47 -0.95
CA ASP A 37 8.84 17.57 -1.90
C ASP A 37 7.45 18.16 -2.09
N PHE A 38 6.44 17.30 -2.15
CA PHE A 38 5.06 17.72 -2.35
C PHE A 38 4.16 17.03 -1.34
N VAL A 39 3.26 17.78 -0.74
CA VAL A 39 2.15 17.25 0.01
C VAL A 39 0.85 17.65 -0.69
N ILE A 40 -0.01 16.67 -0.92
CA ILE A 40 -1.34 16.90 -1.49
C ILE A 40 -2.35 16.57 -0.40
N VAL A 41 -3.15 17.57 -0.05
CA VAL A 41 -4.17 17.48 1.00
C VAL A 41 -5.47 17.02 0.36
N GLY A 42 -5.83 15.75 0.58
CA GLY A 42 -7.04 15.19 -0.01
C GLY A 42 -6.76 14.21 -1.13
N GLY A 43 -7.00 12.92 -0.89
CA GLY A 43 -6.84 11.92 -1.93
C GLY A 43 -8.10 11.72 -2.77
N GLY A 44 -8.56 12.82 -3.35
CA GLY A 44 -9.79 12.83 -4.11
C GLY A 44 -9.54 12.87 -5.60
N THR A 45 -10.47 13.49 -6.32
CA THR A 45 -10.49 13.37 -7.77
C THR A 45 -9.36 14.18 -8.40
N SER A 46 -9.30 15.47 -8.12
CA SER A 46 -8.22 16.30 -8.63
C SER A 46 -6.90 15.95 -7.96
N GLY A 47 -6.92 15.78 -6.63
CA GLY A 47 -5.69 15.60 -5.88
C GLY A 47 -4.90 14.39 -6.31
N LEU A 48 -5.57 13.25 -6.46
CA LEU A 48 -4.86 12.05 -6.90
C LEU A 48 -4.35 12.18 -8.34
N THR A 49 -5.08 12.87 -9.24
CA THR A 49 -4.47 13.03 -10.55
C THR A 49 -3.24 13.93 -10.47
N VAL A 50 -3.24 14.95 -9.59
CA VAL A 50 -2.04 15.75 -9.42
C VAL A 50 -0.93 14.90 -8.84
N ALA A 51 -1.25 14.12 -7.79
CA ALA A 51 -0.24 13.29 -7.15
C ALA A 51 0.34 12.28 -8.12
N ASP A 52 -0.51 11.69 -8.96
CA ASP A 52 -0.06 10.79 -10.02
C ASP A 52 0.96 11.49 -10.92
N ARG A 53 0.54 12.57 -11.58
CA ARG A 53 1.39 13.25 -12.56
C ARG A 53 2.69 13.79 -11.94
N LEU A 54 2.65 14.21 -10.67
CA LEU A 54 3.87 14.71 -10.04
C LEU A 54 4.86 13.58 -9.83
N THR A 55 4.40 12.44 -9.31
CA THR A 55 5.30 11.32 -9.04
C THR A 55 5.87 10.71 -10.31
N GLU A 56 5.10 10.65 -11.41
CA GLU A 56 5.69 10.12 -12.65
CA GLU A 56 5.67 10.13 -12.66
C GLU A 56 6.64 11.11 -13.31
N ALA A 57 6.43 12.42 -13.14
CA ALA A 57 7.32 13.40 -13.74
C ALA A 57 8.62 13.56 -12.96
N PHE A 58 8.55 13.49 -11.62
CA PHE A 58 9.72 13.72 -10.77
C PHE A 58 10.00 12.47 -9.95
N PRO A 59 10.58 11.45 -10.59
CA PRO A 59 10.92 10.21 -9.86
C PRO A 59 11.83 10.44 -8.66
N ALA A 60 12.56 11.56 -8.63
CA ALA A 60 13.43 11.89 -7.51
C ALA A 60 12.76 12.72 -6.43
N LYS A 61 11.58 13.26 -6.69
CA LYS A 61 10.84 13.99 -5.67
C LYS A 61 9.79 13.08 -5.07
N ASN A 62 9.55 13.22 -3.77
CA ASN A 62 8.59 12.40 -3.05
C ASN A 62 7.32 13.20 -2.82
N VAL A 63 6.18 12.63 -3.19
CA VAL A 63 4.88 13.22 -2.94
C VAL A 63 4.19 12.46 -1.82
N LEU A 64 3.55 13.19 -0.90
CA LEU A 64 2.71 12.57 0.12
C LEU A 64 1.27 13.05 -0.08
N VAL A 65 0.33 12.09 -0.21
CA VAL A 65 -1.10 12.41 -0.17
C VAL A 65 -1.61 12.15 1.25
N ILE A 66 -2.26 13.15 1.86
CA ILE A 66 -2.91 12.97 3.15
C ILE A 66 -4.40 12.90 2.92
N GLU A 67 -5.03 11.80 3.32
CA GLU A 67 -6.43 11.54 3.04
C GLU A 67 -7.20 11.28 4.33
N TYR A 68 -8.32 12.00 4.48
CA TYR A 68 -9.19 11.79 5.64
C TYR A 68 -9.68 10.35 5.71
N GLY A 69 -10.08 9.77 4.58
CA GLY A 69 -10.64 8.44 4.50
C GLY A 69 -9.59 7.38 4.27
N ASP A 70 -10.02 6.27 3.69
CA ASP A 70 -9.17 5.11 3.50
C ASP A 70 -9.49 4.49 2.14
N VAL A 71 -8.80 3.40 1.80
CA VAL A 71 -9.10 2.67 0.58
C VAL A 71 -10.33 1.80 0.79
N HIS A 72 -11.28 1.92 -0.12
CA HIS A 72 -12.48 1.10 -0.10
C HIS A 72 -12.76 0.68 -1.53
N TYR A 73 -13.22 -0.56 -1.72
CA TYR A 73 -13.82 -0.87 -3.01
C TYR A 73 -15.01 0.05 -3.22
N ALA A 74 -15.18 0.54 -4.45
CA ALA A 74 -16.20 1.54 -4.76
C ALA A 74 -17.26 0.94 -5.68
N PRO A 75 -18.37 0.45 -5.16
CA PRO A 75 -19.46 0.00 -6.04
C PRO A 75 -19.90 1.11 -6.98
N GLY A 76 -20.15 0.73 -8.23
CA GLY A 76 -20.73 1.67 -9.15
C GLY A 76 -22.19 1.92 -8.82
N THR A 77 -22.74 2.94 -9.48
CA THR A 77 -24.18 3.17 -9.38
C THR A 77 -24.93 1.97 -9.99
N PHE A 78 -26.03 1.59 -9.36
CA PHE A 78 -26.84 0.44 -9.79
C PHE A 78 -25.95 -0.76 -10.13
N ASP A 79 -25.29 -1.29 -9.11
CA ASP A 79 -24.51 -2.51 -9.16
C ASP A 79 -25.18 -3.53 -8.25
N PRO A 80 -24.82 -4.81 -8.35
CA PRO A 80 -25.50 -5.80 -7.51
C PRO A 80 -25.37 -5.42 -6.04
N PRO A 81 -26.39 -5.72 -5.22
CA PRO A 81 -27.65 -6.33 -5.66
C PRO A 81 -28.81 -5.34 -5.69
N THR A 82 -28.56 -4.12 -6.03
CA THR A 82 -29.57 -3.11 -6.00
C THR A 82 -30.71 -3.14 -6.99
N ASP A 83 -31.73 -2.39 -6.69
CA ASP A 83 -32.84 -2.21 -7.60
C ASP A 83 -32.70 -0.85 -8.28
N TRP A 84 -33.55 -0.51 -9.24
CA TRP A 84 -33.36 0.77 -9.91
C TRP A 84 -33.40 1.98 -9.04
N ILE A 85 -32.14 2.29 -8.82
CA ILE A 85 -31.47 3.23 -7.98
C ILE A 85 -31.67 3.24 -6.51
N THR A 86 -31.27 2.14 -5.92
CA THR A 86 -31.25 1.97 -4.50
C THR A 86 -29.80 2.01 -4.03
N PRO A 87 -29.58 2.29 -2.76
CA PRO A 87 -28.24 2.42 -2.22
C PRO A 87 -27.42 1.16 -2.16
N GLN A 88 -26.17 1.25 -2.52
CA GLN A 88 -25.26 0.14 -2.48
C GLN A 88 -24.94 -0.23 -1.05
N PRO A 89 -25.20 -1.50 -0.71
CA PRO A 89 -24.99 -1.88 0.70
C PRO A 89 -23.58 -1.70 1.19
N ASP A 90 -22.59 -1.85 0.32
CA ASP A 90 -21.20 -1.78 0.72
C ASP A 90 -20.51 -0.50 0.20
N ALA A 91 -21.25 0.61 0.28
CA ALA A 91 -20.73 1.89 -0.20
C ALA A 91 -19.61 2.41 0.71
N PRO A 92 -18.61 3.09 0.14
CA PRO A 92 -17.55 3.68 0.95
C PRO A 92 -18.12 4.80 1.81
N PRO A 93 -17.37 5.30 2.78
CA PRO A 93 -17.90 6.36 3.65
C PRO A 93 -18.04 7.69 2.93
N SER A 94 -18.95 8.52 3.44
CA SER A 94 -19.12 9.87 2.94
C SER A 94 -19.49 10.81 4.07
N TRP A 95 -19.14 12.08 3.90
CA TRP A 95 -19.77 13.12 4.68
C TRP A 95 -21.21 13.34 4.20
N SER A 96 -22.12 13.50 5.16
CA SER A 96 -23.49 13.90 4.90
C SER A 96 -23.67 15.31 5.41
N PHE A 97 -24.25 16.18 4.59
CA PHE A 97 -24.44 17.59 4.96
C PHE A 97 -25.90 17.98 4.84
N ASN A 98 -26.38 18.71 5.85
CA ASN A 98 -27.66 19.42 5.77
C ASN A 98 -27.34 20.90 5.89
N SER A 99 -27.60 21.64 4.81
CA SER A 99 -27.27 23.05 4.83
C SER A 99 -28.18 23.77 5.81
N LEU A 100 -27.85 25.03 6.10
CA LEU A 100 -28.78 25.91 6.78
C LEU A 100 -30.10 25.98 5.99
N PRO A 101 -31.19 26.34 6.63
CA PRO A 101 -32.43 26.57 5.88
C PRO A 101 -32.22 27.69 4.86
N ASN A 102 -32.71 27.45 3.65
CA ASN A 102 -32.58 28.44 2.59
C ASN A 102 -33.90 29.21 2.52
N PRO A 103 -33.99 30.34 3.22
CA PRO A 103 -35.30 31.02 3.33
C PRO A 103 -35.94 31.32 1.99
N ASP A 104 -35.14 31.63 0.97
CA ASP A 104 -35.66 31.98 -0.34
C ASP A 104 -36.09 30.77 -1.16
N MET A 105 -35.86 29.57 -0.64
CA MET A 105 -36.45 28.35 -1.17
C MET A 105 -37.28 27.68 -0.07
N ALA A 106 -38.22 28.41 0.52
CA ALA A 106 -39.15 27.88 1.53
C ALA A 106 -38.49 27.23 2.76
N ASN A 107 -37.29 27.69 3.13
CA ASN A 107 -36.38 27.18 4.17
C ASN A 107 -35.95 25.76 3.92
N THR A 108 -36.23 25.21 2.74
CA THR A 108 -35.77 23.85 2.51
C THR A 108 -34.29 23.76 2.82
N THR A 109 -33.85 22.60 3.29
CA THR A 109 -32.43 22.36 3.44
C THR A 109 -31.89 21.69 2.18
N ALA A 110 -30.62 21.93 1.88
CA ALA A 110 -29.92 21.19 0.85
C ALA A 110 -29.25 19.98 1.48
N PHE A 111 -29.37 18.83 0.82
CA PHE A 111 -28.69 17.61 1.25
C PHE A 111 -27.55 17.31 0.28
N VAL A 112 -26.32 17.28 0.80
CA VAL A 112 -25.09 17.21 0.01
C VAL A 112 -24.17 16.13 0.57
N LEU A 113 -23.51 15.42 -0.33
CA LEU A 113 -22.56 14.39 0.04
C LEU A 113 -21.16 14.75 -0.44
N ALA A 114 -20.17 14.12 0.20
CA ALA A 114 -18.79 14.20 -0.24
C ALA A 114 -18.11 12.88 0.09
N GLY A 115 -17.42 12.31 -0.90
CA GLY A 115 -16.75 11.05 -0.68
C GLY A 115 -15.68 11.15 0.39
N GLN A 116 -15.68 10.20 1.31
CA GLN A 116 -14.71 10.14 2.41
C GLN A 116 -13.92 8.85 2.20
N VAL A 117 -12.96 8.89 1.28
CA VAL A 117 -12.40 7.67 0.73
C VAL A 117 -11.27 8.04 -0.22
N VAL A 118 -10.31 7.14 -0.40
CA VAL A 118 -9.30 7.34 -1.44
C VAL A 118 -9.98 7.29 -2.80
N GLY A 119 -9.90 8.41 -3.53
CA GLY A 119 -10.70 8.61 -4.73
C GLY A 119 -11.75 9.71 -4.57
N GLY A 120 -12.02 10.13 -3.34
CA GLY A 120 -12.91 11.24 -3.11
C GLY A 120 -14.29 10.96 -3.66
N SER A 121 -14.91 12.02 -4.17
CA SER A 121 -16.30 11.91 -4.56
C SER A 121 -16.45 11.06 -5.82
N SER A 122 -15.40 10.96 -6.66
CA SER A 122 -15.47 10.11 -7.84
C SER A 122 -15.62 8.64 -7.47
N ALA A 123 -15.27 8.27 -6.24
CA ALA A 123 -15.54 6.91 -5.78
C ALA A 123 -16.99 6.69 -5.34
N VAL A 124 -17.79 7.75 -5.18
CA VAL A 124 -19.18 7.61 -4.72
C VAL A 124 -20.15 8.38 -5.61
N ASN A 125 -19.64 8.95 -6.72
CA ASN A 125 -20.39 9.50 -7.85
C ASN A 125 -21.60 8.71 -8.30
N GLY A 126 -22.49 9.38 -9.01
CA GLY A 126 -23.47 8.76 -9.88
C GLY A 126 -22.94 8.47 -11.28
N MET A 127 -21.67 8.77 -11.54
CA MET A 127 -20.90 8.31 -12.70
C MET A 127 -21.33 8.89 -14.03
N PHE A 128 -22.20 9.90 -14.04
CA PHE A 128 -22.59 10.64 -15.24
C PHE A 128 -21.43 11.52 -15.69
N PHE A 129 -20.82 11.18 -16.82
CA PHE A 129 -19.47 11.62 -17.16
C PHE A 129 -19.52 12.52 -18.39
N ASP A 130 -20.13 13.69 -18.24
CA ASP A 130 -20.17 14.70 -19.30
C ASP A 130 -19.19 15.83 -19.02
N ARG A 131 -19.02 16.67 -20.04
CA ARG A 131 -18.28 17.92 -19.96
C ARG A 131 -19.20 19.05 -20.35
N ALA A 132 -18.91 20.25 -19.88
CA ALA A 132 -19.73 21.41 -20.21
C ALA A 132 -19.39 21.88 -21.63
N SER A 133 -20.16 22.84 -22.11
CA SER A 133 -19.92 23.33 -23.44
C SER A 133 -18.67 24.20 -23.45
N ARG A 134 -18.12 24.38 -24.65
CA ARG A 134 -16.94 25.22 -24.82
C ARG A 134 -17.14 26.60 -24.23
N HIS A 135 -18.38 27.09 -24.24
CA HIS A 135 -18.64 28.46 -23.80
C HIS A 135 -18.61 28.57 -22.28
N ASP A 136 -18.88 27.47 -21.57
CA ASP A 136 -18.85 27.52 -20.11
C ASP A 136 -17.44 27.71 -19.62
N TYR A 137 -16.47 27.05 -20.25
CA TYR A 137 -15.09 27.23 -19.83
C TYR A 137 -14.51 28.52 -20.38
N ASP A 138 -14.93 28.93 -21.57
CA ASP A 138 -14.56 30.26 -22.03
C ASP A 138 -14.95 31.31 -21.01
N ALA A 139 -16.09 31.08 -20.32
CA ALA A 139 -16.56 32.01 -19.31
C ALA A 139 -15.55 32.21 -18.20
N TRP A 140 -14.79 31.16 -17.87
CA TRP A 140 -13.78 31.29 -16.83
C TRP A 140 -12.78 32.37 -17.17
N THR A 141 -12.27 32.32 -18.39
CA THR A 141 -11.28 33.32 -18.77
C THR A 141 -11.93 34.70 -18.76
N ALA A 142 -13.15 34.80 -19.27
CA ALA A 142 -13.81 36.10 -19.34
C ALA A 142 -14.11 36.66 -17.95
N VAL A 143 -14.48 35.81 -17.00
CA VAL A 143 -14.79 36.32 -15.66
C VAL A 143 -13.51 36.71 -14.91
N GLY A 144 -12.38 36.05 -15.19
CA GLY A 144 -11.11 36.53 -14.64
C GLY A 144 -10.74 37.91 -15.16
N GLY A 145 -11.11 38.22 -16.41
CA GLY A 145 -10.86 39.55 -16.93
C GLY A 145 -9.39 39.81 -17.23
N SER A 146 -9.11 41.07 -17.58
CA SER A 146 -7.75 41.45 -17.95
C SER A 146 -6.77 41.30 -16.79
N GLY A 147 -7.25 41.32 -15.54
CA GLY A 147 -6.37 41.07 -14.41
C GLY A 147 -5.68 39.72 -14.48
N PHE A 148 -6.16 38.83 -15.35
CA PHE A 148 -5.68 37.47 -15.48
C PHE A 148 -4.81 37.25 -16.71
N GLU A 149 -4.48 38.31 -17.45
CA GLU A 149 -4.00 38.10 -18.82
C GLU A 149 -2.50 38.18 -18.97
N GLN A 150 -1.76 38.73 -18.01
CA GLN A 150 -0.30 38.63 -18.02
C GLN A 150 0.21 37.24 -17.54
N SER A 151 -0.68 36.25 -17.46
CA SER A 151 -0.32 34.84 -17.31
C SER A 151 -0.61 34.10 -18.60
N SER A 152 0.13 33.03 -18.83
CA SER A 152 -0.04 32.24 -20.04
C SER A 152 -0.95 31.04 -19.82
N HIS A 153 -1.51 30.89 -18.63
CA HIS A 153 -2.36 29.77 -18.28
C HIS A 153 -3.79 30.18 -18.55
N LYS A 154 -4.32 29.70 -19.67
CA LYS A 154 -5.66 30.04 -20.09
C LYS A 154 -6.53 28.82 -19.84
N TRP A 155 -7.57 29.01 -19.02
CA TRP A 155 -8.51 27.97 -18.68
C TRP A 155 -9.77 28.02 -19.54
N ASP A 156 -9.69 28.64 -20.71
CA ASP A 156 -10.82 28.59 -21.64
C ASP A 156 -10.89 27.19 -22.24
N TRP A 157 -11.77 27.01 -23.22
CA TRP A 157 -11.92 25.69 -23.82
C TRP A 157 -10.63 25.24 -24.50
N GLU A 158 -10.06 26.12 -25.33
CA GLU A 158 -8.84 25.79 -26.06
C GLU A 158 -7.70 25.42 -25.12
N GLY A 159 -7.70 25.95 -23.90
CA GLY A 159 -6.63 25.66 -22.97
C GLY A 159 -6.90 24.45 -22.12
N LEU A 160 -8.16 24.05 -22.04
CA LEU A 160 -8.56 22.95 -21.19
C LEU A 160 -8.80 21.67 -21.98
N PHE A 161 -9.30 21.79 -23.20
CA PHE A 161 -9.62 20.64 -24.06
C PHE A 161 -8.51 19.61 -24.19
N PRO A 162 -7.25 19.97 -24.44
CA PRO A 162 -6.21 18.92 -24.50
C PRO A 162 -6.11 18.10 -23.24
N PHE A 163 -6.37 18.71 -22.07
CA PHE A 163 -6.30 17.96 -20.83
C PHE A 163 -7.52 17.11 -20.63
N PHE A 164 -8.67 17.54 -21.15
CA PHE A 164 -9.82 16.67 -21.19
C PHE A 164 -9.49 15.38 -21.92
N GLN A 165 -8.84 15.50 -23.09
CA GLN A 165 -8.48 14.31 -23.85
C GLN A 165 -7.48 13.45 -23.09
N LYS A 166 -6.50 14.09 -22.45
CA LYS A 166 -5.49 13.38 -21.66
C LYS A 166 -6.12 12.65 -20.48
N SER A 167 -7.18 13.22 -19.90
CA SER A 167 -7.66 12.81 -18.59
C SER A 167 -8.29 11.42 -18.59
N VAL A 168 -8.81 10.94 -19.72
CA VAL A 168 -9.58 9.70 -19.74
C VAL A 168 -9.27 8.89 -20.99
N THR A 169 -9.51 7.59 -20.92
CA THR A 169 -9.59 6.81 -22.14
C THR A 169 -11.04 6.41 -22.36
N PHE A 170 -11.55 6.77 -23.53
CA PHE A 170 -12.88 6.45 -23.96
C PHE A 170 -12.80 5.25 -24.91
N THR A 171 -13.85 4.43 -24.91
CA THR A 171 -13.86 3.19 -25.66
C THR A 171 -15.17 3.11 -26.44
N GLU A 172 -15.06 2.83 -27.73
CA GLU A 172 -16.28 2.60 -28.52
C GLU A 172 -17.03 1.40 -27.95
N PRO A 173 -18.34 1.46 -27.84
CA PRO A 173 -19.12 0.30 -27.45
C PRO A 173 -19.16 -0.73 -28.57
N PRO A 174 -19.55 -1.97 -28.28
CA PRO A 174 -19.63 -2.98 -29.35
C PRO A 174 -20.62 -2.56 -30.42
N ALA A 175 -20.39 -3.07 -31.64
CA ALA A 175 -21.30 -2.77 -32.75
C ALA A 175 -22.73 -3.19 -32.43
N ASP A 176 -22.91 -4.41 -31.90
CA ASP A 176 -24.27 -4.85 -31.58
C ASP A 176 -24.95 -3.91 -30.60
N ILE A 177 -24.19 -3.44 -29.60
CA ILE A 177 -24.75 -2.48 -28.66
C ILE A 177 -25.09 -1.15 -29.33
N VAL A 178 -24.29 -0.74 -30.33
CA VAL A 178 -24.62 0.47 -31.09
C VAL A 178 -25.93 0.29 -31.84
N GLN A 179 -26.07 -0.81 -32.60
CA GLN A 179 -27.29 -0.98 -33.38
C GLN A 179 -28.51 -1.27 -32.51
N LYS A 180 -28.30 -1.63 -31.25
CA LYS A 180 -29.38 -1.91 -30.30
C LYS A 180 -29.87 -0.64 -29.60
N TYR A 181 -28.95 0.17 -29.09
CA TYR A 181 -29.31 1.35 -28.31
C TYR A 181 -29.05 2.66 -29.02
N HIS A 182 -28.27 2.66 -30.12
CA HIS A 182 -28.06 3.83 -30.98
C HIS A 182 -27.28 4.94 -30.28
N TYR A 183 -26.26 4.53 -29.54
CA TYR A 183 -25.24 5.46 -29.09
C TYR A 183 -24.60 6.14 -30.30
N THR A 184 -24.29 7.42 -30.17
CA THR A 184 -23.46 8.08 -31.15
C THR A 184 -22.25 8.65 -30.46
N TRP A 185 -21.22 8.95 -31.25
CA TRP A 185 -20.02 9.54 -30.67
C TRP A 185 -19.11 10.03 -31.78
N ASP A 186 -18.13 10.81 -31.37
CA ASP A 186 -17.08 11.34 -32.23
C ASP A 186 -15.80 11.21 -31.43
N LEU A 187 -14.91 10.30 -31.84
CA LEU A 187 -13.63 10.12 -31.15
C LEU A 187 -12.79 11.40 -31.13
N SER A 188 -13.05 12.36 -32.03
CA SER A 188 -12.24 13.59 -32.01
C SER A 188 -12.33 14.31 -30.67
N ALA A 189 -13.45 14.14 -29.96
CA ALA A 189 -13.63 14.74 -28.64
C ALA A 189 -12.73 14.11 -27.60
N TYR A 190 -12.27 12.88 -27.81
CA TYR A 190 -11.49 12.20 -26.80
C TYR A 190 -10.03 12.01 -27.19
N GLY A 191 -9.69 12.07 -28.47
CA GLY A 191 -8.33 11.75 -28.87
C GLY A 191 -7.95 10.31 -28.57
N ASN A 192 -6.65 10.03 -28.66
CA ASN A 192 -6.15 8.72 -28.28
C ASN A 192 -5.48 8.78 -26.92
N GLY A 193 -6.18 9.40 -25.96
CA GLY A 193 -5.74 9.36 -24.58
C GLY A 193 -5.77 7.94 -24.03
N SER A 194 -4.90 7.69 -23.04
CA SER A 194 -4.76 6.34 -22.51
C SER A 194 -4.56 6.34 -21.00
N THR A 195 -5.23 7.26 -20.29
CA THR A 195 -5.17 7.33 -18.83
C THR A 195 -6.17 6.34 -18.23
N PRO A 196 -5.77 5.43 -17.35
CA PRO A 196 -6.74 4.46 -16.81
C PRO A 196 -7.88 5.08 -15.99
N ILE A 197 -8.46 6.17 -16.47
CA ILE A 197 -9.75 6.67 -16.02
C ILE A 197 -10.69 6.47 -17.20
N TYR A 198 -11.69 5.63 -17.05
CA TYR A 198 -12.42 5.13 -18.22
C TYR A 198 -13.76 5.82 -18.43
N SER A 199 -14.01 6.24 -19.67
CA SER A 199 -15.33 6.69 -20.10
C SER A 199 -15.91 5.67 -21.07
N SER A 200 -17.10 5.13 -20.74
CA SER A 200 -17.64 4.01 -21.49
C SER A 200 -19.15 4.15 -21.59
N TYR A 201 -19.71 3.51 -22.61
CA TYR A 201 -21.16 3.38 -22.69
C TYR A 201 -21.59 2.00 -22.25
N PRO A 202 -22.56 1.86 -21.35
CA PRO A 202 -22.99 0.53 -20.92
C PRO A 202 -23.51 -0.29 -22.10
N VAL A 203 -23.50 -1.62 -21.91
CA VAL A 203 -24.04 -2.53 -22.92
C VAL A 203 -25.50 -2.82 -22.59
N PHE A 204 -26.11 -1.93 -21.80
CA PHE A 204 -27.50 -2.04 -21.42
C PHE A 204 -28.13 -0.65 -21.35
N GLN A 205 -29.41 -0.60 -21.74
CA GLN A 205 -30.30 0.52 -21.48
C GLN A 205 -31.68 -0.04 -21.17
N TRP A 206 -32.47 0.69 -20.40
CA TRP A 206 -33.87 0.27 -20.31
C TRP A 206 -34.55 0.42 -21.67
N ALA A 207 -35.61 -0.37 -21.86
CA ALA A 207 -36.26 -0.48 -23.16
C ALA A 207 -37.04 0.77 -23.57
N ASP A 208 -37.46 1.60 -22.63
CA ASP A 208 -38.19 2.84 -22.96
C ASP A 208 -37.29 4.06 -22.98
N GLN A 209 -35.99 3.84 -22.97
CA GLN A 209 -35.06 4.95 -23.17
C GLN A 209 -35.38 5.77 -24.43
N PRO A 210 -35.75 5.17 -25.56
CA PRO A 210 -36.10 6.00 -26.74
C PRO A 210 -37.37 6.83 -26.57
N LEU A 211 -38.14 6.63 -25.50
CA LEU A 211 -39.39 7.37 -25.36
C LEU A 211 -39.13 8.87 -25.32
N LEU A 212 -38.44 9.34 -24.27
CA LEU A 212 -38.15 10.77 -24.19
C LEU A 212 -37.26 11.21 -25.33
N ASN A 213 -36.35 10.33 -25.79
CA ASN A 213 -35.51 10.66 -26.93
C ASN A 213 -36.36 11.11 -28.11
N GLN A 214 -37.48 10.42 -28.36
CA GLN A 214 -38.36 10.80 -29.44
C GLN A 214 -39.14 12.08 -29.10
N ALA A 215 -39.52 12.22 -27.83
CA ALA A 215 -40.33 13.37 -27.43
C ALA A 215 -39.53 14.66 -27.42
N TRP A 216 -38.25 14.61 -27.02
CA TRP A 216 -37.43 15.82 -27.04
C TRP A 216 -37.29 16.36 -28.46
N GLN A 217 -37.27 15.45 -29.45
CA GLN A 217 -37.15 15.88 -30.83
C GLN A 217 -38.45 16.52 -31.32
N GLU A 218 -39.60 16.05 -30.84
CA GLU A 218 -40.88 16.69 -31.15
C GLU A 218 -41.00 18.05 -30.50
N MET A 219 -40.21 18.35 -29.47
CA MET A 219 -40.10 19.72 -28.99
C MET A 219 -39.09 20.53 -29.75
N GLY A 220 -38.53 20.00 -30.83
CA GLY A 220 -37.53 20.73 -31.55
C GLY A 220 -36.13 20.67 -30.98
N ILE A 221 -35.89 19.90 -29.92
CA ILE A 221 -34.52 19.73 -29.44
C ILE A 221 -33.82 18.75 -30.35
N ASN A 222 -32.64 19.12 -30.83
CA ASN A 222 -32.11 18.26 -31.88
C ASN A 222 -31.06 17.30 -31.34
N PRO A 223 -30.98 16.10 -31.92
CA PRO A 223 -29.90 15.18 -31.56
C PRO A 223 -28.55 15.83 -31.79
N VAL A 224 -27.61 15.52 -30.90
CA VAL A 224 -26.22 15.90 -31.05
C VAL A 224 -25.43 14.61 -31.16
N THR A 225 -24.52 14.53 -32.12
CA THR A 225 -23.75 13.30 -32.28
C THR A 225 -22.81 13.11 -31.10
N GLU A 226 -21.97 14.10 -30.82
CA GLU A 226 -21.02 14.05 -29.71
C GLU A 226 -21.14 15.32 -28.88
N CYS A 227 -21.31 15.18 -27.57
CA CYS A 227 -21.43 16.34 -26.68
C CYS A 227 -20.26 16.54 -25.72
N ALA A 228 -19.19 15.76 -25.81
CA ALA A 228 -18.02 16.05 -24.98
C ALA A 228 -16.93 16.82 -25.73
N GLY A 229 -17.19 17.25 -26.97
CA GLY A 229 -16.19 17.98 -27.73
C GLY A 229 -16.45 19.47 -27.76
N GLY A 230 -17.06 19.98 -26.68
CA GLY A 230 -17.33 21.39 -26.52
C GLY A 230 -18.67 21.87 -27.02
N ASP A 231 -19.30 21.14 -27.93
CA ASP A 231 -20.56 21.55 -28.52
C ASP A 231 -21.64 20.62 -28.02
N LYS A 232 -22.52 21.13 -27.16
CA LYS A 232 -23.37 20.19 -26.44
C LYS A 232 -24.84 20.58 -26.32
N GLU A 233 -25.29 21.70 -26.88
CA GLU A 233 -26.69 22.09 -26.75
C GLU A 233 -27.55 21.25 -27.71
N GLY A 234 -28.58 20.58 -27.15
CA GLY A 234 -29.41 19.61 -27.84
C GLY A 234 -29.59 18.36 -26.99
N VAL A 235 -29.92 17.23 -27.65
CA VAL A 235 -30.08 15.93 -26.99
C VAL A 235 -28.74 15.20 -26.99
N CYS A 236 -28.27 14.80 -25.82
CA CYS A 236 -26.90 14.31 -25.67
C CYS A 236 -26.87 12.89 -25.14
N TRP A 237 -26.00 12.09 -25.73
CA TRP A 237 -25.53 10.88 -25.09
C TRP A 237 -24.40 11.28 -24.15
N VAL A 238 -24.44 10.74 -22.93
CA VAL A 238 -23.36 10.96 -21.97
C VAL A 238 -22.82 9.60 -21.48
N PRO A 239 -21.51 9.40 -21.40
CA PRO A 239 -20.97 8.09 -20.96
C PRO A 239 -20.94 7.94 -19.44
N ALA A 240 -20.55 6.73 -19.01
CA ALA A 240 -20.35 6.41 -17.60
C ALA A 240 -18.85 6.35 -17.31
N SER A 241 -18.47 6.81 -16.12
CA SER A 241 -17.09 6.69 -15.65
C SER A 241 -16.88 5.26 -15.16
N GLN A 242 -16.64 4.36 -16.12
CA GLN A 242 -16.58 2.94 -15.79
C GLN A 242 -15.87 2.18 -16.88
N HIS A 243 -15.37 1.02 -16.50
CA HIS A 243 -14.53 0.21 -17.36
C HIS A 243 -15.33 -0.33 -18.54
N PRO A 244 -14.77 -0.33 -19.75
CA PRO A 244 -15.56 -0.75 -20.93
C PRO A 244 -15.84 -2.22 -20.97
N VAL A 245 -15.03 -3.06 -20.33
CA VAL A 245 -15.26 -4.49 -20.35
C VAL A 245 -16.07 -4.92 -19.14
N THR A 246 -15.64 -4.51 -17.96
CA THR A 246 -16.19 -5.03 -16.72
C THR A 246 -17.31 -4.18 -16.13
N ALA A 247 -17.52 -2.98 -16.64
CA ALA A 247 -18.51 -2.02 -16.13
C ALA A 247 -18.25 -1.62 -14.69
N ARG A 248 -17.05 -1.89 -14.15
CA ARG A 248 -16.74 -1.52 -12.78
C ARG A 248 -16.38 -0.04 -12.72
N ARG A 249 -16.78 0.60 -11.63
CA ARG A 249 -16.58 2.05 -11.48
C ARG A 249 -15.13 2.43 -11.69
N SER A 250 -14.90 3.48 -12.47
CA SER A 250 -13.58 4.10 -12.61
C SER A 250 -13.55 5.35 -11.74
N HIS A 251 -12.65 5.40 -10.78
CA HIS A 251 -12.47 6.53 -9.92
C HIS A 251 -11.02 6.82 -9.78
N ALA A 252 -10.71 7.93 -9.14
CA ALA A 252 -9.37 8.39 -8.96
C ALA A 252 -8.47 7.46 -8.16
N GLY A 253 -9.02 6.73 -7.22
CA GLY A 253 -8.29 5.76 -6.44
C GLY A 253 -7.71 4.60 -7.21
N LEU A 254 -8.27 4.26 -8.36
CA LEU A 254 -7.72 3.24 -9.17
C LEU A 254 -6.84 3.88 -10.20
N GLY A 255 -7.44 4.58 -11.13
CA GLY A 255 -6.73 5.22 -12.21
C GLY A 255 -5.61 6.19 -11.93
N HIS A 256 -5.66 6.88 -10.82
CA HIS A 256 -4.62 7.80 -10.47
C HIS A 256 -3.82 7.32 -9.28
N TYR A 257 -4.25 6.27 -8.62
CA TYR A 257 -3.49 5.76 -7.49
C TYR A 257 -3.10 4.30 -7.52
N ALA A 258 -4.05 3.40 -7.33
CA ALA A 258 -3.77 1.97 -7.31
C ALA A 258 -3.15 1.49 -8.61
N ASP A 259 -3.67 1.96 -9.75
CA ASP A 259 -3.22 1.44 -11.05
C ASP A 259 -1.80 1.83 -11.38
N VAL A 260 -1.26 2.88 -10.75
CA VAL A 260 0.11 3.30 -11.02
C VAL A 260 1.09 2.74 -9.99
N LEU A 261 0.61 2.09 -8.93
CA LEU A 261 1.57 1.46 -8.03
C LEU A 261 1.98 0.10 -8.58
N PRO A 262 3.19 -0.40 -8.22
CA PRO A 262 4.11 0.25 -7.29
C PRO A 262 4.78 1.50 -7.89
N ARG A 263 4.94 2.52 -7.05
CA ARG A 263 5.65 3.75 -7.39
C ARG A 263 6.26 4.30 -6.12
N ALA A 264 7.59 4.32 -6.04
CA ALA A 264 8.27 4.47 -4.76
C ALA A 264 8.11 5.86 -4.18
N ASN A 265 7.97 6.89 -5.01
CA ASN A 265 7.86 8.24 -4.50
C ASN A 265 6.40 8.68 -4.34
N TYR A 266 5.46 7.74 -4.43
CA TYR A 266 4.03 8.01 -4.34
C TYR A 266 3.53 7.45 -3.00
N ASP A 267 3.50 8.30 -1.98
CA ASP A 267 3.05 7.93 -0.64
C ASP A 267 1.63 8.44 -0.36
N LEU A 268 0.93 7.70 0.48
CA LEU A 268 -0.45 7.99 0.85
C LEU A 268 -0.62 7.73 2.34
N LEU A 269 -1.19 8.69 3.05
CA LEU A 269 -1.44 8.59 4.47
C LEU A 269 -2.96 8.66 4.67
N VAL A 270 -3.53 7.57 5.18
CA VAL A 270 -4.97 7.46 5.30
C VAL A 270 -5.37 7.76 6.73
N GLN A 271 -6.68 7.96 6.94
CA GLN A 271 -7.28 8.23 8.25
C GLN A 271 -6.58 9.39 8.95
N HIS A 272 -6.25 10.43 8.17
CA HIS A 272 -5.62 11.64 8.69
C HIS A 272 -6.37 12.86 8.17
N GLN A 273 -6.66 13.81 9.06
CA GLN A 273 -7.24 15.08 8.67
C GLN A 273 -6.16 16.14 8.68
N VAL A 274 -5.84 16.69 7.51
CA VAL A 274 -4.99 17.87 7.45
C VAL A 274 -5.75 19.02 8.13
N VAL A 275 -5.18 19.55 9.19
CA VAL A 275 -5.85 20.63 9.93
C VAL A 275 -5.67 21.96 9.21
N ARG A 276 -4.43 22.27 8.83
CA ARG A 276 -4.11 23.60 8.30
C ARG A 276 -2.73 23.53 7.65
N VAL A 277 -2.37 24.62 6.98
CA VAL A 277 -0.99 24.87 6.60
C VAL A 277 -0.50 26.06 7.40
N VAL A 278 0.76 26.00 7.81
CA VAL A 278 1.36 27.01 8.69
C VAL A 278 2.60 27.57 8.00
N PHE A 279 2.70 28.89 7.95
CA PHE A 279 3.89 29.53 7.44
C PHE A 279 4.73 29.99 8.61
N PRO A 280 5.87 29.34 8.87
CA PRO A 280 6.67 29.74 10.05
C PRO A 280 7.06 31.20 10.01
N ASN A 281 7.52 31.68 8.85
CA ASN A 281 7.88 33.09 8.67
C ASN A 281 6.91 33.81 7.74
N GLY A 282 5.63 33.48 7.85
CA GLY A 282 4.62 34.18 7.09
C GLY A 282 4.48 33.68 5.67
N PRO A 283 3.37 34.04 5.04
CA PRO A 283 3.02 33.43 3.75
C PRO A 283 3.95 33.79 2.61
N SER A 284 4.75 34.84 2.74
CA SER A 284 5.70 35.17 1.69
C SER A 284 6.97 34.30 1.75
N HIS A 285 7.09 33.41 2.74
CA HIS A 285 8.20 32.46 2.81
C HIS A 285 7.62 31.05 2.92
N GLY A 286 7.64 30.32 1.81
CA GLY A 286 7.01 29.02 1.73
C GLY A 286 7.88 28.00 1.03
N PRO A 287 7.36 26.78 0.85
CA PRO A 287 6.01 26.31 1.14
C PRO A 287 5.76 26.23 2.63
N PRO A 288 4.49 26.23 3.05
CA PRO A 288 4.19 26.12 4.49
C PRO A 288 4.38 24.69 4.98
N LEU A 289 4.20 24.51 6.29
CA LEU A 289 4.09 23.18 6.90
C LEU A 289 2.65 22.70 6.81
N VAL A 290 2.47 21.38 6.73
CA VAL A 290 1.14 20.79 6.73
C VAL A 290 0.89 20.24 8.13
N GLU A 291 -0.07 20.83 8.86
CA GLU A 291 -0.41 20.34 10.18
C GLU A 291 -1.55 19.35 10.08
N ALA A 292 -1.26 18.10 10.46
CA ALA A 292 -2.15 16.97 10.24
C ALA A 292 -2.56 16.37 11.57
N ARG A 293 -3.80 15.89 11.60
CA ARG A 293 -4.37 15.26 12.77
C ARG A 293 -4.66 13.81 12.43
N SER A 294 -4.13 12.89 13.22
CA SER A 294 -4.43 11.49 13.02
C SER A 294 -5.82 11.18 13.56
N LEU A 295 -6.69 10.64 12.71
CA LEU A 295 -8.07 10.37 13.13
C LEU A 295 -8.18 9.18 14.10
N ALA A 296 -7.13 8.37 14.23
CA ALA A 296 -7.18 7.22 15.12
C ALA A 296 -7.02 7.63 16.57
N ASP A 297 -6.07 8.54 16.85
CA ASP A 297 -5.68 8.87 18.22
C ASP A 297 -5.69 10.35 18.52
N ASN A 298 -6.09 11.19 17.57
CA ASN A 298 -6.09 12.65 17.66
C ASN A 298 -4.69 13.27 17.71
N HIS A 299 -3.63 12.46 17.62
CA HIS A 299 -2.27 12.98 17.63
C HIS A 299 -2.04 13.97 16.46
N LEU A 300 -1.60 15.19 16.78
CA LEU A 300 -1.28 16.23 15.83
C LEU A 300 0.22 16.28 15.52
N PHE A 301 0.54 16.56 14.26
CA PHE A 301 1.94 16.70 13.86
C PHE A 301 2.00 17.52 12.59
N ASN A 302 3.20 17.76 12.14
CA ASN A 302 3.50 18.67 11.07
C ASN A 302 4.35 17.92 10.07
N VAL A 303 4.10 18.13 8.77
CA VAL A 303 4.87 17.50 7.71
C VAL A 303 5.66 18.59 7.02
N THR A 304 6.96 18.35 6.81
CA THR A 304 7.85 19.36 6.27
C THR A 304 7.89 19.23 4.75
N VAL A 305 7.71 20.34 4.05
CA VAL A 305 7.53 20.35 2.61
C VAL A 305 8.64 21.17 1.98
N LYS A 306 9.31 20.60 0.99
CA LYS A 306 10.35 21.31 0.28
C LYS A 306 9.82 22.05 -0.93
N GLY A 307 8.90 21.44 -1.69
CA GLY A 307 8.39 22.07 -2.89
C GLY A 307 7.16 22.92 -2.66
N GLU A 308 5.98 22.30 -2.74
CA GLU A 308 4.70 22.99 -2.60
C GLU A 308 3.69 22.12 -1.85
N VAL A 309 2.70 22.77 -1.27
CA VAL A 309 1.53 22.10 -0.73
C VAL A 309 0.38 22.30 -1.70
N ILE A 310 -0.24 21.20 -2.13
CA ILE A 310 -1.41 21.24 -2.98
C ILE A 310 -2.61 20.83 -2.15
N ILE A 311 -3.62 21.70 -2.12
CA ILE A 311 -4.86 21.44 -1.38
C ILE A 311 -5.93 21.01 -2.37
N SER A 312 -6.48 19.83 -2.13
CA SER A 312 -7.52 19.24 -2.95
C SER A 312 -8.56 18.59 -2.05
N ALA A 313 -8.89 19.26 -0.95
CA ALA A 313 -9.86 18.71 -0.01
C ALA A 313 -11.30 18.82 -0.52
N GLY A 314 -11.51 19.40 -1.69
CA GLY A 314 -12.82 19.50 -2.30
C GLY A 314 -13.48 20.85 -2.05
N ALA A 315 -14.52 21.11 -2.83
CA ALA A 315 -15.23 22.37 -2.72
C ALA A 315 -15.76 22.59 -1.31
N LEU A 316 -16.06 21.51 -0.59
CA LEU A 316 -16.58 21.71 0.75
C LEU A 316 -15.47 21.80 1.80
N HIS A 317 -14.31 21.19 1.58
CA HIS A 317 -13.33 21.10 2.67
C HIS A 317 -12.07 21.91 2.46
N THR A 318 -11.65 22.14 1.21
CA THR A 318 -10.61 23.14 0.96
C THR A 318 -10.85 24.46 1.70
N PRO A 319 -12.04 25.08 1.63
CA PRO A 319 -12.26 26.31 2.43
C PRO A 319 -12.02 26.09 3.91
N THR A 320 -12.35 24.89 4.37
CA THR A 320 -12.13 24.51 5.76
C THR A 320 -10.64 24.47 6.09
N VAL A 321 -9.82 23.92 5.17
CA VAL A 321 -8.39 23.80 5.43
C VAL A 321 -7.72 25.17 5.41
N LEU A 322 -8.14 26.03 4.47
CA LEU A 322 -7.52 27.36 4.42
C LEU A 322 -8.01 28.26 5.54
N GLN A 323 -9.28 28.14 5.92
CA GLN A 323 -9.77 28.97 7.01
C GLN A 323 -9.00 28.66 8.28
N ARG A 324 -8.87 27.38 8.63
CA ARG A 324 -8.10 27.02 9.81
C ARG A 324 -6.64 27.42 9.65
N SER A 325 -6.18 27.64 8.42
CA SER A 325 -4.85 28.16 8.14
C SER A 325 -4.76 29.67 8.26
N GLY A 326 -5.83 30.32 8.72
CA GLY A 326 -5.86 31.78 8.73
C GLY A 326 -5.91 32.40 7.36
N ILE A 327 -6.36 31.66 6.35
CA ILE A 327 -6.49 32.15 4.99
C ILE A 327 -7.97 32.20 4.67
N GLY A 328 -8.59 33.36 4.85
CA GLY A 328 -10.01 33.50 4.57
C GLY A 328 -10.53 34.89 4.85
N PRO A 329 -11.85 35.02 4.98
CA PRO A 329 -12.42 36.34 5.28
C PRO A 329 -11.96 36.82 6.65
N ALA A 330 -11.34 37.99 6.70
CA ALA A 330 -10.75 38.46 7.95
C ALA A 330 -11.77 38.50 9.08
N SER A 331 -12.99 38.93 8.78
CA SER A 331 -13.98 39.11 9.83
C SER A 331 -14.45 37.76 10.37
N PHE A 332 -14.70 36.78 9.50
CA PHE A 332 -15.03 35.45 9.99
C PHE A 332 -13.88 34.87 10.81
N LEU A 333 -12.65 35.01 10.29
CA LEU A 333 -11.47 34.52 11.00
C LEU A 333 -11.32 35.16 12.37
N ASP A 334 -11.62 36.45 12.49
CA ASP A 334 -11.59 37.10 13.80
C ASP A 334 -12.66 36.52 14.71
N ASP A 335 -13.91 36.48 14.23
CA ASP A 335 -14.99 35.86 14.97
C ASP A 335 -14.71 34.40 15.34
N ALA A 336 -13.82 33.73 14.61
CA ALA A 336 -13.46 32.34 14.90
C ALA A 336 -12.25 32.22 15.81
N GLY A 337 -11.69 33.33 16.29
CA GLY A 337 -10.47 33.25 17.07
C GLY A 337 -9.26 32.74 16.32
N ILE A 338 -9.23 32.85 15.00
CA ILE A 338 -8.11 32.40 14.17
C ILE A 338 -7.33 33.62 13.71
N PRO A 339 -6.00 33.65 13.88
CA PRO A 339 -5.21 34.79 13.39
C PRO A 339 -5.17 34.83 11.87
N VAL A 340 -5.28 36.03 11.33
CA VAL A 340 -5.32 36.21 9.87
C VAL A 340 -3.92 36.07 9.30
N THR A 341 -3.70 35.03 8.48
CA THR A 341 -2.48 34.90 7.70
C THR A 341 -2.61 35.60 6.35
N LEU A 342 -3.73 35.37 5.66
CA LEU A 342 -4.08 36.07 4.44
C LEU A 342 -5.55 36.41 4.54
N ASP A 343 -5.90 37.67 4.29
CA ASP A 343 -7.31 38.05 4.23
C ASP A 343 -7.78 37.88 2.79
N LEU A 344 -8.29 36.69 2.49
CA LEU A 344 -8.88 36.36 1.20
C LEU A 344 -10.34 35.99 1.42
N PRO A 345 -11.28 36.93 1.25
CA PRO A 345 -12.68 36.63 1.54
C PRO A 345 -13.33 35.66 0.56
N GLY A 346 -12.67 35.35 -0.55
CA GLY A 346 -13.15 34.32 -1.44
C GLY A 346 -13.12 32.91 -0.86
N VAL A 347 -12.31 32.66 0.17
CA VAL A 347 -12.21 31.32 0.77
C VAL A 347 -13.54 30.96 1.42
N GLY A 348 -14.22 29.95 0.86
CA GLY A 348 -15.53 29.54 1.29
C GLY A 348 -16.67 30.35 0.73
N ALA A 349 -16.38 31.47 0.06
CA ALA A 349 -17.45 32.25 -0.55
C ALA A 349 -17.78 31.66 -1.93
N ASN A 350 -18.76 32.28 -2.59
CA ASN A 350 -19.05 32.00 -3.98
C ASN A 350 -19.53 30.57 -4.19
N LEU A 351 -20.08 29.94 -3.16
CA LEU A 351 -20.54 28.56 -3.29
C LEU A 351 -21.69 28.50 -4.26
N GLN A 352 -21.60 27.58 -5.22
CA GLN A 352 -22.57 27.33 -6.25
C GLN A 352 -22.86 25.84 -6.39
N ASP A 353 -24.05 25.49 -6.80
CA ASP A 353 -24.41 24.12 -7.00
C ASP A 353 -25.53 24.06 -8.01
N HIS A 354 -25.74 22.90 -8.57
CA HIS A 354 -26.83 22.65 -9.48
C HIS A 354 -28.04 22.26 -8.64
N CYS A 355 -29.22 22.76 -8.99
CA CYS A 355 -30.46 22.54 -8.26
C CYS A 355 -31.65 22.65 -9.22
N GLY A 356 -32.80 22.13 -8.81
CA GLY A 356 -33.96 22.27 -9.65
C GLY A 356 -35.20 21.51 -9.22
N PRO A 357 -36.36 21.96 -9.71
CA PRO A 357 -37.63 21.32 -9.37
C PRO A 357 -38.06 20.36 -10.46
N PRO A 358 -39.02 19.46 -10.16
CA PRO A 358 -39.45 18.46 -11.15
C PRO A 358 -40.76 18.76 -11.85
N VAL A 359 -41.00 18.04 -12.95
CA VAL A 359 -42.29 17.94 -13.61
C VAL A 359 -42.60 16.46 -13.70
N THR A 360 -43.80 16.07 -13.26
CA THR A 360 -44.11 14.67 -13.02
C THR A 360 -45.45 14.30 -13.66
N TRP A 361 -45.55 13.04 -14.08
CA TRP A 361 -46.74 12.58 -14.77
C TRP A 361 -47.02 11.13 -14.42
N ASN A 362 -48.28 10.72 -14.60
CA ASN A 362 -48.66 9.31 -14.65
C ASN A 362 -49.10 9.01 -16.08
N TYR A 363 -49.41 7.74 -16.33
CA TYR A 363 -49.94 7.32 -17.63
C TYR A 363 -51.37 6.82 -17.43
N THR A 364 -52.27 7.26 -18.29
CA THR A 364 -53.68 6.90 -18.17
C THR A 364 -54.05 5.67 -18.97
N GLU A 365 -53.24 5.32 -19.95
CA GLU A 365 -53.23 4.06 -20.65
C GLU A 365 -52.14 3.18 -20.04
N PRO A 366 -52.20 1.86 -20.21
CA PRO A 366 -51.16 1.01 -19.65
C PRO A 366 -49.82 1.19 -20.35
N TYR A 367 -48.75 1.09 -19.56
CA TYR A 367 -47.40 1.37 -20.06
C TYR A 367 -46.84 0.08 -20.64
N THR A 368 -47.09 -0.12 -21.94
CA THR A 368 -46.95 -1.40 -22.61
C THR A 368 -45.87 -1.36 -23.68
N GLY A 369 -45.50 -2.55 -24.13
CA GLY A 369 -44.59 -2.73 -25.24
C GLY A 369 -43.12 -2.52 -24.93
N PHE A 370 -42.76 -2.32 -23.66
CA PHE A 370 -41.37 -2.12 -23.26
C PHE A 370 -40.93 -3.31 -22.42
N PHE A 371 -39.88 -3.98 -22.85
CA PHE A 371 -39.26 -4.96 -22.01
C PHE A 371 -37.77 -4.86 -22.27
N PRO A 372 -36.93 -4.74 -21.22
CA PRO A 372 -37.30 -4.64 -19.81
C PRO A 372 -37.33 -3.21 -19.26
N LEU A 373 -38.25 -2.94 -18.36
CA LEU A 373 -38.35 -1.69 -17.62
C LEU A 373 -37.70 -1.86 -16.25
N PRO A 374 -37.43 -0.76 -15.53
CA PRO A 374 -36.75 -0.92 -14.24
C PRO A 374 -37.51 -1.75 -13.24
N SER A 375 -38.85 -1.68 -13.27
CA SER A 375 -39.66 -2.51 -12.37
C SER A 375 -39.38 -4.00 -12.51
N GLU A 376 -38.79 -4.44 -13.63
CA GLU A 376 -38.47 -5.85 -13.78
C GLU A 376 -37.52 -6.32 -12.68
N MET A 377 -36.71 -5.41 -12.14
CA MET A 377 -35.78 -5.80 -11.08
C MET A 377 -36.50 -6.20 -9.81
N VAL A 378 -37.68 -5.64 -9.57
CA VAL A 378 -38.46 -5.98 -8.38
C VAL A 378 -39.64 -6.89 -8.65
N ASN A 379 -39.98 -7.14 -9.92
CA ASN A 379 -41.13 -7.97 -10.30
C ASN A 379 -40.76 -9.38 -10.73
N ASN A 380 -39.48 -9.65 -10.97
CA ASN A 380 -39.00 -10.76 -11.80
C ASN A 380 -37.70 -11.28 -11.18
N ALA A 381 -37.78 -12.33 -10.33
CA ALA A 381 -36.57 -12.88 -9.71
C ALA A 381 -35.60 -13.41 -10.76
N THR A 382 -36.13 -14.16 -11.73
CA THR A 382 -35.31 -14.66 -12.82
C THR A 382 -34.44 -13.55 -13.41
N PHE A 383 -35.08 -12.43 -13.78
CA PHE A 383 -34.40 -11.33 -14.43
C PHE A 383 -33.34 -10.69 -13.54
N LYS A 384 -33.63 -10.54 -12.24
CA LYS A 384 -32.67 -9.93 -11.33
C LYS A 384 -31.52 -10.88 -11.01
N ALA A 385 -31.84 -12.17 -10.80
CA ALA A 385 -30.76 -13.15 -10.62
C ALA A 385 -29.79 -13.13 -11.79
N GLU A 386 -30.32 -13.09 -13.01
N GLU A 386 -30.33 -13.10 -13.01
CA GLU A 386 -29.46 -13.07 -14.18
CA GLU A 386 -29.50 -13.05 -14.21
C GLU A 386 -28.70 -11.76 -14.31
C GLU A 386 -28.69 -11.77 -14.26
N ALA A 387 -29.29 -10.65 -13.86
CA ALA A 387 -28.55 -9.38 -13.84
C ALA A 387 -27.35 -9.46 -12.91
N ILE A 388 -27.54 -10.06 -11.73
CA ILE A 388 -26.44 -10.23 -10.78
C ILE A 388 -25.32 -11.05 -11.40
N THR A 389 -25.67 -12.16 -12.02
CA THR A 389 -24.61 -12.99 -12.59
C THR A 389 -24.10 -12.45 -13.91
N GLY A 390 -24.92 -11.69 -14.63
CA GLY A 390 -24.45 -11.07 -15.86
C GLY A 390 -23.34 -10.09 -15.59
N PHE A 391 -23.40 -9.42 -14.44
CA PHE A 391 -22.40 -8.43 -14.08
C PHE A 391 -21.03 -9.07 -13.82
N ASP A 392 -21.01 -10.35 -13.47
CA ASP A 392 -19.76 -11.03 -13.13
C ASP A 392 -19.13 -11.70 -14.33
N GLU A 393 -19.85 -11.81 -15.43
CA GLU A 393 -19.23 -12.39 -16.60
C GLU A 393 -18.25 -11.41 -17.23
N VAL A 394 -17.39 -11.95 -18.07
CA VAL A 394 -16.43 -11.14 -18.81
C VAL A 394 -16.72 -11.34 -20.28
N PRO A 395 -17.17 -10.31 -21.00
CA PRO A 395 -17.44 -8.95 -20.47
C PRO A 395 -18.77 -8.85 -19.71
N ALA A 396 -18.83 -7.86 -18.82
CA ALA A 396 -20.03 -7.60 -18.04
C ALA A 396 -21.26 -7.48 -18.93
N ARG A 397 -22.40 -7.98 -18.45
CA ARG A 397 -23.62 -8.06 -19.24
C ARG A 397 -24.81 -7.64 -18.38
N GLY A 398 -25.79 -6.99 -19.02
CA GLY A 398 -27.09 -6.81 -18.41
C GLY A 398 -27.25 -5.55 -17.58
N PRO A 399 -28.43 -5.42 -16.96
CA PRO A 399 -28.84 -4.16 -16.31
C PRO A 399 -27.77 -3.45 -15.48
N TYR A 400 -26.99 -4.21 -14.71
CA TYR A 400 -26.07 -3.56 -13.79
C TYR A 400 -24.91 -2.89 -14.50
N THR A 401 -24.67 -3.19 -15.78
CA THR A 401 -23.64 -2.44 -16.49
C THR A 401 -24.03 -0.99 -16.65
N LEU A 402 -25.30 -0.70 -16.49
CA LEU A 402 -25.80 0.67 -16.51
C LEU A 402 -25.40 1.38 -15.21
N ALA A 403 -25.01 2.64 -15.32
CA ALA A 403 -24.80 3.45 -14.11
C ALA A 403 -26.11 4.14 -13.76
N GLY A 404 -26.19 5.47 -13.84
CA GLY A 404 -27.44 6.13 -13.56
C GLY A 404 -28.25 6.54 -14.78
N GLY A 405 -27.76 6.23 -15.97
CA GLY A 405 -28.38 6.70 -17.19
C GLY A 405 -27.38 7.47 -18.03
N ASN A 406 -27.63 7.58 -19.33
CA ASN A 406 -26.62 8.10 -20.26
C ASN A 406 -27.16 9.21 -21.16
N ASN A 407 -28.23 9.88 -20.77
CA ASN A 407 -28.89 10.82 -21.67
C ASN A 407 -29.25 12.09 -20.92
N ALA A 408 -29.11 13.21 -21.61
CA ALA A 408 -29.65 14.45 -21.10
C ALA A 408 -29.90 15.40 -22.26
N ILE A 409 -30.87 16.27 -22.08
CA ILE A 409 -30.96 17.43 -22.95
C ILE A 409 -30.19 18.57 -22.30
N PHE A 410 -29.59 19.39 -23.13
CA PHE A 410 -28.99 20.65 -22.70
C PHE A 410 -29.54 21.72 -23.63
N VAL A 411 -30.44 22.54 -23.12
CA VAL A 411 -31.15 23.52 -23.93
C VAL A 411 -30.75 24.91 -23.47
N SER A 412 -30.37 25.75 -24.43
CA SER A 412 -29.99 27.12 -24.12
C SER A 412 -31.21 27.96 -23.74
N LEU A 413 -30.97 29.00 -22.93
CA LEU A 413 -32.06 29.92 -22.60
C LEU A 413 -32.71 30.49 -23.84
N PRO A 414 -31.98 31.02 -24.84
CA PRO A 414 -32.68 31.48 -26.05
C PRO A 414 -33.57 30.42 -26.70
N HIS A 415 -33.14 29.16 -26.70
CA HIS A 415 -33.95 28.14 -27.34
C HIS A 415 -35.17 27.78 -26.51
N LEU A 416 -35.05 27.73 -25.18
CA LEU A 416 -36.16 27.24 -24.40
C LEU A 416 -37.20 28.33 -24.09
N THR A 417 -36.96 29.56 -24.51
CA THR A 417 -37.87 30.65 -24.21
C THR A 417 -38.24 31.44 -25.45
N ALA A 418 -37.75 31.01 -26.62
CA ALA A 418 -38.01 31.69 -27.88
C ALA A 418 -37.40 33.09 -27.87
N ASP A 419 -36.10 33.15 -27.56
CA ASP A 419 -35.31 34.38 -27.64
C ASP A 419 -35.92 35.52 -26.83
N TYR A 420 -36.33 35.21 -25.62
CA TYR A 420 -36.75 36.26 -24.72
C TYR A 420 -35.55 36.81 -23.96
N GLY A 421 -35.43 38.11 -23.95
CA GLY A 421 -34.27 38.67 -23.32
C GLY A 421 -34.51 39.11 -21.90
N ALA A 422 -35.65 38.73 -21.30
CA ALA A 422 -36.04 39.31 -20.02
C ALA A 422 -35.04 38.94 -18.94
N ILE A 423 -34.66 37.68 -18.87
CA ILE A 423 -33.81 37.26 -17.76
C ILE A 423 -32.46 37.99 -17.83
N THR A 424 -31.81 37.98 -19.00
CA THR A 424 -30.48 38.58 -19.06
C THR A 424 -30.54 40.10 -18.99
N ALA A 425 -31.66 40.70 -19.39
CA ALA A 425 -31.83 42.13 -19.15
C ALA A 425 -31.88 42.40 -17.66
N LYS A 426 -32.64 41.57 -16.93
CA LYS A 426 -32.74 41.73 -15.50
C LYS A 426 -31.35 41.64 -14.84
N ILE A 427 -30.56 40.63 -15.25
CA ILE A 427 -29.19 40.50 -14.75
C ILE A 427 -28.37 41.76 -15.03
N ARG A 428 -28.33 42.17 -16.30
CA ARG A 428 -27.51 43.33 -16.67
C ARG A 428 -27.97 44.57 -15.91
N ALA A 429 -29.28 44.78 -15.80
CA ALA A 429 -29.80 45.94 -15.11
C ALA A 429 -29.45 45.90 -13.63
N MET A 430 -29.60 44.72 -13.03
CA MET A 430 -29.29 44.54 -11.61
C MET A 430 -27.82 44.86 -11.30
N VAL A 431 -26.92 44.70 -12.26
CA VAL A 431 -25.55 45.17 -12.08
C VAL A 431 -25.46 46.68 -12.27
N ALA A 432 -26.03 47.17 -13.37
CA ALA A 432 -25.95 48.57 -13.70
C ALA A 432 -26.44 49.46 -12.56
N ASP A 433 -27.55 49.10 -11.92
CA ASP A 433 -28.06 49.90 -10.81
C ASP A 433 -27.43 49.55 -9.47
N GLY A 434 -26.54 48.57 -9.43
CA GLY A 434 -25.83 48.25 -8.22
C GLY A 434 -26.60 47.46 -7.17
N THR A 435 -27.78 46.94 -7.51
CA THR A 435 -28.53 46.17 -6.53
C THR A 435 -28.10 44.72 -6.45
N ALA A 436 -27.34 44.25 -7.46
CA ALA A 436 -26.81 42.89 -7.46
C ALA A 436 -26.14 42.53 -6.14
N ALA A 437 -25.42 43.47 -5.54
CA ALA A 437 -24.69 43.15 -4.31
C ALA A 437 -25.64 42.75 -3.19
N SER A 438 -26.86 43.27 -3.19
CA SER A 438 -27.78 43.01 -2.09
C SER A 438 -28.12 41.54 -1.96
N TYR A 439 -27.94 40.75 -3.02
CA TYR A 439 -28.23 39.33 -3.00
C TYR A 439 -27.09 38.47 -2.45
N LEU A 440 -25.92 39.06 -2.13
CA LEU A 440 -24.92 38.27 -1.44
C LEU A 440 -25.16 38.34 0.08
N ALA A 441 -24.46 37.49 0.84
CA ALA A 441 -24.63 37.50 2.28
C ALA A 441 -24.16 38.83 2.89
N ALA A 442 -24.68 39.13 4.08
CA ALA A 442 -24.44 40.45 4.66
C ALA A 442 -22.98 40.68 4.99
N ASP A 443 -22.23 39.63 5.30
CA ASP A 443 -20.79 39.77 5.52
C ASP A 443 -19.98 39.67 4.22
N VAL A 444 -20.66 39.60 3.07
CA VAL A 444 -20.02 39.54 1.76
C VAL A 444 -20.28 40.81 0.94
N ARG A 445 -21.52 41.29 0.93
CA ARG A 445 -21.87 42.46 0.13
C ARG A 445 -21.14 43.72 0.57
N THR A 446 -20.64 43.74 1.81
CA THR A 446 -19.87 44.88 2.32
C THR A 446 -18.44 44.95 1.79
N ILE A 447 -17.96 43.90 1.11
CA ILE A 447 -16.56 43.79 0.71
C ILE A 447 -16.45 44.18 -0.76
N PRO A 448 -15.82 45.32 -1.10
CA PRO A 448 -15.74 45.73 -2.51
C PRO A 448 -15.19 44.66 -3.44
N GLY A 449 -14.19 43.90 -2.96
CA GLY A 449 -13.68 42.78 -3.73
C GLY A 449 -14.78 41.82 -4.14
N MET A 450 -15.70 41.52 -3.22
CA MET A 450 -16.70 40.50 -3.50
C MET A 450 -17.80 41.02 -4.42
N VAL A 451 -18.25 42.25 -4.19
CA VAL A 451 -19.21 42.87 -5.09
C VAL A 451 -18.64 42.94 -6.50
N ALA A 452 -17.38 43.37 -6.63
CA ALA A 452 -16.77 43.50 -7.94
C ALA A 452 -16.74 42.16 -8.67
N GLY A 453 -16.33 41.10 -7.97
CA GLY A 453 -16.29 39.79 -8.60
C GLY A 453 -17.68 39.23 -8.86
N TYR A 454 -18.61 39.48 -7.96
CA TYR A 454 -19.99 39.07 -8.21
C TYR A 454 -20.55 39.76 -9.44
N GLU A 455 -20.24 41.05 -9.60
CA GLU A 455 -20.71 41.78 -10.77
C GLU A 455 -20.11 41.24 -12.06
N ALA A 456 -18.81 40.94 -12.04
CA ALA A 456 -18.16 40.38 -13.22
C ALA A 456 -18.77 39.05 -13.60
N GLN A 457 -19.09 38.25 -12.59
CA GLN A 457 -19.76 36.98 -12.82
C GLN A 457 -21.09 37.17 -13.52
N LEU A 458 -21.91 38.13 -13.05
CA LEU A 458 -23.25 38.27 -13.58
C LEU A 458 -23.22 38.73 -15.03
N LEU A 459 -22.40 39.73 -15.35
CA LEU A 459 -22.33 40.16 -16.74
C LEU A 459 -21.89 39.02 -17.64
N VAL A 460 -20.86 38.27 -17.23
CA VAL A 460 -20.38 37.12 -18.02
C VAL A 460 -21.47 36.06 -18.13
N LEU A 461 -22.12 35.74 -17.01
CA LEU A 461 -23.28 34.85 -17.04
C LEU A 461 -24.41 35.41 -17.92
N ALA A 462 -24.61 36.73 -17.90
CA ALA A 462 -25.64 37.33 -18.77
C ALA A 462 -25.32 37.06 -20.23
N ASP A 463 -24.04 37.18 -20.59
CA ASP A 463 -23.67 36.92 -21.97
C ASP A 463 -23.82 35.45 -22.30
N LEU A 464 -23.40 34.58 -21.38
CA LEU A 464 -23.47 33.15 -21.62
C LEU A 464 -24.90 32.70 -21.80
N LEU A 465 -25.82 33.20 -20.97
CA LEU A 465 -27.22 32.84 -21.13
C LEU A 465 -27.85 33.46 -22.38
N ASP A 466 -27.25 34.49 -22.96
CA ASP A 466 -27.68 34.95 -24.29
C ASP A 466 -27.13 34.10 -25.43
N ASN A 467 -26.15 33.24 -25.18
CA ASN A 467 -25.60 32.45 -26.27
C ASN A 467 -26.50 31.24 -26.50
N PRO A 468 -27.09 31.09 -27.69
CA PRO A 468 -27.99 29.96 -27.94
C PRO A 468 -27.29 28.60 -28.01
N GLU A 469 -25.96 28.57 -28.07
CA GLU A 469 -25.23 27.32 -28.02
C GLU A 469 -24.81 26.95 -26.61
N ALA A 470 -25.11 27.78 -25.62
CA ALA A 470 -24.72 27.54 -24.25
C ALA A 470 -25.90 26.99 -23.46
N PRO A 471 -25.80 25.76 -22.96
CA PRO A 471 -26.90 25.20 -22.15
C PRO A 471 -27.25 26.03 -20.92
N SER A 472 -28.55 26.20 -20.70
CA SER A 472 -29.08 26.79 -19.48
C SER A 472 -29.82 25.78 -18.62
N LEU A 473 -30.46 24.81 -19.26
CA LEU A 473 -31.24 23.78 -18.59
C LEU A 473 -30.65 22.43 -18.93
N GLU A 474 -30.42 21.61 -17.92
CA GLU A 474 -30.14 20.19 -18.14
C GLU A 474 -31.32 19.36 -17.62
N THR A 475 -31.70 18.35 -18.39
CA THR A 475 -32.68 17.37 -17.93
C THR A 475 -32.20 15.97 -18.33
N PRO A 476 -31.78 15.16 -17.37
CA PRO A 476 -31.36 13.79 -17.69
C PRO A 476 -32.57 12.86 -17.70
N TRP A 477 -32.37 11.70 -18.32
CA TRP A 477 -33.37 10.64 -18.30
C TRP A 477 -32.70 9.34 -18.69
N ALA A 478 -33.22 8.24 -18.15
CA ALA A 478 -32.88 6.90 -18.60
C ALA A 478 -34.11 6.04 -18.82
N THR A 479 -35.24 6.39 -18.21
CA THR A 479 -36.51 5.70 -18.30
C THR A 479 -37.61 6.70 -18.11
N SER A 480 -38.80 6.28 -18.48
CA SER A 480 -39.99 7.06 -18.16
C SER A 480 -41.05 6.20 -17.49
N GLU A 481 -40.65 5.11 -16.83
CA GLU A 481 -41.65 4.26 -16.22
C GLU A 481 -42.27 4.96 -15.03
N ALA A 482 -43.61 4.99 -14.99
CA ALA A 482 -44.29 5.63 -13.88
C ALA A 482 -44.49 4.65 -12.73
N PRO A 483 -44.54 5.13 -11.49
CA PRO A 483 -44.49 6.54 -11.10
C PRO A 483 -43.09 7.05 -10.73
N GLN A 484 -42.14 6.14 -10.51
CA GLN A 484 -40.88 6.57 -9.93
C GLN A 484 -40.01 7.34 -10.92
N THR A 485 -40.02 6.98 -12.20
CA THR A 485 -39.16 7.66 -13.15
C THR A 485 -39.97 8.41 -14.20
N SER A 486 -41.26 8.64 -13.96
CA SER A 486 -42.05 9.52 -14.84
C SER A 486 -41.94 10.95 -14.31
N SER A 487 -40.73 11.50 -14.48
CA SER A 487 -40.43 12.85 -14.03
C SER A 487 -39.22 13.39 -14.78
N VAL A 488 -39.18 14.69 -14.92
CA VAL A 488 -38.05 15.42 -15.47
C VAL A 488 -37.63 16.43 -14.41
N LEU A 489 -36.34 16.66 -14.30
CA LEU A 489 -35.83 17.67 -13.40
C LEU A 489 -35.25 18.82 -14.20
N ALA A 490 -35.46 20.02 -13.70
CA ALA A 490 -35.03 21.21 -14.40
C ALA A 490 -33.77 21.69 -13.70
N PHE A 491 -32.61 21.20 -14.19
CA PHE A 491 -31.32 21.57 -13.62
C PHE A 491 -31.02 23.02 -13.95
N LEU A 492 -30.93 23.87 -12.93
CA LEU A 492 -30.44 25.24 -13.11
C LEU A 492 -28.92 25.18 -13.28
N LEU A 493 -28.46 25.25 -14.52
CA LEU A 493 -27.03 25.02 -14.81
C LEU A 493 -26.16 26.20 -14.40
N HIS A 494 -26.68 27.42 -14.44
CA HIS A 494 -25.88 28.62 -14.19
C HIS A 494 -26.63 29.50 -13.19
N PRO A 495 -26.62 29.12 -11.91
CA PRO A 495 -27.28 29.94 -10.91
C PRO A 495 -26.50 31.21 -10.63
N LEU A 496 -27.26 32.27 -10.34
CA LEU A 496 -26.68 33.52 -9.88
C LEU A 496 -26.55 33.58 -8.35
N SER A 497 -27.27 32.73 -7.63
CA SER A 497 -27.19 32.71 -6.17
C SER A 497 -25.82 32.24 -5.72
N ARG A 498 -25.41 32.69 -4.53
CA ARG A 498 -24.08 32.40 -4.01
C ARG A 498 -24.15 32.13 -2.51
N GLY A 499 -23.39 31.11 -2.07
CA GLY A 499 -23.44 30.66 -0.69
C GLY A 499 -22.09 30.57 -0.01
N SER A 500 -22.03 29.98 1.19
CA SER A 500 -20.80 29.96 1.94
C SER A 500 -20.56 28.58 2.54
N VAL A 501 -19.28 28.25 2.65
CA VAL A 501 -18.78 27.10 3.41
C VAL A 501 -17.95 27.69 4.53
N ARG A 502 -18.32 27.41 5.77
CA ARG A 502 -17.69 28.07 6.91
C ARG A 502 -17.47 27.05 8.03
N LEU A 503 -16.42 27.26 8.82
CA LEU A 503 -16.13 26.40 9.96
C LEU A 503 -17.27 26.44 10.98
N ASN A 504 -17.61 25.23 11.50
CA ASN A 504 -18.28 25.01 12.78
C ASN A 504 -17.42 25.66 13.84
N LEU A 505 -17.90 26.71 14.49
CA LEU A 505 -17.01 27.35 15.44
C LEU A 505 -16.96 26.59 16.78
N SER A 506 -18.00 25.81 17.08
CA SER A 506 -17.97 24.93 18.24
C SER A 506 -16.93 23.84 18.06
N ASP A 507 -16.94 23.19 16.90
CA ASP A 507 -15.96 22.17 16.54
C ASP A 507 -15.38 22.52 15.18
N PRO A 508 -14.32 23.34 15.14
CA PRO A 508 -13.69 23.67 13.85
C PRO A 508 -13.22 22.49 13.03
N LEU A 509 -12.80 21.40 13.65
CA LEU A 509 -12.37 20.24 12.88
C LEU A 509 -13.51 19.37 12.39
N ALA A 510 -14.74 19.59 12.87
CA ALA A 510 -15.90 18.89 12.32
C ALA A 510 -16.16 19.38 10.90
N GLN A 511 -17.18 18.84 10.27
CA GLN A 511 -17.50 19.27 8.93
C GLN A 511 -18.06 20.70 8.94
N PRO A 512 -17.82 21.47 7.88
CA PRO A 512 -18.23 22.88 7.89
C PRO A 512 -19.74 23.03 7.91
N VAL A 513 -20.17 24.27 8.15
CA VAL A 513 -21.56 24.65 7.95
C VAL A 513 -21.71 25.12 6.51
N LEU A 514 -22.71 24.60 5.80
CA LEU A 514 -23.01 25.06 4.46
C LEU A 514 -24.22 25.98 4.50
N ASP A 515 -24.02 27.23 4.09
CA ASP A 515 -25.12 28.16 3.89
C ASP A 515 -25.32 28.26 2.38
N TYR A 516 -26.28 27.49 1.85
CA TYR A 516 -26.41 27.44 0.40
C TYR A 516 -27.00 28.73 -0.15
N ARG A 517 -27.91 29.36 0.60
CA ARG A 517 -28.59 30.58 0.15
C ARG A 517 -29.18 30.37 -1.24
N SER A 518 -29.69 29.17 -1.47
CA SER A 518 -30.36 28.87 -2.71
C SER A 518 -31.50 29.86 -2.96
N GLY A 519 -31.60 30.35 -4.20
CA GLY A 519 -32.61 31.31 -4.57
C GLY A 519 -32.42 32.70 -4.01
N SER A 520 -31.27 33.01 -3.41
CA SER A 520 -31.06 34.32 -2.82
C SER A 520 -31.05 35.44 -3.87
N ASN A 521 -30.60 35.14 -5.09
CA ASN A 521 -30.74 36.07 -6.20
C ASN A 521 -32.02 35.70 -6.94
N PRO A 522 -32.97 36.63 -7.08
CA PRO A 522 -34.29 36.24 -7.63
C PRO A 522 -34.27 35.76 -9.07
N VAL A 523 -33.25 36.09 -9.87
CA VAL A 523 -33.21 35.62 -11.26
C VAL A 523 -33.19 34.10 -11.31
N ASP A 524 -32.66 33.45 -10.27
CA ASP A 524 -32.72 31.99 -10.20
C ASP A 524 -34.16 31.49 -10.21
N ILE A 525 -35.06 32.18 -9.53
CA ILE A 525 -36.45 31.73 -9.53
C ILE A 525 -37.04 31.92 -10.91
N ASP A 526 -36.70 33.03 -11.57
CA ASP A 526 -37.16 33.26 -12.94
C ASP A 526 -36.65 32.16 -13.86
N LEU A 527 -35.39 31.75 -13.66
CA LEU A 527 -34.86 30.67 -14.47
C LEU A 527 -35.62 29.37 -14.23
N HIS A 528 -35.92 29.07 -12.97
CA HIS A 528 -36.69 27.87 -12.63
C HIS A 528 -38.04 27.85 -13.34
N LEU A 529 -38.75 29.00 -13.34
CA LEU A 529 -40.07 29.05 -13.99
C LEU A 529 -39.94 28.82 -15.48
N ALA A 530 -38.98 29.50 -16.11
CA ALA A 530 -38.74 29.32 -17.54
C ALA A 530 -38.42 27.87 -17.85
N HIS A 531 -37.56 27.25 -17.06
CA HIS A 531 -37.14 25.88 -17.30
C HIS A 531 -38.30 24.91 -17.12
N VAL A 532 -39.02 25.02 -15.99
CA VAL A 532 -40.19 24.16 -15.75
C VAL A 532 -41.23 24.35 -16.85
N ARG A 533 -41.49 25.61 -17.22
CA ARG A 533 -42.52 25.87 -18.21
C ARG A 533 -42.15 25.28 -19.55
N PHE A 534 -40.88 25.40 -19.95
CA PHE A 534 -40.43 24.69 -21.14
C PHE A 534 -40.67 23.18 -20.99
N LEU A 535 -40.25 22.61 -19.86
CA LEU A 535 -40.35 21.16 -19.68
C LEU A 535 -41.78 20.68 -19.78
N ARG A 536 -42.73 21.47 -19.27
CA ARG A 536 -44.13 21.04 -19.30
C ARG A 536 -44.57 20.70 -20.72
N GLY A 537 -43.96 21.33 -21.72
CA GLY A 537 -44.29 21.03 -23.10
C GLY A 537 -44.07 19.59 -23.45
N LEU A 538 -43.16 18.91 -22.74
CA LEU A 538 -42.93 17.49 -22.95
C LEU A 538 -44.23 16.71 -23.03
N LEU A 539 -45.12 16.92 -22.06
CA LEU A 539 -46.38 16.17 -22.01
C LEU A 539 -47.30 16.47 -23.19
N ASP A 540 -47.12 17.61 -23.84
CA ASP A 540 -47.89 17.94 -25.03
C ASP A 540 -47.39 17.24 -26.29
N THR A 541 -46.24 16.60 -26.25
CA THR A 541 -45.65 16.02 -27.43
C THR A 541 -46.47 14.81 -27.88
N PRO A 542 -46.60 14.59 -29.19
CA PRO A 542 -47.33 13.41 -29.67
C PRO A 542 -46.88 12.11 -29.02
N THR A 543 -45.57 11.95 -28.78
CA THR A 543 -45.10 10.72 -28.15
C THR A 543 -45.67 10.52 -26.75
N MET A 544 -45.68 11.58 -25.92
CA MET A 544 -46.21 11.43 -24.58
C MET A 544 -47.74 11.34 -24.58
N GLN A 545 -48.40 11.95 -25.56
CA GLN A 545 -49.86 11.87 -25.62
C GLN A 545 -50.32 10.48 -26.08
N ALA A 546 -49.55 9.84 -26.96
CA ALA A 546 -49.77 8.44 -27.27
C ALA A 546 -49.81 7.57 -26.02
N ARG A 547 -49.00 7.88 -25.01
CA ARG A 547 -48.98 7.10 -23.78
C ARG A 547 -50.00 7.55 -22.75
N GLY A 548 -50.72 8.63 -22.99
CA GLY A 548 -51.63 9.14 -21.99
C GLY A 548 -50.91 9.74 -20.80
N ALA A 549 -49.76 10.37 -21.04
CA ALA A 549 -49.05 11.04 -19.96
C ALA A 549 -49.93 12.13 -19.37
N LEU A 550 -50.24 12.02 -18.08
CA LEU A 550 -51.04 13.03 -17.40
C LEU A 550 -50.19 13.72 -16.34
N GLU A 551 -49.98 15.02 -16.53
CA GLU A 551 -49.23 15.80 -15.57
C GLU A 551 -49.78 15.61 -14.17
N THR A 552 -48.87 15.35 -13.23
CA THR A 552 -49.23 15.26 -11.82
C THR A 552 -48.72 16.41 -11.00
N ALA A 553 -47.71 17.13 -11.47
CA ALA A 553 -47.18 18.28 -10.77
C ALA A 553 -46.25 19.01 -11.70
N PRO A 554 -46.26 20.34 -11.75
CA PRO A 554 -47.02 21.30 -10.93
C PRO A 554 -48.47 21.43 -11.34
N GLY A 555 -48.79 21.08 -12.57
CA GLY A 555 -50.14 21.29 -13.08
C GLY A 555 -50.32 22.64 -13.73
N SER A 556 -51.29 22.70 -14.66
CA SER A 556 -51.52 23.92 -15.43
C SER A 556 -51.90 25.08 -14.53
N ALA A 557 -52.70 24.83 -13.50
CA ALA A 557 -53.12 25.92 -12.63
C ALA A 557 -51.91 26.63 -12.02
N VAL A 558 -51.00 25.86 -11.40
CA VAL A 558 -49.82 26.44 -10.78
C VAL A 558 -48.93 27.08 -11.84
N ALA A 559 -48.62 26.33 -12.90
CA ALA A 559 -47.66 26.78 -13.91
C ALA A 559 -48.02 28.15 -14.46
N ASP A 560 -49.31 28.42 -14.63
CA ASP A 560 -49.74 29.66 -15.27
C ASP A 560 -49.64 30.88 -14.36
N SER A 561 -49.37 30.69 -13.08
CA SER A 561 -49.28 31.78 -12.12
C SER A 561 -47.83 31.96 -11.74
N ASP A 562 -47.25 33.11 -12.10
CA ASP A 562 -45.89 33.43 -11.67
C ASP A 562 -45.75 33.25 -10.16
N GLU A 563 -46.79 33.62 -9.41
CA GLU A 563 -46.74 33.52 -7.95
C GLU A 563 -46.87 32.07 -7.48
N ALA A 564 -47.69 31.28 -8.16
CA ALA A 564 -47.87 29.89 -7.75
C ALA A 564 -46.69 29.03 -8.21
N LEU A 565 -46.32 29.16 -9.48
CA LEU A 565 -45.16 28.42 -9.97
C LEU A 565 -43.92 28.80 -9.17
N GLY A 566 -43.80 30.09 -8.81
CA GLY A 566 -42.73 30.51 -7.93
C GLY A 566 -42.77 29.80 -6.59
N GLU A 567 -43.96 29.73 -6.00
CA GLU A 567 -44.12 28.97 -4.77
C GLU A 567 -43.69 27.53 -4.98
N TYR A 568 -44.02 26.97 -6.15
CA TYR A 568 -43.75 25.56 -6.40
C TYR A 568 -42.27 25.28 -6.52
N VAL A 569 -41.53 26.08 -7.31
CA VAL A 569 -40.10 25.83 -7.48
C VAL A 569 -39.36 26.05 -6.17
N ARG A 570 -39.87 26.94 -5.32
CA ARG A 570 -39.19 27.25 -4.06
C ARG A 570 -39.31 26.16 -3.02
N SER A 571 -40.34 25.32 -3.09
CA SER A 571 -40.52 24.30 -2.07
C SER A 571 -40.30 22.87 -2.57
N HIS A 572 -40.31 22.65 -3.89
CA HIS A 572 -40.18 21.32 -4.45
C HIS A 572 -38.88 21.12 -5.23
N SER A 573 -37.97 22.09 -5.23
CA SER A 573 -36.68 21.90 -5.87
C SER A 573 -35.76 21.07 -5.00
N THR A 574 -34.97 20.21 -5.63
CA THR A 574 -33.81 19.64 -4.97
C THR A 574 -32.74 20.72 -4.93
N LEU A 575 -32.25 21.03 -3.74
CA LEU A 575 -31.35 22.18 -3.63
C LEU A 575 -29.92 21.85 -4.06
N SER A 576 -29.55 20.57 -4.08
CA SER A 576 -28.22 20.19 -4.54
C SER A 576 -28.30 18.85 -5.27
N PHE A 577 -27.74 18.82 -6.47
CA PHE A 577 -27.43 17.57 -7.14
C PHE A 577 -25.96 17.20 -6.92
N MET A 578 -25.39 17.65 -5.81
CA MET A 578 -24.07 17.23 -5.34
C MET A 578 -22.98 17.67 -6.29
N HIS A 579 -23.04 18.93 -6.76
CA HIS A 579 -21.95 19.55 -7.53
C HIS A 579 -21.52 20.89 -6.93
N PRO A 580 -21.18 20.95 -5.64
CA PRO A 580 -20.80 22.24 -5.06
C PRO A 580 -19.45 22.67 -5.62
N CYS A 581 -19.27 23.97 -5.81
CA CYS A 581 -18.04 24.40 -6.47
C CYS A 581 -17.62 25.76 -5.95
N CYS A 582 -16.53 26.15 -6.55
CA CYS A 582 -16.10 27.47 -6.59
C CYS A 582 -15.91 28.28 -5.29
N THR A 583 -15.53 27.61 -4.21
CA THR A 583 -15.26 28.18 -2.90
C THR A 583 -13.81 28.64 -2.73
N ALA A 584 -12.97 28.46 -3.75
CA ALA A 584 -11.63 29.00 -3.78
C ALA A 584 -11.36 29.50 -5.20
N ALA A 585 -12.21 30.40 -5.67
CA ALA A 585 -12.33 30.67 -7.09
C ALA A 585 -11.02 31.13 -7.71
N MET A 586 -10.85 30.76 -8.98
CA MET A 586 -9.76 31.22 -9.85
C MET A 586 -10.15 32.58 -10.40
N LEU A 587 -9.87 33.61 -9.61
CA LEU A 587 -10.24 34.97 -9.97
C LEU A 587 -9.17 35.90 -9.42
N PRO A 588 -8.94 37.05 -10.05
CA PRO A 588 -8.04 38.05 -9.46
C PRO A 588 -8.48 38.36 -8.03
N GLU A 589 -7.53 38.73 -7.18
CA GLU A 589 -7.88 39.01 -5.79
C GLU A 589 -8.89 40.16 -5.69
N ASP A 590 -8.79 41.15 -6.59
CA ASP A 590 -9.71 42.29 -6.55
C ASP A 590 -11.13 41.90 -6.95
N ARG A 591 -11.32 40.74 -7.57
CA ARG A 591 -12.64 40.19 -7.84
C ARG A 591 -12.99 39.05 -6.88
N GLY A 592 -12.33 39.01 -5.72
CA GLY A 592 -12.67 38.04 -4.71
C GLY A 592 -12.11 36.65 -4.89
N GLY A 593 -11.19 36.45 -5.82
CA GLY A 593 -10.65 35.12 -6.06
C GLY A 593 -9.64 34.74 -5.01
N VAL A 594 -9.34 33.44 -4.99
CA VAL A 594 -8.36 32.90 -4.05
C VAL A 594 -7.10 32.40 -4.75
N VAL A 595 -7.20 31.93 -5.99
CA VAL A 595 -6.05 31.44 -6.74
C VAL A 595 -5.98 32.18 -8.06
N GLY A 596 -4.75 32.28 -8.59
CA GLY A 596 -4.52 32.79 -9.92
C GLY A 596 -4.71 31.70 -10.97
N PRO A 597 -4.43 32.03 -12.23
CA PRO A 597 -4.54 31.03 -13.29
C PRO A 597 -3.46 29.97 -13.24
N ASP A 598 -2.43 30.17 -12.42
CA ASP A 598 -1.48 29.13 -12.08
C ASP A 598 -1.89 28.36 -10.85
N LEU A 599 -3.06 28.69 -10.29
CA LEU A 599 -3.67 28.02 -9.14
C LEU A 599 -2.92 28.21 -7.85
N LYS A 600 -1.98 29.15 -7.79
CA LYS A 600 -1.35 29.48 -6.52
C LYS A 600 -2.27 30.41 -5.73
N VAL A 601 -2.32 30.18 -4.42
CA VAL A 601 -3.10 31.05 -3.55
C VAL A 601 -2.50 32.45 -3.58
N HIS A 602 -3.35 33.45 -3.83
CA HIS A 602 -2.93 34.85 -3.82
C HIS A 602 -2.23 35.17 -2.51
N GLY A 603 -0.96 35.54 -2.61
CA GLY A 603 -0.19 35.95 -1.45
C GLY A 603 0.51 34.83 -0.70
N ALA A 604 0.62 33.65 -1.28
CA ALA A 604 1.22 32.50 -0.61
C ALA A 604 2.16 31.80 -1.58
N GLU A 605 3.42 31.65 -1.19
CA GLU A 605 4.38 30.95 -2.04
C GLU A 605 4.41 29.47 -1.66
N GLY A 606 4.43 28.61 -2.68
CA GLY A 606 4.40 27.19 -2.44
C GLY A 606 3.08 26.62 -1.98
N LEU A 607 1.96 27.31 -2.21
CA LEU A 607 0.66 26.82 -1.80
C LEU A 607 -0.32 26.95 -2.96
N ARG A 608 -0.83 25.83 -3.45
CA ARG A 608 -1.80 25.82 -4.54
C ARG A 608 -3.08 25.10 -4.13
N VAL A 609 -4.15 25.37 -4.89
CA VAL A 609 -5.41 24.64 -4.75
C VAL A 609 -5.79 24.05 -6.10
N VAL A 610 -6.17 22.78 -6.11
CA VAL A 610 -6.53 22.07 -7.34
C VAL A 610 -7.64 21.11 -6.98
N ASP A 611 -8.87 21.56 -7.10
CA ASP A 611 -10.06 20.74 -6.94
C ASP A 611 -11.21 21.60 -7.45
N MET A 612 -12.44 21.12 -7.29
CA MET A 612 -13.54 21.87 -7.86
C MET A 612 -13.82 23.18 -7.17
N SER A 613 -13.12 23.51 -6.10
CA SER A 613 -13.35 24.82 -5.52
C SER A 613 -12.71 25.94 -6.33
N VAL A 614 -11.85 25.63 -7.31
CA VAL A 614 -11.14 26.70 -8.01
C VAL A 614 -11.91 27.27 -9.20
N MET A 615 -12.92 26.58 -9.70
CA MET A 615 -13.70 27.10 -10.80
C MET A 615 -14.31 28.43 -10.37
N PRO A 616 -14.33 29.43 -11.23
CA PRO A 616 -14.98 30.68 -10.84
C PRO A 616 -16.50 30.57 -10.99
N LEU A 617 -16.96 30.01 -12.11
CA LEU A 617 -18.37 29.78 -12.37
C LEU A 617 -18.65 28.29 -12.51
N LEU A 618 -19.79 27.87 -11.98
CA LEU A 618 -20.18 26.46 -12.09
C LEU A 618 -20.41 26.08 -13.55
N PRO A 619 -19.82 24.99 -14.03
CA PRO A 619 -20.04 24.59 -15.43
C PRO A 619 -21.36 23.87 -15.64
N GLY A 620 -21.93 24.07 -16.83
CA GLY A 620 -23.12 23.33 -17.22
C GLY A 620 -22.86 21.87 -17.50
N ALA A 621 -22.48 21.14 -16.47
CA ALA A 621 -22.16 19.73 -16.60
C ALA A 621 -22.06 19.15 -15.19
N HIS A 622 -22.07 17.83 -15.13
CA HIS A 622 -21.62 17.16 -13.93
C HIS A 622 -20.09 17.32 -13.82
N LEU A 623 -19.59 17.41 -12.60
CA LEU A 623 -18.29 18.03 -12.37
C LEU A 623 -17.09 17.10 -12.53
N SER A 624 -17.28 15.78 -12.51
CA SER A 624 -16.13 14.89 -12.27
C SER A 624 -15.14 14.90 -13.43
N ALA A 625 -15.64 14.92 -14.67
CA ALA A 625 -14.74 14.99 -15.82
C ALA A 625 -13.93 16.28 -15.80
N THR A 626 -14.56 17.40 -15.42
CA THR A 626 -13.85 18.66 -15.22
C THR A 626 -12.81 18.56 -14.11
N ALA A 627 -13.15 17.85 -13.02
CA ALA A 627 -12.22 17.68 -11.90
C ALA A 627 -10.93 16.99 -12.34
N TYR A 628 -11.02 15.96 -13.17
CA TYR A 628 -9.81 15.35 -13.74
C TYR A 628 -9.06 16.32 -14.65
N ALA A 629 -9.79 16.97 -15.57
CA ALA A 629 -9.13 17.88 -16.49
C ALA A 629 -8.40 18.99 -15.75
N VAL A 630 -9.02 19.51 -14.69
CA VAL A 630 -8.39 20.53 -13.87
C VAL A 630 -7.16 19.96 -13.18
N GLY A 631 -7.26 18.73 -12.66
CA GLY A 631 -6.10 18.07 -12.07
C GLY A 631 -4.97 17.89 -13.06
N GLU A 632 -5.29 17.41 -14.27
CA GLU A 632 -4.25 17.20 -15.28
C GLU A 632 -3.60 18.51 -15.69
N LYS A 633 -4.38 19.58 -15.88
CA LYS A 633 -3.77 20.83 -16.29
C LYS A 633 -2.98 21.45 -15.15
N ALA A 634 -3.54 21.41 -13.94
CA ALA A 634 -2.79 21.90 -12.79
C ALA A 634 -1.47 21.16 -12.63
N ALA A 635 -1.46 19.84 -12.87
CA ALA A 635 -0.22 19.10 -12.76
C ALA A 635 0.80 19.56 -13.80
N ASP A 636 0.33 19.72 -15.03
CA ASP A 636 1.15 20.20 -16.13
C ASP A 636 1.74 21.57 -15.81
N ILE A 637 0.95 22.42 -15.14
CA ILE A 637 1.42 23.76 -14.78
C ILE A 637 2.53 23.64 -13.75
N ILE A 638 2.29 22.84 -12.71
CA ILE A 638 3.26 22.61 -11.64
C ILE A 638 4.51 21.98 -12.20
N ILE A 639 4.37 20.99 -13.08
CA ILE A 639 5.54 20.31 -13.62
C ILE A 639 6.40 21.30 -14.42
N GLN A 640 5.78 22.04 -15.35
CA GLN A 640 6.57 22.90 -16.23
C GLN A 640 7.36 23.94 -15.46
N GLU A 641 6.88 24.35 -14.28
CA GLU A 641 7.61 25.34 -13.51
C GLU A 641 8.74 24.71 -12.70
N TRP A 642 8.53 23.49 -12.20
CA TRP A 642 9.59 22.82 -11.47
C TRP A 642 10.68 22.26 -12.37
N MET A 643 10.47 22.28 -13.68
CA MET A 643 11.57 22.15 -14.64
C MET A 643 11.93 23.55 -15.10
N ASP A 644 12.67 24.26 -14.25
CA ASP A 644 12.96 25.68 -14.43
C ASP A 644 14.15 25.97 -15.32
N LEU B 32 -13.17 -11.67 8.20
CA LEU B 32 -12.54 -12.50 7.17
C LEU B 32 -13.37 -12.45 5.88
N ARG B 33 -12.73 -12.05 4.79
CA ARG B 33 -13.43 -11.77 3.54
C ARG B 33 -13.84 -13.05 2.83
N ASP B 34 -14.60 -12.88 1.74
CA ASP B 34 -15.01 -14.01 0.91
C ASP B 34 -13.81 -14.69 0.28
N ASP B 35 -12.91 -13.90 -0.32
CA ASP B 35 -11.70 -14.44 -0.89
C ASP B 35 -10.57 -13.42 -0.73
N TYR B 36 -9.35 -13.91 -0.97
CA TYR B 36 -8.17 -13.06 -0.93
C TYR B 36 -7.38 -13.24 -2.20
N ASP B 37 -6.71 -12.16 -2.61
CA ASP B 37 -5.77 -12.23 -3.73
C ASP B 37 -4.55 -13.05 -3.36
N PHE B 38 -3.99 -12.81 -2.18
CA PHE B 38 -2.82 -13.53 -1.73
C PHE B 38 -3.07 -14.07 -0.32
N VAL B 39 -2.65 -15.30 -0.07
CA VAL B 39 -2.57 -15.84 1.27
C VAL B 39 -1.12 -16.16 1.56
N ILE B 40 -0.68 -15.83 2.78
CA ILE B 40 0.67 -16.10 3.24
C ILE B 40 0.56 -16.97 4.48
N VAL B 41 1.22 -18.11 4.44
CA VAL B 41 1.14 -19.11 5.50
C VAL B 41 2.33 -18.88 6.41
N GLY B 42 2.10 -18.28 7.58
CA GLY B 42 3.17 -17.97 8.51
C GLY B 42 3.47 -16.48 8.61
N GLY B 43 3.16 -15.89 9.77
CA GLY B 43 3.45 -14.49 9.98
C GLY B 43 4.82 -14.35 10.59
N GLY B 44 5.83 -14.82 9.86
CA GLY B 44 7.19 -14.83 10.33
C GLY B 44 8.06 -13.79 9.65
N THR B 45 9.36 -14.05 9.67
CA THR B 45 10.33 -13.08 9.16
C THR B 45 10.10 -12.82 7.67
N SER B 46 10.16 -13.87 6.86
CA SER B 46 9.97 -13.68 5.43
C SER B 46 8.51 -13.44 5.09
N GLY B 47 7.61 -14.21 5.70
CA GLY B 47 6.19 -14.10 5.38
C GLY B 47 5.65 -12.70 5.54
N LEU B 48 5.85 -12.09 6.72
CA LEU B 48 5.40 -10.73 6.96
C LEU B 48 6.10 -9.73 6.05
N THR B 49 7.36 -9.96 5.71
CA THR B 49 8.00 -9.13 4.69
C THR B 49 7.21 -9.16 3.39
N VAL B 50 6.88 -10.37 2.90
CA VAL B 50 6.16 -10.50 1.64
C VAL B 50 4.79 -9.85 1.76
N ALA B 51 4.09 -10.12 2.86
CA ALA B 51 2.74 -9.57 3.06
C ALA B 51 2.78 -8.06 3.07
N ASP B 52 3.79 -7.50 3.71
CA ASP B 52 3.97 -6.06 3.73
C ASP B 52 4.09 -5.52 2.31
N ARG B 53 5.05 -6.05 1.55
CA ARG B 53 5.33 -5.52 0.21
C ARG B 53 4.16 -5.70 -0.75
N LEU B 54 3.38 -6.79 -0.61
CA LEU B 54 2.24 -6.98 -1.49
C LEU B 54 1.14 -5.96 -1.19
N THR B 55 0.80 -5.78 0.08
CA THR B 55 -0.30 -4.87 0.42
C THR B 55 0.05 -3.44 0.02
N GLU B 56 1.32 -3.04 0.16
CA GLU B 56 1.72 -1.67 -0.20
C GLU B 56 1.90 -1.49 -1.70
N ALA B 57 2.16 -2.56 -2.45
CA ALA B 57 2.24 -2.47 -3.90
C ALA B 57 0.86 -2.53 -4.57
N PHE B 58 -0.08 -3.30 -4.01
CA PHE B 58 -1.37 -3.54 -4.65
C PHE B 58 -2.49 -3.15 -3.69
N PRO B 59 -2.75 -1.85 -3.53
CA PRO B 59 -3.86 -1.42 -2.64
C PRO B 59 -5.20 -1.97 -3.05
N ALA B 60 -5.39 -2.35 -4.32
CA ALA B 60 -6.64 -2.97 -4.78
C ALA B 60 -6.73 -4.47 -4.51
N LYS B 61 -5.61 -5.13 -4.17
CA LYS B 61 -5.62 -6.56 -3.87
C LYS B 61 -5.60 -6.78 -2.35
N ASN B 62 -6.16 -7.90 -1.90
CA ASN B 62 -6.29 -8.20 -0.48
C ASN B 62 -5.39 -9.38 -0.10
N VAL B 63 -4.58 -9.21 0.93
CA VAL B 63 -3.67 -10.25 1.40
C VAL B 63 -4.12 -10.73 2.77
N LEU B 64 -4.07 -12.05 2.98
CA LEU B 64 -4.32 -12.65 4.30
C LEU B 64 -3.05 -13.35 4.78
N VAL B 65 -2.54 -12.95 5.95
CA VAL B 65 -1.52 -13.71 6.66
C VAL B 65 -2.23 -14.62 7.68
N ILE B 66 -1.92 -15.91 7.66
CA ILE B 66 -2.41 -16.86 8.65
C ILE B 66 -1.23 -17.28 9.52
N GLU B 67 -1.35 -17.06 10.83
CA GLU B 67 -0.25 -17.34 11.74
C GLU B 67 -0.72 -18.26 12.86
N TYR B 68 0.11 -19.26 13.18
CA TYR B 68 -0.18 -20.17 14.29
C TYR B 68 -0.24 -19.42 15.62
N GLY B 69 0.72 -18.54 15.86
CA GLY B 69 0.79 -17.77 17.08
C GLY B 69 -0.06 -16.52 17.05
N ASP B 70 0.27 -15.60 17.94
CA ASP B 70 -0.47 -14.38 18.21
C ASP B 70 0.54 -13.25 18.39
N VAL B 71 0.04 -12.05 18.61
CA VAL B 71 0.93 -10.92 18.87
C VAL B 71 1.37 -10.92 20.33
N HIS B 72 2.68 -10.82 20.54
CA HIS B 72 3.29 -10.76 21.87
C HIS B 72 4.36 -9.69 21.87
N TYR B 73 4.59 -9.09 23.03
CA TYR B 73 5.80 -8.31 23.20
C TYR B 73 7.00 -9.25 23.15
N ALA B 74 8.04 -8.85 22.41
CA ALA B 74 9.19 -9.71 22.15
C ALA B 74 10.40 -9.12 22.84
N PRO B 75 10.72 -9.54 24.06
CA PRO B 75 11.95 -9.05 24.69
C PRO B 75 13.15 -9.35 23.81
N GLY B 76 14.11 -8.47 23.86
CA GLY B 76 15.35 -8.75 23.20
C GLY B 76 16.26 -9.62 24.05
N THR B 77 17.32 -10.10 23.41
CA THR B 77 18.35 -10.79 24.15
C THR B 77 18.93 -9.88 25.23
N PHE B 78 19.11 -10.44 26.43
CA PHE B 78 19.67 -9.75 27.57
C PHE B 78 18.98 -8.41 27.78
N ASP B 79 17.70 -8.52 28.15
CA ASP B 79 16.88 -7.35 28.50
C ASP B 79 16.49 -7.52 29.97
N PRO B 80 15.97 -6.50 30.63
CA PRO B 80 15.58 -6.65 32.04
C PRO B 80 14.61 -7.82 32.19
N PRO B 81 14.74 -8.62 33.25
CA PRO B 81 15.73 -8.45 34.32
C PRO B 81 16.80 -9.54 34.29
N THR B 82 17.21 -9.95 33.14
CA THR B 82 18.17 -11.00 33.09
C THR B 82 19.59 -10.68 33.43
N ASP B 83 20.33 -11.73 33.58
CA ASP B 83 21.74 -11.65 33.77
C ASP B 83 22.40 -12.04 32.45
N TRP B 84 23.71 -11.96 32.37
CA TRP B 84 24.34 -12.27 31.10
C TRP B 84 24.08 -13.65 30.58
N ILE B 85 23.12 -13.56 29.69
CA ILE B 85 22.41 -14.52 28.91
C ILE B 85 21.62 -15.61 29.59
N THR B 86 20.69 -15.17 30.41
CA THR B 86 19.75 -16.01 31.09
C THR B 86 18.41 -15.78 30.39
N PRO B 87 17.52 -16.76 30.42
CA PRO B 87 16.26 -16.68 29.70
C PRO B 87 15.29 -15.58 30.06
N GLN B 88 14.66 -14.99 29.07
CA GLN B 88 13.69 -13.94 29.29
C GLN B 88 12.46 -14.51 29.91
N PRO B 89 12.04 -13.93 31.00
CA PRO B 89 10.92 -14.57 31.69
C PRO B 89 9.62 -14.38 30.93
N ASP B 90 9.49 -13.31 30.15
CA ASP B 90 8.26 -13.00 29.44
C ASP B 90 8.44 -13.17 27.94
N ALA B 91 9.19 -14.21 27.56
CA ALA B 91 9.43 -14.49 26.16
C ALA B 91 8.15 -15.01 25.49
N PRO B 92 7.97 -14.74 24.20
CA PRO B 92 6.79 -15.24 23.48
C PRO B 92 6.85 -16.75 23.33
N PRO B 93 5.79 -17.39 22.80
CA PRO B 93 5.82 -18.85 22.67
C PRO B 93 6.82 -19.30 21.60
N SER B 94 7.32 -20.52 21.76
CA SER B 94 8.19 -21.13 20.75
C SER B 94 7.95 -22.63 20.72
N TRP B 95 8.05 -23.21 19.53
CA TRP B 95 8.23 -24.65 19.42
C TRP B 95 9.61 -25.05 19.93
N SER B 96 9.65 -26.04 20.81
CA SER B 96 10.89 -26.65 21.25
C SER B 96 11.03 -28.00 20.58
N PHE B 97 12.17 -28.23 19.92
CA PHE B 97 12.43 -29.46 19.20
C PHE B 97 13.62 -30.20 19.81
N ASN B 98 13.46 -31.51 20.00
CA ASN B 98 14.59 -32.42 20.20
C ASN B 98 14.66 -33.36 18.99
N SER B 99 15.76 -33.29 18.26
CA SER B 99 15.93 -34.13 17.09
C SER B 99 16.03 -35.60 17.51
N LEU B 100 15.93 -36.50 16.52
CA LEU B 100 16.28 -37.88 16.78
C LEU B 100 17.76 -37.94 17.18
N PRO B 101 18.17 -38.98 17.90
CA PRO B 101 19.59 -39.09 18.25
C PRO B 101 20.40 -39.08 16.97
N ASN B 102 21.58 -38.45 17.05
CA ASN B 102 22.45 -38.32 15.88
C ASN B 102 23.62 -39.27 16.06
N PRO B 103 23.57 -40.46 15.48
CA PRO B 103 24.53 -41.51 15.86
C PRO B 103 25.97 -41.15 15.51
N ASP B 104 26.16 -40.30 14.52
CA ASP B 104 27.51 -39.89 14.13
C ASP B 104 28.00 -38.70 14.93
N MET B 105 27.17 -38.21 15.85
CA MET B 105 27.57 -37.26 16.89
C MET B 105 27.23 -37.84 18.25
N ALA B 106 27.70 -39.07 18.53
CA ALA B 106 27.55 -39.70 19.84
C ALA B 106 26.08 -39.81 20.26
N ASN B 107 25.16 -39.74 19.29
CA ASN B 107 23.74 -39.98 19.56
C ASN B 107 23.15 -38.81 20.35
N THR B 108 23.93 -37.75 20.50
CA THR B 108 23.38 -36.55 21.08
C THR B 108 22.25 -36.03 20.19
N THR B 109 21.31 -35.32 20.81
CA THR B 109 20.21 -34.73 20.08
C THR B 109 20.50 -33.27 19.83
N ALA B 110 19.81 -32.70 18.84
CA ALA B 110 19.81 -31.27 18.62
C ALA B 110 18.60 -30.68 19.31
N PHE B 111 18.79 -29.59 20.05
CA PHE B 111 17.69 -28.84 20.63
C PHE B 111 17.49 -27.60 19.76
N VAL B 112 16.32 -27.48 19.13
CA VAL B 112 16.05 -26.42 18.17
C VAL B 112 14.80 -25.66 18.63
N LEU B 113 14.79 -24.36 18.38
CA LEU B 113 13.68 -23.50 18.67
C LEU B 113 13.13 -22.90 17.37
N ALA B 114 11.85 -22.54 17.40
CA ALA B 114 11.24 -21.80 16.32
C ALA B 114 10.16 -20.91 16.93
N GLY B 115 10.08 -19.66 16.44
CA GLY B 115 9.16 -18.70 17.02
C GLY B 115 7.72 -19.06 16.72
N GLN B 116 6.87 -19.00 17.74
CA GLN B 116 5.43 -19.25 17.61
C GLN B 116 4.73 -17.95 18.03
N VAL B 117 4.69 -17.00 17.10
CA VAL B 117 4.38 -15.62 17.44
C VAL B 117 4.39 -14.82 16.14
N VAL B 118 3.56 -13.78 16.08
CA VAL B 118 3.60 -12.85 14.96
C VAL B 118 4.97 -12.17 14.95
N GLY B 119 5.71 -12.38 13.88
CA GLY B 119 7.12 -12.06 13.81
C GLY B 119 8.02 -13.28 13.66
N GLY B 120 7.49 -14.47 13.96
CA GLY B 120 8.22 -15.71 13.79
C GLY B 120 9.48 -15.72 14.63
N SER B 121 10.51 -16.39 14.10
CA SER B 121 11.74 -16.53 14.86
C SER B 121 12.47 -15.20 15.04
N SER B 122 12.20 -14.19 14.20
CA SER B 122 12.83 -12.89 14.41
C SER B 122 12.37 -12.24 15.72
N ALA B 123 11.24 -12.66 16.26
CA ALA B 123 10.79 -12.19 17.57
C ALA B 123 11.45 -12.92 18.73
N VAL B 124 12.17 -14.01 18.49
CA VAL B 124 12.82 -14.75 19.58
C VAL B 124 14.28 -15.02 19.25
N ASN B 125 14.79 -14.34 18.23
CA ASN B 125 16.22 -14.27 17.88
C ASN B 125 17.17 -14.08 19.04
N GLY B 126 18.44 -14.37 18.80
CA GLY B 126 19.54 -13.80 19.54
C GLY B 126 20.00 -12.48 18.99
N MET B 127 19.37 -12.03 17.89
CA MET B 127 19.49 -10.69 17.32
C MET B 127 20.83 -10.38 16.69
N PHE B 128 21.68 -11.38 16.48
CA PHE B 128 22.96 -11.21 15.81
C PHE B 128 22.72 -11.04 14.30
N PHE B 129 23.02 -9.86 13.76
CA PHE B 129 22.43 -9.44 12.49
C PHE B 129 23.49 -9.27 11.40
N ASP B 130 24.17 -10.36 11.06
CA ASP B 130 25.17 -10.35 10.00
C ASP B 130 24.60 -10.88 8.69
N ARG B 131 25.34 -10.64 7.61
CA ARG B 131 25.07 -11.21 6.30
C ARG B 131 26.25 -12.08 5.89
N ALA B 132 26.00 -13.09 5.06
CA ALA B 132 27.09 -13.96 4.68
C ALA B 132 27.98 -13.27 3.63
N SER B 133 29.08 -13.91 3.30
CA SER B 133 29.96 -13.33 2.29
C SER B 133 29.29 -13.40 0.92
N ARG B 134 29.72 -12.47 0.05
CA ARG B 134 29.30 -12.48 -1.36
C ARG B 134 29.41 -13.87 -1.98
N HIS B 135 30.43 -14.63 -1.57
CA HIS B 135 30.65 -15.93 -2.18
C HIS B 135 29.60 -16.95 -1.76
N ASP B 136 29.06 -16.83 -0.53
CA ASP B 136 28.07 -17.80 -0.09
C ASP B 136 26.80 -17.72 -0.93
N TYR B 137 26.37 -16.49 -1.25
CA TYR B 137 25.17 -16.34 -2.08
C TYR B 137 25.47 -16.57 -3.54
N ASP B 138 26.67 -16.21 -4.01
CA ASP B 138 27.09 -16.66 -5.33
C ASP B 138 26.98 -18.17 -5.44
N ALA B 139 27.20 -18.88 -4.32
CA ALA B 139 27.09 -20.33 -4.34
C ALA B 139 25.69 -20.79 -4.73
N TRP B 140 24.66 -20.00 -4.40
CA TRP B 140 23.30 -20.43 -4.66
C TRP B 140 23.05 -20.57 -6.15
N THR B 141 23.50 -19.59 -6.92
CA THR B 141 23.40 -19.69 -8.38
C THR B 141 24.22 -20.87 -8.88
N ALA B 142 25.46 -20.98 -8.41
CA ALA B 142 26.33 -22.05 -8.92
C ALA B 142 25.72 -23.43 -8.70
N VAL B 143 25.03 -23.64 -7.56
CA VAL B 143 24.49 -24.97 -7.27
C VAL B 143 23.19 -25.23 -8.05
N GLY B 144 22.40 -24.19 -8.35
CA GLY B 144 21.27 -24.39 -9.25
C GLY B 144 21.70 -24.79 -10.64
N GLY B 145 22.90 -24.40 -11.05
CA GLY B 145 23.45 -24.79 -12.35
C GLY B 145 22.78 -24.07 -13.50
N SER B 146 23.16 -24.50 -14.70
CA SER B 146 22.66 -23.86 -15.92
C SER B 146 21.15 -23.97 -16.06
N GLY B 147 20.52 -24.91 -15.35
CA GLY B 147 19.07 -25.00 -15.37
C GLY B 147 18.39 -23.78 -14.80
N PHE B 148 19.09 -23.03 -13.96
CA PHE B 148 18.59 -21.80 -13.39
C PHE B 148 19.04 -20.57 -14.16
N GLU B 149 19.54 -20.77 -15.38
CA GLU B 149 19.85 -19.66 -16.27
C GLU B 149 18.77 -19.44 -17.31
N GLN B 150 17.76 -20.31 -17.33
CA GLN B 150 16.52 -20.10 -18.08
C GLN B 150 15.56 -19.15 -17.35
N SER B 151 16.02 -18.52 -16.27
CA SER B 151 15.26 -17.53 -15.50
C SER B 151 16.14 -16.34 -15.16
N SER B 152 15.54 -15.16 -15.20
CA SER B 152 16.23 -13.90 -15.03
C SER B 152 16.43 -13.52 -13.58
N HIS B 153 15.93 -14.33 -12.64
CA HIS B 153 16.03 -14.05 -11.22
C HIS B 153 17.30 -14.69 -10.70
N LYS B 154 18.31 -13.86 -10.48
CA LYS B 154 19.59 -14.31 -9.97
C LYS B 154 19.64 -14.05 -8.47
N TRP B 155 19.95 -15.09 -7.71
CA TRP B 155 20.09 -14.97 -6.27
C TRP B 155 21.54 -14.98 -5.85
N ASP B 156 22.45 -14.60 -6.74
CA ASP B 156 23.82 -14.38 -6.35
C ASP B 156 23.91 -13.06 -5.58
N TRP B 157 25.11 -12.74 -5.11
CA TRP B 157 25.30 -11.53 -4.30
C TRP B 157 24.81 -10.30 -5.06
N GLU B 158 25.24 -10.16 -6.32
CA GLU B 158 24.77 -9.07 -7.17
C GLU B 158 23.25 -9.00 -7.23
N GLY B 159 22.58 -10.13 -7.11
CA GLY B 159 21.13 -10.16 -7.19
C GLY B 159 20.47 -9.91 -5.86
N LEU B 160 21.18 -10.21 -4.77
CA LEU B 160 20.59 -10.13 -3.44
C LEU B 160 20.93 -8.84 -2.72
N PHE B 161 22.12 -8.29 -2.98
CA PHE B 161 22.61 -7.11 -2.27
C PHE B 161 21.61 -5.95 -2.27
N PRO B 162 21.00 -5.54 -3.40
CA PRO B 162 20.04 -4.42 -3.33
C PRO B 162 18.92 -4.67 -2.34
N PHE B 163 18.42 -5.90 -2.28
CA PHE B 163 17.34 -6.19 -1.34
C PHE B 163 17.82 -6.25 0.10
N PHE B 164 19.09 -6.64 0.33
CA PHE B 164 19.68 -6.48 1.65
C PHE B 164 19.63 -5.04 2.10
N GLN B 165 19.93 -4.10 1.19
CA GLN B 165 19.90 -2.70 1.54
C GLN B 165 18.48 -2.24 1.82
N LYS B 166 17.53 -2.64 0.96
CA LYS B 166 16.13 -2.27 1.15
C LYS B 166 15.58 -2.78 2.47
N SER B 167 16.09 -3.92 2.95
CA SER B 167 15.39 -4.69 3.97
C SER B 167 15.50 -4.11 5.37
N VAL B 168 16.44 -3.19 5.61
CA VAL B 168 16.74 -2.73 6.96
C VAL B 168 17.15 -1.27 6.94
N THR B 169 16.99 -0.62 8.09
CA THR B 169 17.54 0.70 8.35
C THR B 169 18.71 0.55 9.30
N PHE B 170 19.91 0.82 8.81
CA PHE B 170 21.08 0.88 9.67
C PHE B 170 21.23 2.30 10.20
N THR B 171 21.72 2.42 11.42
CA THR B 171 21.92 3.71 12.06
C THR B 171 23.32 3.76 12.65
N GLU B 172 24.04 4.83 12.34
CA GLU B 172 25.34 5.02 12.94
C GLU B 172 25.18 5.27 14.43
N PRO B 173 26.01 4.67 15.27
CA PRO B 173 25.94 4.90 16.72
C PRO B 173 26.46 6.28 17.07
N PRO B 174 26.30 6.73 18.32
CA PRO B 174 26.82 8.05 18.68
C PRO B 174 28.33 8.14 18.57
N ALA B 175 28.82 9.35 18.30
CA ALA B 175 30.25 9.61 18.26
C ALA B 175 30.94 9.11 19.53
N ASP B 176 30.41 9.47 20.70
CA ASP B 176 31.06 9.05 21.94
C ASP B 176 31.12 7.53 22.05
N ILE B 177 30.07 6.84 21.60
CA ILE B 177 30.04 5.39 21.67
C ILE B 177 31.07 4.78 20.73
N VAL B 178 31.34 5.43 19.59
CA VAL B 178 32.41 4.95 18.71
C VAL B 178 33.76 5.04 19.41
N GLN B 179 34.12 6.23 19.92
CA GLN B 179 35.46 6.35 20.49
C GLN B 179 35.60 5.60 21.81
N LYS B 180 34.49 5.10 22.38
CA LYS B 180 34.51 4.23 23.54
C LYS B 180 34.72 2.77 23.16
N TYR B 181 33.94 2.25 22.23
CA TYR B 181 34.01 0.83 21.91
C TYR B 181 34.67 0.52 20.58
N HIS B 182 34.83 1.52 19.71
CA HIS B 182 35.54 1.35 18.43
C HIS B 182 34.77 0.47 17.46
N TYR B 183 33.48 0.72 17.34
CA TYR B 183 32.73 0.17 16.23
C TYR B 183 33.25 0.73 14.93
N THR B 184 32.91 0.04 13.85
CA THR B 184 33.43 0.35 12.55
C THR B 184 32.36 -0.01 11.52
N TRP B 185 32.30 0.71 10.41
CA TRP B 185 31.25 0.44 9.43
C TRP B 185 31.50 1.20 8.12
N ASP B 186 30.73 0.82 7.11
CA ASP B 186 30.78 1.47 5.80
C ASP B 186 29.34 1.52 5.30
N LEU B 187 28.77 2.73 5.30
CA LEU B 187 27.37 2.90 4.92
C LEU B 187 27.06 2.33 3.54
N SER B 188 28.07 2.15 2.69
CA SER B 188 27.82 1.61 1.35
C SER B 188 27.26 0.19 1.39
N ALA B 189 27.43 -0.52 2.50
CA ALA B 189 26.81 -1.83 2.65
C ALA B 189 25.32 -1.75 2.93
N TYR B 190 24.83 -0.63 3.45
CA TYR B 190 23.42 -0.52 3.78
C TYR B 190 22.64 0.38 2.84
N GLY B 191 23.32 1.26 2.11
CA GLY B 191 22.63 2.09 1.16
C GLY B 191 21.70 3.09 1.85
N ASN B 192 20.66 3.48 1.12
CA ASN B 192 19.72 4.48 1.59
C ASN B 192 18.56 3.89 2.38
N GLY B 193 18.67 2.61 2.77
CA GLY B 193 17.59 1.83 3.37
C GLY B 193 16.70 2.57 4.35
N SER B 194 15.38 2.32 4.27
CA SER B 194 14.43 3.01 5.12
C SER B 194 13.34 2.08 5.65
N THR B 195 13.56 0.75 5.62
CA THR B 195 12.57 -0.17 6.16
C THR B 195 12.66 -0.19 7.68
N PRO B 196 11.53 -0.20 8.39
CA PRO B 196 11.57 -0.14 9.86
C PRO B 196 11.91 -1.48 10.49
N ILE B 197 12.85 -2.20 9.89
CA ILE B 197 13.57 -3.29 10.52
C ILE B 197 14.96 -2.74 10.79
N TYR B 198 15.31 -2.59 12.06
CA TYR B 198 16.46 -1.78 12.44
C TYR B 198 17.71 -2.60 12.74
N SER B 199 18.84 -2.11 12.27
CA SER B 199 20.16 -2.68 12.51
C SER B 199 20.99 -1.63 13.21
N SER B 200 21.42 -1.92 14.44
CA SER B 200 22.04 -0.91 15.28
C SER B 200 23.17 -1.55 16.07
N TYR B 201 24.10 -0.68 16.54
CA TYR B 201 25.17 -1.03 17.47
C TYR B 201 24.81 -0.55 18.88
N PRO B 202 24.85 -1.45 19.86
CA PRO B 202 24.57 -1.08 21.24
C PRO B 202 25.46 0.05 21.77
N VAL B 203 24.93 0.79 22.74
CA VAL B 203 25.69 1.86 23.37
C VAL B 203 26.43 1.27 24.57
N PHE B 204 26.57 -0.05 24.57
CA PHE B 204 27.26 -0.76 25.62
C PHE B 204 28.04 -1.93 25.02
N GLN B 205 29.24 -2.16 25.55
CA GLN B 205 29.98 -3.39 25.34
C GLN B 205 30.54 -3.78 26.70
N TRP B 206 30.86 -5.06 26.88
CA TRP B 206 31.58 -5.41 28.10
C TRP B 206 33.02 -4.92 27.99
N ALA B 207 33.64 -4.66 29.13
CA ALA B 207 34.94 -4.01 29.14
C ALA B 207 36.03 -4.92 28.59
N ASP B 208 35.86 -6.25 28.64
CA ASP B 208 36.88 -7.14 28.10
C ASP B 208 36.61 -7.55 26.65
N GLN B 209 35.66 -6.89 25.99
CA GLN B 209 35.48 -7.11 24.55
C GLN B 209 36.76 -6.92 23.75
N PRO B 210 37.63 -5.94 24.04
CA PRO B 210 38.91 -5.87 23.33
C PRO B 210 39.89 -7.01 23.61
N LEU B 211 39.58 -7.93 24.52
CA LEU B 211 40.57 -8.97 24.81
C LEU B 211 40.76 -9.90 23.64
N LEU B 212 39.70 -10.62 23.25
CA LEU B 212 39.82 -11.51 22.09
C LEU B 212 40.13 -10.74 20.83
N ASN B 213 39.61 -9.51 20.69
CA ASN B 213 39.84 -8.75 19.46
C ASN B 213 41.33 -8.50 19.27
N GLN B 214 42.03 -8.23 20.36
CA GLN B 214 43.48 -8.17 20.35
C GLN B 214 44.11 -9.54 20.04
N ALA B 215 43.59 -10.61 20.64
CA ALA B 215 44.16 -11.94 20.44
C ALA B 215 43.90 -12.48 19.03
N TRP B 216 42.76 -12.16 18.42
CA TRP B 216 42.53 -12.60 17.05
C TRP B 216 43.55 -11.99 16.11
N GLN B 217 43.88 -10.72 16.33
CA GLN B 217 44.84 -10.08 15.46
C GLN B 217 46.22 -10.69 15.62
N GLU B 218 46.52 -11.18 16.83
CA GLU B 218 47.82 -11.79 17.07
C GLU B 218 47.96 -13.15 16.41
N MET B 219 46.86 -13.77 15.99
CA MET B 219 46.91 -14.88 15.06
C MET B 219 46.85 -14.45 13.60
N GLY B 220 46.93 -13.16 13.31
CA GLY B 220 46.93 -12.73 11.93
C GLY B 220 45.57 -12.59 11.32
N ILE B 221 44.51 -12.88 12.06
CA ILE B 221 43.16 -12.56 11.60
C ILE B 221 43.03 -11.05 11.54
N ASN B 222 42.67 -10.51 10.37
CA ASN B 222 42.79 -9.07 10.18
C ASN B 222 41.46 -8.37 10.42
N PRO B 223 41.48 -7.15 10.96
CA PRO B 223 40.22 -6.42 11.16
C PRO B 223 39.57 -6.10 9.82
N VAL B 224 38.24 -6.16 9.80
CA VAL B 224 37.46 -5.79 8.64
C VAL B 224 36.62 -4.57 9.00
N THR B 225 36.63 -3.54 8.14
CA THR B 225 35.80 -2.35 8.41
C THR B 225 34.32 -2.69 8.35
N GLU B 226 33.82 -3.14 7.21
CA GLU B 226 32.41 -3.46 7.14
C GLU B 226 32.26 -4.88 6.62
N CYS B 227 31.48 -5.70 7.34
CA CYS B 227 31.25 -7.10 6.99
C CYS B 227 29.86 -7.37 6.43
N ALA B 228 29.01 -6.38 6.30
CA ALA B 228 27.72 -6.62 5.66
C ALA B 228 27.75 -6.30 4.18
N GLY B 229 28.86 -5.81 3.64
CA GLY B 229 28.92 -5.46 2.23
C GLY B 229 29.46 -6.56 1.32
N GLY B 230 29.31 -7.81 1.74
CA GLY B 230 29.73 -8.93 0.92
C GLY B 230 31.12 -9.45 1.21
N ASP B 231 32.00 -8.66 1.84
CA ASP B 231 33.33 -9.12 2.20
C ASP B 231 33.44 -9.23 3.71
N LYS B 232 33.68 -10.44 4.20
CA LYS B 232 33.47 -10.72 5.61
C LYS B 232 34.60 -11.49 6.27
N GLU B 233 35.59 -11.98 5.52
CA GLU B 233 36.66 -12.81 6.08
C GLU B 233 37.60 -11.94 6.92
N GLY B 234 37.77 -12.30 8.21
CA GLY B 234 38.54 -11.54 9.17
C GLY B 234 37.77 -11.36 10.50
N VAL B 235 38.09 -10.29 11.21
CA VAL B 235 37.43 -9.92 12.46
C VAL B 235 36.30 -8.94 12.16
N CYS B 236 35.08 -9.28 12.55
CA CYS B 236 33.89 -8.57 12.14
C CYS B 236 33.16 -7.98 13.33
N TRP B 237 32.76 -6.72 13.20
CA TRP B 237 31.66 -6.19 13.95
C TRP B 237 30.37 -6.62 13.30
N VAL B 238 29.40 -7.05 14.10
CA VAL B 238 28.08 -7.43 13.63
C VAL B 238 27.03 -6.65 14.42
N PRO B 239 26.07 -5.99 13.77
CA PRO B 239 25.08 -5.20 14.51
C PRO B 239 23.95 -6.05 15.09
N ALA B 240 23.07 -5.40 15.85
CA ALA B 240 21.95 -6.07 16.48
C ALA B 240 20.62 -5.66 15.85
N SER B 241 19.70 -6.61 15.84
CA SER B 241 18.32 -6.49 15.38
C SER B 241 17.50 -5.63 16.34
N GLN B 242 17.84 -4.35 16.43
CA GLN B 242 17.19 -3.58 17.48
C GLN B 242 17.21 -2.10 17.15
N HIS B 243 16.30 -1.37 17.82
CA HIS B 243 16.06 0.02 17.52
C HIS B 243 17.24 0.88 17.98
N PRO B 244 17.63 1.88 17.18
CA PRO B 244 18.87 2.62 17.51
C PRO B 244 18.76 3.39 18.82
N VAL B 245 17.57 3.87 19.17
CA VAL B 245 17.41 4.75 20.33
C VAL B 245 17.04 3.96 21.56
N THR B 246 16.00 3.14 21.46
CA THR B 246 15.49 2.43 22.63
C THR B 246 16.11 1.04 22.84
N ALA B 247 16.86 0.52 21.89
CA ALA B 247 17.43 -0.83 21.94
C ALA B 247 16.36 -1.92 22.06
N ARG B 248 15.09 -1.60 21.80
CA ARG B 248 14.07 -2.63 21.80
C ARG B 248 14.22 -3.51 20.55
N ARG B 249 13.95 -4.80 20.71
CA ARG B 249 14.13 -5.74 19.61
C ARG B 249 13.31 -5.34 18.41
N SER B 250 13.93 -5.41 17.23
CA SER B 250 13.28 -5.16 15.95
C SER B 250 13.01 -6.51 15.28
N HIS B 251 11.77 -6.75 14.90
CA HIS B 251 11.39 -8.03 14.31
C HIS B 251 10.25 -7.81 13.34
N ALA B 252 10.02 -8.79 12.50
CA ALA B 252 9.04 -8.71 11.46
C ALA B 252 7.66 -8.34 11.90
N GLY B 253 7.29 -8.69 13.12
CA GLY B 253 6.00 -8.37 13.70
C GLY B 253 5.72 -6.91 13.89
N LEU B 254 6.76 -6.12 14.05
CA LEU B 254 6.67 -4.71 14.15
C LEU B 254 6.90 -4.07 12.80
N GLY B 255 8.14 -4.09 12.35
CA GLY B 255 8.56 -3.53 11.11
C GLY B 255 7.87 -3.96 9.85
N HIS B 256 7.33 -5.15 9.77
CA HIS B 256 6.63 -5.54 8.58
C HIS B 256 5.14 -5.76 8.85
N TYR B 257 4.68 -5.51 10.07
CA TYR B 257 3.27 -5.64 10.37
C TYR B 257 2.63 -4.51 11.15
N ALA B 258 2.89 -4.40 12.44
CA ALA B 258 2.33 -3.41 13.30
C ALA B 258 2.60 -2.00 12.95
N ASP B 259 3.79 -1.74 12.46
CA ASP B 259 4.21 -0.42 12.09
C ASP B 259 3.61 0.13 10.84
N VAL B 260 3.04 -0.72 10.02
CA VAL B 260 2.42 -0.33 8.80
C VAL B 260 0.92 -0.24 8.91
N LEU B 261 0.36 -0.58 10.06
CA LEU B 261 -1.09 -0.45 10.25
C LEU B 261 -1.44 1.00 10.60
N PRO B 262 -2.65 1.45 10.24
CA PRO B 262 -3.64 0.68 9.49
C PRO B 262 -3.31 0.58 7.98
N ARG B 263 -3.65 -0.58 7.42
CA ARG B 263 -3.56 -0.82 5.97
C ARG B 263 -4.72 -1.72 5.61
N ALA B 264 -5.64 -1.21 4.78
CA ALA B 264 -6.96 -1.82 4.70
C ALA B 264 -6.93 -3.21 4.08
N ASN B 265 -5.96 -3.48 3.21
CA ASN B 265 -5.89 -4.75 2.51
C ASN B 265 -4.94 -5.73 3.16
N TYR B 266 -4.50 -5.43 4.38
CA TYR B 266 -3.49 -6.20 5.09
C TYR B 266 -4.19 -6.87 6.27
N ASP B 267 -4.66 -8.09 6.06
CA ASP B 267 -5.33 -8.85 7.10
C ASP B 267 -4.41 -9.90 7.69
N LEU B 268 -4.53 -10.11 9.00
CA LEU B 268 -3.78 -11.14 9.71
C LEU B 268 -4.73 -11.94 10.58
N LEU B 269 -4.75 -13.25 10.39
CA LEU B 269 -5.48 -14.16 11.25
C LEU B 269 -4.51 -14.90 12.16
N VAL B 270 -4.73 -14.81 13.47
CA VAL B 270 -3.84 -15.43 14.45
C VAL B 270 -4.45 -16.70 15.03
N GLN B 271 -3.61 -17.50 15.70
CA GLN B 271 -4.00 -18.78 16.29
C GLN B 271 -4.75 -19.66 15.31
N HIS B 272 -4.25 -19.71 14.08
CA HIS B 272 -4.73 -20.62 13.07
C HIS B 272 -3.54 -21.37 12.50
N GLN B 273 -3.63 -22.69 12.47
CA GLN B 273 -2.63 -23.51 11.81
C GLN B 273 -3.11 -23.85 10.40
N VAL B 274 -2.37 -23.36 9.40
CA VAL B 274 -2.61 -23.80 8.03
C VAL B 274 -2.30 -25.29 7.96
N VAL B 275 -3.32 -26.10 7.62
CA VAL B 275 -3.12 -27.54 7.57
C VAL B 275 -2.46 -27.95 6.26
N ARG B 276 -2.92 -27.40 5.15
CA ARG B 276 -2.41 -27.74 3.82
C ARG B 276 -3.02 -26.78 2.80
N VAL B 277 -2.43 -26.80 1.60
CA VAL B 277 -3.08 -26.25 0.42
C VAL B 277 -3.69 -27.41 -0.35
N VAL B 278 -4.79 -27.14 -1.07
CA VAL B 278 -5.49 -28.17 -1.82
C VAL B 278 -5.76 -27.64 -3.22
N PHE B 279 -5.46 -28.47 -4.22
CA PHE B 279 -5.76 -28.17 -5.61
C PHE B 279 -6.96 -29.01 -6.03
N PRO B 280 -8.18 -28.46 -6.05
CA PRO B 280 -9.33 -29.28 -6.46
C PRO B 280 -9.20 -29.81 -7.86
N ASN B 281 -8.65 -29.00 -8.77
CA ASN B 281 -8.42 -29.39 -10.15
C ASN B 281 -6.97 -29.79 -10.38
N GLY B 282 -6.27 -30.23 -9.35
CA GLY B 282 -4.88 -30.62 -9.49
C GLY B 282 -3.91 -29.46 -9.57
N PRO B 283 -2.63 -29.74 -9.30
CA PRO B 283 -1.64 -28.67 -9.09
C PRO B 283 -1.38 -27.79 -10.28
N SER B 284 -1.78 -28.20 -11.50
CA SER B 284 -1.55 -27.36 -12.67
C SER B 284 -2.64 -26.31 -12.85
N HIS B 285 -3.71 -26.41 -12.08
CA HIS B 285 -4.79 -25.40 -12.06
C HIS B 285 -4.86 -24.84 -10.64
N GLY B 286 -4.27 -23.66 -10.49
CA GLY B 286 -4.16 -23.00 -9.21
C GLY B 286 -4.66 -21.57 -9.31
N PRO B 287 -4.49 -20.79 -8.23
CA PRO B 287 -3.82 -21.17 -6.99
C PRO B 287 -4.67 -22.12 -6.16
N PRO B 288 -4.07 -22.87 -5.23
CA PRO B 288 -4.84 -23.79 -4.40
C PRO B 288 -5.69 -23.06 -3.37
N LEU B 289 -6.58 -23.80 -2.72
CA LEU B 289 -7.23 -23.35 -1.49
C LEU B 289 -6.29 -23.58 -0.32
N VAL B 290 -6.43 -22.74 0.71
CA VAL B 290 -5.72 -22.89 1.96
C VAL B 290 -6.70 -23.45 2.98
N GLU B 291 -6.48 -24.70 3.41
CA GLU B 291 -7.26 -25.31 4.49
C GLU B 291 -6.59 -24.99 5.81
N ALA B 292 -7.30 -24.29 6.68
CA ALA B 292 -6.74 -23.82 7.93
C ALA B 292 -7.55 -24.39 9.07
N ARG B 293 -6.88 -24.58 10.21
CA ARG B 293 -7.49 -25.07 11.44
C ARG B 293 -7.37 -24.01 12.53
N SER B 294 -8.49 -23.69 13.18
CA SER B 294 -8.46 -22.75 14.28
C SER B 294 -8.01 -23.49 15.53
N LEU B 295 -6.97 -22.96 16.18
CA LEU B 295 -6.47 -23.69 17.33
C LEU B 295 -7.32 -23.55 18.58
N ALA B 296 -8.33 -22.68 18.56
CA ALA B 296 -9.22 -22.56 19.73
C ALA B 296 -10.24 -23.68 19.79
N ASP B 297 -10.75 -24.11 18.63
CA ASP B 297 -11.87 -25.06 18.58
C ASP B 297 -11.71 -26.14 17.52
N ASN B 298 -10.55 -26.25 16.88
CA ASN B 298 -10.26 -27.25 15.86
C ASN B 298 -11.10 -27.09 14.60
N HIS B 299 -11.90 -26.02 14.52
CA HIS B 299 -12.73 -25.75 13.34
C HIS B 299 -11.88 -25.64 12.07
N LEU B 300 -12.25 -26.40 11.04
CA LEU B 300 -11.54 -26.43 9.77
C LEU B 300 -12.30 -25.68 8.71
N PHE B 301 -11.56 -25.03 7.80
CA PHE B 301 -12.19 -24.30 6.72
C PHE B 301 -11.15 -24.00 5.67
N ASN B 302 -11.59 -23.76 4.45
CA ASN B 302 -10.69 -23.37 3.38
C ASN B 302 -10.72 -21.85 3.30
N VAL B 303 -9.74 -21.28 2.60
CA VAL B 303 -9.78 -19.88 2.18
C VAL B 303 -9.60 -19.82 0.66
N THR B 304 -10.44 -19.05 -0.04
CA THR B 304 -10.35 -18.97 -1.49
C THR B 304 -9.31 -17.95 -1.92
N VAL B 305 -8.44 -18.34 -2.86
CA VAL B 305 -7.33 -17.51 -3.28
C VAL B 305 -7.44 -17.24 -4.78
N LYS B 306 -7.21 -15.99 -5.16
CA LYS B 306 -7.33 -15.61 -6.56
C LYS B 306 -5.99 -15.44 -7.25
N GLY B 307 -4.96 -14.99 -6.55
CA GLY B 307 -3.63 -14.86 -7.10
C GLY B 307 -2.79 -16.06 -6.73
N GLU B 308 -2.14 -16.01 -5.56
CA GLU B 308 -1.14 -17.00 -5.16
C GLU B 308 -1.24 -17.30 -3.68
N VAL B 309 -0.75 -18.45 -3.29
CA VAL B 309 -0.52 -18.80 -1.89
C VAL B 309 0.99 -18.82 -1.68
N ILE B 310 1.45 -18.15 -0.63
CA ILE B 310 2.86 -18.12 -0.25
C ILE B 310 3.02 -18.86 1.08
N ILE B 311 3.82 -19.90 1.09
CA ILE B 311 4.13 -20.64 2.31
C ILE B 311 5.39 -20.04 2.93
N SER B 312 5.29 -19.65 4.19
CA SER B 312 6.38 -19.03 4.91
C SER B 312 6.38 -19.51 6.35
N ALA B 313 6.07 -20.79 6.52
CA ALA B 313 6.02 -21.40 7.84
C ALA B 313 7.39 -21.73 8.41
N GLY B 314 8.47 -21.44 7.68
CA GLY B 314 9.81 -21.59 8.21
C GLY B 314 10.41 -22.92 7.85
N ALA B 315 11.73 -23.03 8.10
CA ALA B 315 12.48 -24.18 7.61
C ALA B 315 11.95 -25.49 8.17
N LEU B 316 11.35 -25.45 9.36
CA LEU B 316 10.85 -26.68 9.97
C LEU B 316 9.38 -26.94 9.64
N HIS B 317 8.57 -25.91 9.38
CA HIS B 317 7.14 -26.15 9.23
C HIS B 317 6.64 -26.07 7.80
N THR B 318 7.23 -25.23 6.95
CA THR B 318 6.93 -25.30 5.52
C THR B 318 6.95 -26.72 4.97
N PRO B 319 7.90 -27.60 5.31
CA PRO B 319 7.77 -29.00 4.86
C PRO B 319 6.57 -29.74 5.44
N THR B 320 6.08 -29.37 6.63
CA THR B 320 4.87 -30.04 7.12
C THR B 320 3.64 -29.55 6.39
N VAL B 321 3.57 -28.25 6.08
CA VAL B 321 2.48 -27.73 5.25
C VAL B 321 2.48 -28.40 3.89
N LEU B 322 3.66 -28.55 3.28
CA LEU B 322 3.73 -29.13 1.95
C LEU B 322 3.44 -30.63 1.98
N GLN B 323 3.99 -31.33 2.97
CA GLN B 323 3.75 -32.76 3.06
C GLN B 323 2.28 -33.03 3.31
N ARG B 324 1.66 -32.27 4.19
CA ARG B 324 0.24 -32.48 4.41
C ARG B 324 -0.57 -32.14 3.17
N SER B 325 0.00 -31.35 2.24
CA SER B 325 -0.61 -31.07 0.95
C SER B 325 -0.39 -32.18 -0.06
N GLY B 326 0.23 -33.29 0.33
CA GLY B 326 0.63 -34.27 -0.66
C GLY B 326 1.74 -33.80 -1.57
N ILE B 327 2.53 -32.83 -1.13
CA ILE B 327 3.65 -32.29 -1.91
C ILE B 327 4.92 -32.65 -1.16
N GLY B 328 5.63 -33.68 -1.63
CA GLY B 328 6.77 -34.19 -0.90
C GLY B 328 7.28 -35.52 -1.40
N PRO B 329 8.11 -36.20 -0.61
CA PRO B 329 8.68 -37.47 -1.06
C PRO B 329 7.58 -38.51 -1.14
N ALA B 330 7.36 -39.03 -2.36
CA ALA B 330 6.19 -39.88 -2.61
C ALA B 330 6.17 -41.08 -1.70
N SER B 331 7.33 -41.66 -1.40
CA SER B 331 7.35 -42.84 -0.55
C SER B 331 6.99 -42.47 0.89
N PHE B 332 7.45 -41.33 1.38
CA PHE B 332 7.01 -40.91 2.70
C PHE B 332 5.51 -40.62 2.71
N LEU B 333 4.99 -39.99 1.66
CA LEU B 333 3.57 -39.69 1.61
C LEU B 333 2.73 -40.97 1.57
N ASP B 334 3.19 -41.98 0.82
CA ASP B 334 2.48 -43.27 0.84
C ASP B 334 2.46 -43.86 2.25
N ASP B 335 3.63 -43.90 2.91
CA ASP B 335 3.71 -44.34 4.29
C ASP B 335 2.92 -43.44 5.26
N ALA B 336 2.66 -42.18 4.89
CA ALA B 336 1.85 -41.29 5.71
C ALA B 336 0.36 -41.39 5.42
N GLY B 337 -0.06 -42.26 4.51
CA GLY B 337 -1.45 -42.30 4.11
C GLY B 337 -1.96 -41.00 3.51
N ILE B 338 -1.10 -40.27 2.81
CA ILE B 338 -1.40 -38.97 2.21
C ILE B 338 -1.33 -39.13 0.70
N PRO B 339 -2.38 -38.81 -0.05
CA PRO B 339 -2.31 -38.91 -1.52
C PRO B 339 -1.27 -37.96 -2.09
N VAL B 340 -0.49 -38.46 -3.06
CA VAL B 340 0.56 -37.65 -3.66
C VAL B 340 -0.06 -36.64 -4.62
N THR B 341 0.18 -35.35 -4.36
CA THR B 341 -0.19 -34.28 -5.28
C THR B 341 0.98 -33.95 -6.22
N LEU B 342 2.13 -33.62 -5.63
CA LEU B 342 3.40 -33.48 -6.31
C LEU B 342 4.39 -34.39 -5.59
N ASP B 343 5.17 -35.16 -6.34
CA ASP B 343 6.25 -35.94 -5.74
C ASP B 343 7.51 -35.10 -5.87
N LEU B 344 7.84 -34.38 -4.78
CA LEU B 344 9.04 -33.57 -4.67
C LEU B 344 9.82 -34.06 -3.45
N PRO B 345 10.75 -35.01 -3.62
CA PRO B 345 11.50 -35.53 -2.46
C PRO B 345 12.33 -34.50 -1.74
N GLY B 346 12.55 -33.32 -2.32
CA GLY B 346 13.24 -32.27 -1.60
C GLY B 346 12.48 -31.68 -0.44
N VAL B 347 11.17 -31.96 -0.34
CA VAL B 347 10.32 -31.33 0.67
C VAL B 347 10.65 -31.96 2.03
N GLY B 348 11.26 -31.18 2.91
CA GLY B 348 11.76 -31.67 4.18
C GLY B 348 13.11 -32.36 4.10
N ALA B 349 13.72 -32.43 2.92
CA ALA B 349 15.04 -33.02 2.78
C ALA B 349 16.07 -31.90 2.87
N ASN B 350 17.35 -32.26 2.79
CA ASN B 350 18.42 -31.26 2.67
C ASN B 350 18.52 -30.38 3.90
N LEU B 351 18.00 -30.81 5.05
CA LEU B 351 18.05 -29.99 6.24
C LEU B 351 19.50 -29.73 6.63
N GLN B 352 19.81 -28.46 6.84
CA GLN B 352 21.13 -27.99 7.22
C GLN B 352 21.00 -27.07 8.42
N ASP B 353 22.07 -26.99 9.19
CA ASP B 353 22.12 -26.02 10.27
C ASP B 353 23.58 -25.87 10.67
N HIS B 354 23.84 -24.83 11.44
CA HIS B 354 25.15 -24.59 12.01
C HIS B 354 25.27 -25.33 13.33
N CYS B 355 26.47 -25.86 13.59
CA CYS B 355 26.78 -26.65 14.78
C CYS B 355 28.28 -26.53 15.03
N GLY B 356 28.71 -26.90 16.24
CA GLY B 356 30.12 -26.84 16.57
C GLY B 356 30.51 -27.08 18.02
N PRO B 357 31.77 -27.47 18.23
CA PRO B 357 32.28 -27.74 19.58
C PRO B 357 32.97 -26.52 20.18
N PRO B 358 33.18 -26.53 21.51
CA PRO B 358 33.88 -25.43 22.17
C PRO B 358 35.37 -25.68 22.38
N VAL B 359 36.08 -24.60 22.70
CA VAL B 359 37.42 -24.63 23.28
C VAL B 359 37.36 -23.73 24.51
N THR B 360 37.72 -24.27 25.68
CA THR B 360 37.48 -23.56 26.94
C THR B 360 38.77 -23.36 27.72
N TRP B 361 38.78 -22.34 28.58
CA TRP B 361 39.95 -22.04 29.37
C TRP B 361 39.55 -21.41 30.69
N ASN B 362 40.45 -21.55 31.68
CA ASN B 362 40.44 -20.81 32.94
C ASN B 362 41.55 -19.75 32.85
N TYR B 363 41.67 -18.92 33.88
CA TYR B 363 42.80 -18.00 34.00
C TYR B 363 43.56 -18.30 35.29
N THR B 364 44.88 -18.27 35.22
CA THR B 364 45.70 -18.60 36.38
C THR B 364 46.23 -17.39 37.14
N GLU B 365 46.21 -16.24 36.50
CA GLU B 365 46.28 -14.94 37.12
C GLU B 365 44.86 -14.40 37.28
N PRO B 366 44.62 -13.50 38.22
CA PRO B 366 43.25 -12.94 38.37
C PRO B 366 42.86 -12.07 37.18
N TYR B 367 41.57 -12.13 36.84
CA TYR B 367 41.04 -11.44 35.66
C TYR B 367 40.76 -9.98 36.02
N THR B 368 41.78 -9.14 35.91
CA THR B 368 41.74 -7.78 36.42
C THR B 368 41.77 -6.75 35.31
N GLY B 369 41.52 -5.51 35.69
CA GLY B 369 41.61 -4.42 34.75
C GLY B 369 40.35 -4.15 33.96
N PHE B 370 39.31 -4.96 34.13
CA PHE B 370 38.09 -4.82 33.35
C PHE B 370 36.91 -4.47 34.26
N PHE B 371 36.24 -3.36 33.99
CA PHE B 371 34.94 -3.09 34.58
C PHE B 371 34.13 -2.31 33.55
N PRO B 372 32.86 -2.71 33.29
CA PRO B 372 32.23 -3.89 33.93
C PRO B 372 32.33 -5.17 33.11
N LEU B 373 32.37 -6.29 33.80
CA LEU B 373 32.28 -7.64 33.26
C LEU B 373 30.90 -8.23 33.58
N PRO B 374 30.50 -9.29 32.87
CA PRO B 374 29.12 -9.80 33.06
C PRO B 374 28.79 -10.20 34.49
N SER B 375 29.74 -10.73 35.27
CA SER B 375 29.41 -11.11 36.63
C SER B 375 28.84 -9.94 37.43
N GLU B 376 29.17 -8.70 37.07
CA GLU B 376 28.65 -7.53 37.79
C GLU B 376 27.13 -7.55 37.92
N MET B 377 26.42 -8.00 36.86
CA MET B 377 24.97 -8.17 36.95
C MET B 377 24.57 -9.18 38.01
N VAL B 378 25.41 -10.14 38.29
CA VAL B 378 25.11 -11.17 39.23
C VAL B 378 25.59 -10.86 40.64
N ASN B 379 26.47 -9.91 40.77
CA ASN B 379 27.09 -9.57 42.03
C ASN B 379 26.69 -8.28 42.70
N ASN B 380 26.41 -7.26 41.91
CA ASN B 380 26.14 -5.94 42.41
C ASN B 380 24.70 -5.56 42.16
N ALA B 381 23.88 -5.49 43.21
CA ALA B 381 22.48 -5.09 43.01
C ALA B 381 22.38 -3.68 42.45
N THR B 382 23.27 -2.79 42.89
CA THR B 382 23.34 -1.40 42.41
C THR B 382 23.53 -1.34 40.90
N PHE B 383 24.62 -1.95 40.43
CA PHE B 383 24.89 -2.07 39.00
C PHE B 383 23.67 -2.60 38.24
N LYS B 384 23.03 -3.67 38.74
CA LYS B 384 21.94 -4.27 38.00
C LYS B 384 20.68 -3.41 38.05
N ALA B 385 20.38 -2.81 39.21
CA ALA B 385 19.22 -1.92 39.29
C ALA B 385 19.39 -0.76 38.33
N GLU B 386 20.61 -0.26 38.18
N GLU B 386 20.61 -0.24 38.20
CA GLU B 386 20.82 0.84 37.26
CA GLU B 386 20.88 0.84 37.26
C GLU B 386 20.72 0.38 35.81
C GLU B 386 20.68 0.36 35.82
N ALA B 387 21.23 -0.82 35.50
CA ALA B 387 21.00 -1.42 34.19
C ALA B 387 19.51 -1.48 33.87
N ILE B 388 18.71 -1.97 34.82
CA ILE B 388 17.28 -2.06 34.59
C ILE B 388 16.71 -0.67 34.31
N THR B 389 17.18 0.34 35.04
CA THR B 389 16.62 1.66 34.85
C THR B 389 17.27 2.40 33.68
N GLY B 390 18.53 2.10 33.37
CA GLY B 390 19.14 2.68 32.18
C GLY B 390 18.43 2.27 30.91
N PHE B 391 17.78 1.09 30.94
CA PHE B 391 17.10 0.56 29.77
C PHE B 391 15.83 1.32 29.43
N ASP B 392 15.20 1.94 30.42
CA ASP B 392 13.98 2.70 30.17
C ASP B 392 14.26 4.16 29.92
N GLU B 393 15.50 4.60 30.07
CA GLU B 393 15.84 5.95 29.70
C GLU B 393 15.71 6.13 28.18
N VAL B 394 15.57 7.37 27.75
CA VAL B 394 15.52 7.68 26.31
C VAL B 394 16.62 8.70 26.00
N PRO B 395 17.70 8.28 25.33
CA PRO B 395 17.84 6.95 24.75
C PRO B 395 18.25 5.89 25.78
N ALA B 396 18.03 4.62 25.41
CA ALA B 396 18.38 3.53 26.28
C ALA B 396 19.88 3.55 26.61
N ARG B 397 20.22 3.18 27.84
CA ARG B 397 21.57 3.25 28.36
C ARG B 397 21.89 1.95 29.09
N GLY B 398 23.17 1.59 29.09
CA GLY B 398 23.66 0.55 29.98
C GLY B 398 23.58 -0.87 29.43
N PRO B 399 23.98 -1.83 30.27
CA PRO B 399 24.19 -3.21 29.78
C PRO B 399 23.06 -3.80 28.94
N TYR B 400 21.80 -3.54 29.28
CA TYR B 400 20.71 -4.21 28.58
C TYR B 400 20.56 -3.76 27.14
N THR B 401 21.19 -2.66 26.73
CA THR B 401 21.12 -2.28 25.32
C THR B 401 21.93 -3.22 24.47
N LEU B 402 22.84 -3.96 25.06
CA LEU B 402 23.50 -5.06 24.38
C LEU B 402 22.52 -6.21 24.13
N ALA B 403 22.59 -6.82 22.95
CA ALA B 403 21.91 -8.09 22.70
C ALA B 403 22.82 -9.24 23.11
N GLY B 404 23.19 -10.13 22.20
CA GLY B 404 24.09 -11.22 22.53
C GLY B 404 25.56 -10.99 22.24
N GLY B 405 25.93 -9.79 21.80
CA GLY B 405 27.29 -9.54 21.40
C GLY B 405 27.33 -9.15 19.94
N ASN B 406 28.40 -8.46 19.55
CA ASN B 406 28.46 -7.81 18.23
C ASN B 406 29.75 -8.14 17.48
N ASN B 407 30.41 -9.25 17.85
CA ASN B 407 31.69 -9.62 17.28
C ASN B 407 31.71 -11.08 16.88
N ALA B 408 32.35 -11.35 15.74
CA ALA B 408 32.72 -12.71 15.39
C ALA B 408 33.93 -12.64 14.49
N ILE B 409 34.71 -13.68 14.48
CA ILE B 409 35.69 -13.89 13.41
C ILE B 409 35.04 -14.78 12.38
N PHE B 410 35.38 -14.53 11.11
CA PHE B 410 34.97 -15.38 9.99
C PHE B 410 36.26 -15.72 9.25
N VAL B 411 36.73 -16.96 9.40
CA VAL B 411 38.00 -17.38 8.83
C VAL B 411 37.78 -18.43 7.75
N SER B 412 38.33 -18.19 6.57
CA SER B 412 38.24 -19.17 5.49
C SER B 412 39.06 -20.42 5.82
N LEU B 413 38.64 -21.55 5.24
CA LEU B 413 39.40 -22.79 5.42
C LEU B 413 40.87 -22.66 5.01
N PRO B 414 41.21 -22.08 3.84
CA PRO B 414 42.64 -21.94 3.50
C PRO B 414 43.44 -21.15 4.54
N HIS B 415 42.83 -20.10 5.10
CA HIS B 415 43.50 -19.31 6.12
C HIS B 415 43.60 -20.05 7.44
N LEU B 416 42.57 -20.80 7.82
CA LEU B 416 42.67 -21.43 9.13
C LEU B 416 43.47 -22.74 9.11
N THR B 417 43.85 -23.24 7.92
CA THR B 417 44.61 -24.48 7.85
C THR B 417 45.98 -24.33 7.21
N ALA B 418 46.38 -23.11 6.87
CA ALA B 418 47.63 -22.89 6.14
C ALA B 418 47.57 -23.60 4.80
N ASP B 419 46.47 -23.35 4.10
CA ASP B 419 46.27 -23.72 2.71
C ASP B 419 46.42 -25.23 2.49
N TYR B 420 45.64 -26.00 3.23
CA TYR B 420 45.63 -27.44 3.11
C TYR B 420 44.38 -27.89 2.36
N GLY B 421 44.59 -28.60 1.25
CA GLY B 421 43.50 -28.95 0.39
C GLY B 421 42.99 -30.37 0.55
N ALA B 422 43.26 -31.04 1.67
CA ALA B 422 42.73 -32.39 1.72
C ALA B 422 41.23 -32.42 1.94
N ILE B 423 40.69 -31.48 2.71
CA ILE B 423 39.25 -31.46 2.93
C ILE B 423 38.52 -31.35 1.59
N THR B 424 38.88 -30.35 0.77
CA THR B 424 38.18 -30.16 -0.49
C THR B 424 38.51 -31.27 -1.50
N ALA B 425 39.71 -31.83 -1.41
CA ALA B 425 40.03 -33.03 -2.21
C ALA B 425 39.17 -34.19 -1.76
N LYS B 426 39.05 -34.40 -0.45
CA LYS B 426 38.18 -35.44 0.05
C LYS B 426 36.78 -35.29 -0.54
N ILE B 427 36.25 -34.06 -0.51
CA ILE B 427 34.90 -33.79 -1.04
C ILE B 427 34.82 -34.20 -2.50
N ARG B 428 35.74 -33.69 -3.33
CA ARG B 428 35.63 -33.93 -4.76
C ARG B 428 35.81 -35.42 -5.08
N ALA B 429 36.77 -36.07 -4.43
CA ALA B 429 36.97 -37.51 -4.63
C ALA B 429 35.71 -38.27 -4.30
N MET B 430 35.09 -37.93 -3.17
CA MET B 430 33.88 -38.58 -2.69
C MET B 430 32.75 -38.48 -3.70
N VAL B 431 32.68 -37.38 -4.44
CA VAL B 431 31.73 -37.27 -5.54
C VAL B 431 32.21 -38.12 -6.70
N ALA B 432 33.47 -37.96 -7.08
CA ALA B 432 33.99 -38.61 -8.30
C ALA B 432 33.86 -40.12 -8.24
N ASP B 433 33.93 -40.72 -7.04
CA ASP B 433 33.82 -42.15 -6.92
C ASP B 433 32.42 -42.60 -6.48
N GLY B 434 31.46 -41.69 -6.42
CA GLY B 434 30.10 -42.06 -6.14
C GLY B 434 29.82 -42.54 -4.74
N THR B 435 30.68 -42.27 -3.78
CA THR B 435 30.38 -42.64 -2.42
C THR B 435 29.72 -41.52 -1.65
N ALA B 436 29.69 -40.30 -2.21
CA ALA B 436 29.01 -39.19 -1.55
C ALA B 436 27.57 -39.56 -1.17
N ALA B 437 26.87 -40.30 -2.03
CA ALA B 437 25.46 -40.61 -1.80
C ALA B 437 25.28 -41.43 -0.54
N SER B 438 26.25 -42.28 -0.21
CA SER B 438 26.13 -43.14 0.95
C SER B 438 25.88 -42.36 2.24
N TYR B 439 26.20 -41.06 2.27
CA TYR B 439 26.05 -40.22 3.45
C TYR B 439 24.68 -39.57 3.54
N LEU B 440 23.84 -39.71 2.52
CA LEU B 440 22.44 -39.29 2.62
C LEU B 440 21.61 -40.37 3.33
N ALA B 441 20.40 -40.01 3.73
CA ALA B 441 19.52 -40.97 4.39
C ALA B 441 19.09 -42.07 3.43
N ALA B 442 18.77 -43.24 3.98
CA ALA B 442 18.50 -44.40 3.13
C ALA B 442 17.36 -44.14 2.15
N ASP B 443 16.27 -43.49 2.59
CA ASP B 443 15.19 -43.20 1.66
C ASP B 443 15.48 -41.99 0.76
N VAL B 444 16.71 -41.48 0.79
CA VAL B 444 17.13 -40.35 -0.02
C VAL B 444 18.19 -40.77 -1.04
N ARG B 445 19.20 -41.55 -0.60
CA ARG B 445 20.32 -41.90 -1.46
C ARG B 445 19.89 -42.69 -2.69
N THR B 446 18.69 -43.30 -2.65
CA THR B 446 18.18 -44.08 -3.76
C THR B 446 17.55 -43.21 -4.86
N ILE B 447 17.22 -41.96 -4.57
CA ILE B 447 16.55 -41.09 -5.51
C ILE B 447 17.61 -40.39 -6.37
N PRO B 448 17.75 -40.75 -7.66
CA PRO B 448 18.82 -40.12 -8.47
C PRO B 448 18.83 -38.60 -8.41
N GLY B 449 17.66 -37.96 -8.42
CA GLY B 449 17.61 -36.52 -8.28
C GLY B 449 18.25 -36.05 -7.00
N MET B 450 18.06 -36.79 -5.91
CA MET B 450 18.58 -36.34 -4.62
C MET B 450 20.10 -36.40 -4.60
N VAL B 451 20.69 -37.47 -5.15
CA VAL B 451 22.15 -37.55 -5.15
C VAL B 451 22.73 -36.58 -6.19
N ALA B 452 22.02 -36.34 -7.29
CA ALA B 452 22.49 -35.35 -8.26
C ALA B 452 22.62 -33.98 -7.60
N GLY B 453 21.61 -33.59 -6.82
CA GLY B 453 21.68 -32.30 -6.15
C GLY B 453 22.69 -32.26 -5.04
N TYR B 454 22.78 -33.34 -4.26
CA TYR B 454 23.78 -33.41 -3.19
C TYR B 454 25.18 -33.36 -3.77
N GLU B 455 25.38 -34.02 -4.92
CA GLU B 455 26.69 -33.97 -5.57
C GLU B 455 27.00 -32.57 -6.05
N ALA B 456 26.01 -31.90 -6.66
CA ALA B 456 26.20 -30.51 -7.08
C ALA B 456 26.56 -29.63 -5.89
N GLN B 457 25.85 -29.79 -4.76
CA GLN B 457 26.16 -29.05 -3.55
C GLN B 457 27.61 -29.24 -3.13
N LEU B 458 28.08 -30.49 -3.06
CA LEU B 458 29.41 -30.77 -2.57
C LEU B 458 30.48 -30.14 -3.47
N LEU B 459 30.32 -30.29 -4.79
CA LEU B 459 31.28 -29.68 -5.70
C LEU B 459 31.31 -28.16 -5.52
N VAL B 460 30.14 -27.52 -5.41
CA VAL B 460 30.09 -26.07 -5.13
C VAL B 460 30.74 -25.74 -3.80
N LEU B 461 30.42 -26.52 -2.75
CA LEU B 461 31.01 -26.29 -1.44
C LEU B 461 32.51 -26.50 -1.45
N ALA B 462 32.99 -27.46 -2.25
CA ALA B 462 34.42 -27.69 -2.38
C ALA B 462 35.10 -26.47 -2.98
N ASP B 463 34.50 -25.91 -4.04
CA ASP B 463 35.03 -24.67 -4.59
C ASP B 463 34.95 -23.55 -3.57
N LEU B 464 33.79 -23.41 -2.90
CA LEU B 464 33.64 -22.36 -1.89
C LEU B 464 34.71 -22.46 -0.82
N LEU B 465 34.85 -23.65 -0.23
CA LEU B 465 35.81 -23.87 0.84
C LEU B 465 37.26 -23.68 0.35
N ASP B 466 37.51 -23.71 -0.95
CA ASP B 466 38.82 -23.38 -1.47
C ASP B 466 39.07 -21.88 -1.57
N ASN B 467 38.02 -21.07 -1.59
CA ASN B 467 38.17 -19.62 -1.67
C ASN B 467 38.68 -19.07 -0.35
N PRO B 468 39.84 -18.40 -0.33
CA PRO B 468 40.33 -17.82 0.94
C PRO B 468 39.54 -16.60 1.39
N GLU B 469 38.66 -16.05 0.57
N GLU B 469 38.66 -16.05 0.55
CA GLU B 469 37.78 -14.98 1.03
CA GLU B 469 37.76 -14.99 0.96
C GLU B 469 36.42 -15.50 1.50
C GLU B 469 36.48 -15.52 1.60
N ALA B 470 36.18 -16.82 1.44
CA ALA B 470 34.90 -17.38 1.87
C ALA B 470 35.01 -17.95 3.27
N PRO B 471 34.35 -17.39 4.28
CA PRO B 471 34.43 -17.95 5.64
C PRO B 471 34.00 -19.41 5.69
N SER B 472 34.77 -20.18 6.45
CA SER B 472 34.45 -21.56 6.76
C SER B 472 34.17 -21.77 8.22
N LEU B 473 34.82 -21.00 9.08
CA LEU B 473 34.62 -21.03 10.52
C LEU B 473 34.09 -19.69 11.01
N GLU B 474 33.10 -19.71 11.90
CA GLU B 474 32.73 -18.53 12.67
C GLU B 474 32.90 -18.80 14.15
N THR B 475 33.41 -17.79 14.86
CA THR B 475 33.58 -17.82 16.30
C THR B 475 33.15 -16.48 16.85
N PRO B 476 32.03 -16.41 17.54
CA PRO B 476 31.58 -15.13 18.09
C PRO B 476 32.16 -14.95 19.49
N TRP B 477 32.16 -13.70 19.94
CA TRP B 477 32.54 -13.41 21.30
C TRP B 477 32.02 -12.03 21.66
N ALA B 478 31.65 -11.87 22.93
CA ALA B 478 31.39 -10.55 23.49
C ALA B 478 32.24 -10.27 24.71
N THR B 479 32.91 -11.27 25.25
CA THR B 479 33.51 -11.21 26.57
C THR B 479 34.22 -12.54 26.79
N SER B 480 35.20 -12.51 27.68
CA SER B 480 36.07 -13.66 27.92
C SER B 480 36.13 -13.99 29.41
N GLU B 481 35.19 -13.48 30.20
CA GLU B 481 35.24 -13.73 31.63
C GLU B 481 35.04 -15.22 31.89
N ALA B 482 35.89 -15.78 32.76
CA ALA B 482 35.93 -17.16 33.19
C ALA B 482 35.05 -17.34 34.43
N PRO B 483 34.34 -18.46 34.56
CA PRO B 483 34.41 -19.59 33.62
C PRO B 483 33.29 -19.63 32.57
N GLN B 484 32.23 -18.84 32.70
CA GLN B 484 31.05 -19.09 31.86
C GLN B 484 31.25 -18.62 30.43
N THR B 485 32.05 -17.58 30.21
CA THR B 485 32.29 -17.09 28.85
C THR B 485 33.77 -17.15 28.47
N SER B 486 34.55 -18.00 29.13
CA SER B 486 35.94 -18.25 28.72
C SER B 486 35.94 -19.46 27.79
N SER B 487 35.38 -19.24 26.61
CA SER B 487 35.20 -20.28 25.63
C SER B 487 34.91 -19.66 24.27
N VAL B 488 35.14 -20.45 23.24
CA VAL B 488 34.91 -20.06 21.87
C VAL B 488 34.24 -21.26 21.22
N LEU B 489 33.23 -21.00 20.41
CA LEU B 489 32.61 -22.08 19.66
C LEU B 489 33.12 -22.04 18.23
N ALA B 490 33.22 -23.21 17.63
CA ALA B 490 33.70 -23.31 16.27
C ALA B 490 32.50 -23.66 15.40
N PHE B 491 31.80 -22.62 14.94
CA PHE B 491 30.63 -22.75 14.07
C PHE B 491 31.06 -23.37 12.75
N LEU B 492 30.58 -24.57 12.46
CA LEU B 492 30.77 -25.17 11.14
C LEU B 492 29.82 -24.47 10.16
N LEU B 493 30.35 -23.51 9.40
CA LEU B 493 29.50 -22.65 8.57
C LEU B 493 28.92 -23.39 7.37
N HIS B 494 29.67 -24.32 6.77
CA HIS B 494 29.22 -25.01 5.54
C HIS B 494 29.27 -26.52 5.71
N PRO B 495 28.32 -27.08 6.44
CA PRO B 495 28.30 -28.52 6.64
C PRO B 495 27.82 -29.28 5.41
N LEU B 496 28.36 -30.50 5.26
CA LEU B 496 27.99 -31.37 4.17
C LEU B 496 26.95 -32.39 4.58
N SER B 497 26.69 -32.54 5.88
CA SER B 497 25.66 -33.47 6.35
C SER B 497 24.27 -32.89 6.13
N ARG B 498 23.32 -33.79 5.88
CA ARG B 498 21.96 -33.42 5.49
C ARG B 498 20.95 -34.24 6.29
N GLY B 499 19.87 -33.56 6.70
CA GLY B 499 18.84 -34.18 7.51
C GLY B 499 17.45 -34.06 6.94
N SER B 500 16.45 -34.44 7.73
CA SER B 500 15.07 -34.42 7.27
C SER B 500 14.18 -33.74 8.30
N VAL B 501 13.12 -33.12 7.78
CA VAL B 501 12.00 -32.64 8.58
C VAL B 501 10.78 -33.37 8.04
N ARG B 502 10.19 -34.23 8.85
CA ARG B 502 9.10 -35.08 8.40
C ARG B 502 7.92 -35.00 9.37
N LEU B 503 6.71 -35.14 8.81
CA LEU B 503 5.50 -35.23 9.61
C LEU B 503 5.67 -36.28 10.69
N ASN B 504 5.14 -35.99 11.88
CA ASN B 504 4.96 -37.02 12.89
C ASN B 504 3.73 -37.80 12.49
N LEU B 505 3.92 -39.05 12.10
CA LEU B 505 2.81 -39.83 11.58
C LEU B 505 1.75 -40.10 12.63
N SER B 506 2.11 -40.09 13.92
CA SER B 506 1.11 -40.31 14.97
C SER B 506 0.17 -39.12 15.12
N ASP B 507 0.72 -37.90 15.06
CA ASP B 507 -0.06 -36.65 15.13
C ASP B 507 0.44 -35.74 14.02
N PRO B 508 -0.06 -35.92 12.79
CA PRO B 508 0.46 -35.13 11.66
C PRO B 508 0.35 -33.63 11.85
N LEU B 509 -0.63 -33.14 12.62
CA LEU B 509 -0.73 -31.69 12.82
C LEU B 509 0.22 -31.16 13.91
N ALA B 510 0.78 -32.04 14.76
CA ALA B 510 1.80 -31.64 15.72
C ALA B 510 3.11 -31.29 14.99
N GLN B 511 4.11 -30.85 15.76
CA GLN B 511 5.38 -30.41 15.18
C GLN B 511 6.15 -31.59 14.55
N PRO B 512 6.91 -31.34 13.49
CA PRO B 512 7.62 -32.43 12.79
C PRO B 512 8.63 -33.18 13.65
N VAL B 513 9.02 -34.35 13.12
CA VAL B 513 10.20 -35.06 13.58
C VAL B 513 11.41 -34.51 12.83
N LEU B 514 12.46 -34.16 13.58
CA LEU B 514 13.69 -33.64 13.00
C LEU B 514 14.74 -34.74 13.06
N ASP B 515 15.23 -35.13 11.90
CA ASP B 515 16.35 -36.06 11.79
C ASP B 515 17.56 -35.28 11.31
N TYR B 516 18.30 -34.69 12.25
CA TYR B 516 19.42 -33.83 11.89
C TYR B 516 20.52 -34.62 11.19
N ARG B 517 20.78 -35.83 11.65
CA ARG B 517 21.89 -36.64 11.18
C ARG B 517 23.18 -35.82 11.11
N SER B 518 23.47 -35.13 12.20
CA SER B 518 24.67 -34.34 12.26
C SER B 518 25.87 -35.24 12.06
N GLY B 519 26.84 -34.76 11.28
CA GLY B 519 28.06 -35.52 11.09
C GLY B 519 27.86 -36.80 10.34
N SER B 520 26.73 -36.94 9.65
CA SER B 520 26.52 -38.07 8.77
C SER B 520 27.57 -38.12 7.67
N ASN B 521 27.99 -36.96 7.13
CA ASN B 521 29.06 -36.93 6.14
C ASN B 521 30.37 -36.69 6.86
N PRO B 522 31.34 -37.61 6.77
CA PRO B 522 32.51 -37.54 7.67
C PRO B 522 33.35 -36.28 7.51
N VAL B 523 33.24 -35.58 6.38
CA VAL B 523 34.01 -34.36 6.18
C VAL B 523 33.68 -33.31 7.24
N ASP B 524 32.43 -33.32 7.74
CA ASP B 524 32.09 -32.38 8.81
C ASP B 524 32.99 -32.60 10.02
N ILE B 525 33.33 -33.86 10.33
CA ILE B 525 34.21 -34.11 11.46
C ILE B 525 35.59 -33.55 11.17
N ASP B 526 36.09 -33.75 9.95
CA ASP B 526 37.37 -33.18 9.54
C ASP B 526 37.35 -31.66 9.72
N LEU B 527 36.28 -31.02 9.27
CA LEU B 527 36.15 -29.58 9.43
C LEU B 527 36.18 -29.18 10.89
N HIS B 528 35.42 -29.88 11.73
CA HIS B 528 35.46 -29.63 13.17
C HIS B 528 36.87 -29.69 13.71
N LEU B 529 37.64 -30.73 13.34
CA LEU B 529 39.01 -30.86 13.84
C LEU B 529 39.84 -29.66 13.41
N ALA B 530 39.77 -29.30 12.12
CA ALA B 530 40.53 -28.17 11.62
C ALA B 530 40.11 -26.89 12.31
N HIS B 531 38.81 -26.69 12.48
CA HIS B 531 38.32 -25.50 13.17
C HIS B 531 38.80 -25.44 14.61
N VAL B 532 38.67 -26.56 15.35
CA VAL B 532 39.07 -26.58 16.76
C VAL B 532 40.57 -26.38 16.89
N ARG B 533 41.33 -27.09 16.06
CA ARG B 533 42.78 -27.00 16.13
C ARG B 533 43.26 -25.59 15.86
N PHE B 534 42.71 -24.92 14.85
CA PHE B 534 43.03 -23.51 14.64
C PHE B 534 42.68 -22.67 15.87
N LEU B 535 41.48 -22.87 16.42
CA LEU B 535 41.06 -22.06 17.56
C LEU B 535 41.96 -22.25 18.77
N ARG B 536 42.52 -23.45 18.95
CA ARG B 536 43.33 -23.68 20.15
C ARG B 536 44.50 -22.71 20.22
N GLY B 537 44.99 -22.26 19.05
CA GLY B 537 46.06 -21.29 18.99
C GLY B 537 45.73 -19.96 19.65
N LEU B 538 44.43 -19.65 19.76
CA LEU B 538 43.99 -18.49 20.55
C LEU B 538 44.74 -18.41 21.86
N LEU B 539 44.82 -19.53 22.57
CA LEU B 539 45.45 -19.58 23.88
C LEU B 539 46.96 -19.42 23.85
N ASP B 540 47.60 -19.47 22.69
CA ASP B 540 49.02 -19.23 22.60
C ASP B 540 49.36 -17.79 22.30
N THR B 541 48.35 -16.96 22.08
CA THR B 541 48.61 -15.58 21.73
C THR B 541 49.25 -14.87 22.93
N PRO B 542 50.17 -13.93 22.68
CA PRO B 542 50.74 -13.19 23.81
C PRO B 542 49.67 -12.58 24.68
N THR B 543 48.54 -12.16 24.09
CA THR B 543 47.49 -11.54 24.89
C THR B 543 46.91 -12.54 25.88
N MET B 544 46.59 -13.76 25.43
CA MET B 544 45.98 -14.76 26.32
C MET B 544 47.00 -15.32 27.30
N GLN B 545 48.28 -15.33 26.92
CA GLN B 545 49.32 -15.76 27.83
C GLN B 545 49.58 -14.71 28.90
N ALA B 546 49.50 -13.43 28.54
CA ALA B 546 49.55 -12.38 29.55
C ALA B 546 48.47 -12.57 30.62
N ARG B 547 47.35 -13.17 30.28
CA ARG B 547 46.25 -13.35 31.23
C ARG B 547 46.29 -14.68 31.97
N GLY B 548 47.24 -15.55 31.65
CA GLY B 548 47.26 -16.86 32.27
C GLY B 548 46.18 -17.78 31.75
N ALA B 549 45.82 -17.64 30.48
CA ALA B 549 44.82 -18.52 29.90
C ALA B 549 45.35 -19.93 29.90
N LEU B 550 44.59 -20.84 30.52
CA LEU B 550 44.94 -22.25 30.63
C LEU B 550 43.81 -23.10 30.04
N GLU B 551 44.10 -23.78 28.93
CA GLU B 551 43.06 -24.58 28.26
C GLU B 551 42.47 -25.60 29.22
N THR B 552 41.15 -25.75 29.16
CA THR B 552 40.45 -26.77 29.93
C THR B 552 39.82 -27.86 29.05
N ALA B 553 39.54 -27.56 27.78
CA ALA B 553 39.01 -28.50 26.80
C ALA B 553 39.34 -27.97 25.42
N PRO B 554 39.68 -28.83 24.44
CA PRO B 554 39.81 -30.29 24.57
C PRO B 554 41.11 -30.74 25.22
N GLY B 555 42.10 -29.87 25.25
CA GLY B 555 43.40 -30.24 25.81
C GLY B 555 44.32 -30.81 24.76
N SER B 556 45.63 -30.60 24.99
CA SER B 556 46.64 -31.01 24.01
C SER B 556 46.56 -32.49 23.70
N ALA B 557 46.39 -33.31 24.73
CA ALA B 557 46.39 -34.75 24.52
C ALA B 557 45.32 -35.16 23.52
N VAL B 558 44.11 -34.62 23.69
CA VAL B 558 43.01 -34.95 22.78
C VAL B 558 43.26 -34.34 21.42
N ALA B 559 43.56 -33.03 21.38
CA ALA B 559 43.67 -32.31 20.12
C ALA B 559 44.65 -32.97 19.17
N ASP B 560 45.76 -33.50 19.69
CA ASP B 560 46.80 -34.01 18.82
C ASP B 560 46.41 -35.33 18.17
N SER B 561 45.42 -36.04 18.70
CA SER B 561 44.94 -37.29 18.11
C SER B 561 43.69 -37.02 17.29
N ASP B 562 43.75 -37.32 15.98
CA ASP B 562 42.54 -37.26 15.16
C ASP B 562 41.42 -38.07 15.79
N GLU B 563 41.74 -39.26 16.29
CA GLU B 563 40.71 -40.12 16.84
C GLU B 563 40.15 -39.54 18.14
N ALA B 564 41.02 -39.02 19.00
CA ALA B 564 40.54 -38.46 20.27
C ALA B 564 39.81 -37.15 20.04
N LEU B 565 40.35 -36.27 19.17
CA LEU B 565 39.66 -35.01 18.90
C LEU B 565 38.36 -35.26 18.17
N GLY B 566 38.36 -36.24 17.26
CA GLY B 566 37.12 -36.63 16.60
C GLY B 566 36.08 -37.10 17.59
N GLU B 567 36.49 -37.85 18.61
CA GLU B 567 35.59 -38.19 19.69
C GLU B 567 35.09 -36.94 20.41
N TYR B 568 35.98 -35.97 20.63
CA TYR B 568 35.61 -34.78 21.39
C TYR B 568 34.55 -33.98 20.65
N VAL B 569 34.73 -33.79 19.33
CA VAL B 569 33.78 -32.96 18.61
C VAL B 569 32.45 -33.68 18.49
N ARG B 570 32.47 -35.02 18.46
CA ARG B 570 31.22 -35.75 18.24
C ARG B 570 30.33 -35.73 19.47
N SER B 571 30.89 -35.50 20.65
CA SER B 571 30.11 -35.55 21.87
C SER B 571 29.94 -34.19 22.54
N HIS B 572 30.75 -33.20 22.18
CA HIS B 572 30.72 -31.90 22.85
C HIS B 572 30.26 -30.76 21.96
N SER B 573 29.79 -31.05 20.74
CA SER B 573 29.31 -30.00 19.86
C SER B 573 27.86 -29.69 20.17
N THR B 574 27.51 -28.41 20.11
CA THR B 574 26.09 -28.04 20.03
C THR B 574 25.62 -28.35 18.61
N LEU B 575 24.61 -29.20 18.50
CA LEU B 575 24.22 -29.68 17.18
C LEU B 575 23.43 -28.64 16.38
N SER B 576 22.90 -27.61 17.04
CA SER B 576 22.12 -26.59 16.35
C SER B 576 22.33 -25.24 17.00
N PHE B 577 22.77 -24.27 16.22
CA PHE B 577 22.68 -22.89 16.65
C PHE B 577 21.39 -22.22 16.16
N MET B 578 20.34 -23.01 16.00
CA MET B 578 19.01 -22.51 15.64
C MET B 578 19.03 -21.79 14.30
N HIS B 579 19.77 -22.33 13.33
CA HIS B 579 19.70 -21.84 11.95
C HIS B 579 19.28 -22.92 10.97
N PRO B 580 18.19 -23.67 11.21
CA PRO B 580 17.80 -24.71 10.24
C PRO B 580 17.33 -24.10 8.93
N CYS B 581 17.55 -24.84 7.86
CA CYS B 581 17.28 -24.35 6.53
C CYS B 581 17.15 -25.35 5.42
N CYS B 582 16.70 -24.86 4.30
CA CYS B 582 17.05 -25.54 3.07
C CYS B 582 16.15 -26.75 2.79
N THR B 583 15.01 -26.83 3.49
CA THR B 583 14.11 -27.96 3.40
C THR B 583 13.10 -27.85 2.26
N ALA B 584 13.14 -26.75 1.49
CA ALA B 584 12.38 -26.64 0.27
C ALA B 584 13.25 -25.92 -0.75
N ALA B 585 14.36 -26.56 -1.10
CA ALA B 585 15.48 -25.89 -1.75
C ALA B 585 15.09 -25.23 -3.07
N MET B 586 15.68 -24.04 -3.29
CA MET B 586 15.73 -23.39 -4.59
C MET B 586 16.76 -24.13 -5.44
N LEU B 587 16.31 -25.19 -6.09
CA LEU B 587 17.16 -26.02 -6.94
C LEU B 587 16.26 -26.62 -8.01
N PRO B 588 16.80 -26.95 -9.18
CA PRO B 588 15.99 -27.62 -10.20
C PRO B 588 15.39 -28.88 -9.62
N GLU B 589 14.29 -29.35 -10.24
CA GLU B 589 13.66 -30.58 -9.77
C GLU B 589 14.61 -31.76 -9.95
N ASP B 590 15.41 -31.74 -11.03
CA ASP B 590 16.34 -32.84 -11.28
C ASP B 590 17.49 -32.87 -10.30
N ARG B 591 17.73 -31.78 -9.56
CA ARG B 591 18.66 -31.78 -8.43
C ARG B 591 17.94 -31.79 -7.09
N GLY B 592 16.67 -32.17 -7.10
CA GLY B 592 15.95 -32.32 -5.85
C GLY B 592 15.46 -31.08 -5.18
N GLY B 593 15.26 -29.99 -5.92
CA GLY B 593 14.72 -28.80 -5.34
C GLY B 593 13.22 -28.83 -5.29
N VAL B 594 12.66 -27.92 -4.50
CA VAL B 594 11.22 -27.80 -4.38
C VAL B 594 10.74 -26.57 -5.16
N VAL B 595 11.58 -25.54 -5.27
CA VAL B 595 11.17 -24.32 -5.94
C VAL B 595 12.21 -23.87 -6.97
N GLY B 596 11.75 -23.04 -7.89
CA GLY B 596 12.63 -22.46 -8.88
C GLY B 596 13.16 -21.12 -8.43
N PRO B 597 13.92 -20.46 -9.29
CA PRO B 597 14.45 -19.12 -8.93
C PRO B 597 13.38 -18.06 -8.83
N ASP B 598 12.20 -18.33 -9.36
CA ASP B 598 11.04 -17.48 -9.13
C ASP B 598 10.33 -17.84 -7.84
N LEU B 599 10.86 -18.81 -7.08
CA LEU B 599 10.33 -19.31 -5.82
C LEU B 599 9.01 -20.05 -6.00
N LYS B 600 8.60 -20.32 -7.22
CA LYS B 600 7.41 -21.14 -7.45
C LYS B 600 7.75 -22.58 -7.21
N VAL B 601 6.80 -23.33 -6.64
CA VAL B 601 6.97 -24.76 -6.43
C VAL B 601 6.91 -25.48 -7.77
N HIS B 602 7.89 -26.34 -8.01
CA HIS B 602 7.90 -27.12 -9.25
C HIS B 602 6.59 -27.87 -9.47
N GLY B 603 5.91 -27.58 -10.58
CA GLY B 603 4.69 -28.25 -10.96
C GLY B 603 3.42 -27.73 -10.32
N ALA B 604 3.47 -26.59 -9.63
CA ALA B 604 2.30 -26.02 -8.98
C ALA B 604 2.15 -24.57 -9.45
N GLU B 605 0.96 -24.20 -9.89
CA GLU B 605 0.75 -22.84 -10.35
C GLU B 605 0.12 -22.01 -9.22
N GLY B 606 0.66 -20.81 -9.01
CA GLY B 606 0.18 -19.96 -7.94
C GLY B 606 0.53 -20.42 -6.54
N LEU B 607 1.66 -21.13 -6.37
CA LEU B 607 2.11 -21.59 -5.06
C LEU B 607 3.61 -21.36 -4.94
N ARG B 608 4.00 -20.51 -4.00
CA ARG B 608 5.40 -20.17 -3.80
C ARG B 608 5.82 -20.50 -2.39
N VAL B 609 7.13 -20.60 -2.18
CA VAL B 609 7.71 -20.71 -0.85
C VAL B 609 8.69 -19.56 -0.68
N VAL B 610 8.58 -18.84 0.43
CA VAL B 610 9.46 -17.74 0.80
C VAL B 610 9.75 -17.77 2.28
N ASP B 611 10.87 -18.37 2.66
CA ASP B 611 11.37 -18.42 4.02
C ASP B 611 12.72 -19.14 3.96
N MET B 612 13.33 -19.43 5.10
CA MET B 612 14.65 -20.03 5.05
C MET B 612 14.66 -21.47 4.55
N SER B 613 13.52 -22.06 4.23
CA SER B 613 13.58 -23.38 3.63
C SER B 613 14.04 -23.35 2.17
N VAL B 614 13.99 -22.19 1.50
CA VAL B 614 14.28 -22.15 0.06
C VAL B 614 15.78 -22.09 -0.25
N MET B 615 16.61 -21.67 0.69
CA MET B 615 18.02 -21.59 0.39
C MET B 615 18.55 -22.97 0.04
N PRO B 616 19.42 -23.10 -0.97
CA PRO B 616 19.93 -24.43 -1.31
C PRO B 616 21.06 -24.86 -0.36
N LEU B 617 21.95 -23.92 -0.04
CA LEU B 617 23.05 -24.14 0.88
C LEU B 617 22.91 -23.20 2.06
N LEU B 618 23.13 -23.73 3.25
CA LEU B 618 23.19 -22.87 4.42
C LEU B 618 24.26 -21.80 4.22
N PRO B 619 23.96 -20.53 4.47
CA PRO B 619 24.96 -19.47 4.32
C PRO B 619 25.78 -19.24 5.59
N GLY B 620 26.99 -18.74 5.38
CA GLY B 620 27.91 -18.50 6.49
C GLY B 620 27.57 -17.24 7.24
N ALA B 621 26.44 -17.27 7.94
CA ALA B 621 25.92 -16.16 8.70
C ALA B 621 24.74 -16.65 9.51
N HIS B 622 24.34 -15.86 10.47
CA HIS B 622 23.03 -16.07 11.06
C HIS B 622 21.96 -15.65 10.03
N LEU B 623 20.79 -16.28 10.11
CA LEU B 623 19.90 -16.27 8.97
C LEU B 623 18.94 -15.08 8.88
N SER B 624 18.74 -14.31 9.96
CA SER B 624 17.62 -13.38 9.98
C SER B 624 17.75 -12.28 8.91
N ALA B 625 18.94 -11.69 8.75
CA ALA B 625 19.13 -10.69 7.70
C ALA B 625 18.82 -11.26 6.34
N THR B 626 19.21 -12.51 6.11
CA THR B 626 18.92 -13.18 4.84
C THR B 626 17.43 -13.43 4.69
N ALA B 627 16.73 -13.76 5.79
CA ALA B 627 15.30 -13.99 5.70
C ALA B 627 14.56 -12.74 5.23
N TYR B 628 14.92 -11.57 5.75
CA TYR B 628 14.34 -10.32 5.26
C TYR B 628 14.68 -10.10 3.80
N ALA B 629 15.96 -10.27 3.43
CA ALA B 629 16.37 -10.02 2.05
C ALA B 629 15.64 -10.95 1.08
N VAL B 630 15.49 -12.21 1.47
CA VAL B 630 14.79 -13.19 0.65
C VAL B 630 13.31 -12.81 0.54
N GLY B 631 12.69 -12.38 1.63
CA GLY B 631 11.32 -11.90 1.56
C GLY B 631 11.20 -10.66 0.69
N GLU B 632 12.14 -9.72 0.84
CA GLU B 632 12.14 -8.55 -0.01
C GLU B 632 12.22 -8.92 -1.48
N LYS B 633 13.17 -9.80 -1.84
CA LYS B 633 13.38 -10.12 -3.25
C LYS B 633 12.21 -10.94 -3.79
N ALA B 634 11.72 -11.89 -3.01
CA ALA B 634 10.55 -12.67 -3.43
C ALA B 634 9.38 -11.76 -3.74
N ALA B 635 9.10 -10.80 -2.84
CA ALA B 635 8.00 -9.87 -3.05
C ALA B 635 8.19 -9.09 -4.34
N ASP B 636 9.40 -8.60 -4.56
CA ASP B 636 9.75 -7.95 -5.81
C ASP B 636 9.43 -8.84 -7.00
N ILE B 637 9.81 -10.12 -6.92
CA ILE B 637 9.52 -11.07 -8.00
C ILE B 637 8.02 -11.20 -8.19
N ILE B 638 7.28 -11.47 -7.10
CA ILE B 638 5.84 -11.63 -7.18
C ILE B 638 5.19 -10.36 -7.73
N ILE B 639 5.65 -9.19 -7.28
CA ILE B 639 5.12 -7.93 -7.78
C ILE B 639 5.40 -7.77 -9.27
N GLN B 640 6.65 -8.01 -9.71
CA GLN B 640 6.99 -7.80 -11.13
C GLN B 640 6.07 -8.57 -12.05
N GLU B 641 5.59 -9.74 -11.60
CA GLU B 641 4.78 -10.59 -12.46
C GLU B 641 3.32 -10.17 -12.49
N TRP B 642 2.84 -9.61 -11.40
CA TRP B 642 1.45 -9.19 -11.32
C TRP B 642 1.24 -7.76 -11.78
N MET B 643 2.32 -7.06 -12.18
CA MET B 643 2.19 -5.74 -12.79
C MET B 643 1.67 -5.83 -14.22
N ASP B 644 1.76 -7.01 -14.83
CA ASP B 644 1.41 -7.20 -16.24
C ASP B 644 -0.07 -7.53 -16.44
C1 NAG C . 3.36 23.12 13.05
C2 NAG C . 3.20 22.98 14.59
C3 NAG C . 2.78 24.32 15.18
C4 NAG C . 3.82 25.36 14.90
C5 NAG C . 3.97 25.45 13.36
C6 NAG C . 5.11 26.33 12.94
C7 NAG C . 2.47 20.81 15.57
C8 NAG C . 1.34 19.92 15.89
N2 NAG C . 2.19 21.96 14.94
O3 NAG C . 2.66 24.08 16.58
O4 NAG C . 3.24 26.61 15.31
O5 NAG C . 4.27 24.19 12.76
O6 NAG C . 6.33 26.01 13.60
O7 NAG C . 3.66 20.52 15.81
C1 NAG C . 4.09 27.33 16.17
C2 NAG C . 3.60 28.80 16.07
C3 NAG C . 4.25 29.67 17.16
C4 NAG C . 4.22 29.01 18.52
C5 NAG C . 4.76 27.58 18.41
C6 NAG C . 4.74 26.82 19.71
C7 NAG C . 2.96 29.80 13.91
C8 NAG C . 3.46 30.34 12.61
N2 NAG C . 3.89 29.35 14.75
O3 NAG C . 3.58 30.93 17.23
O4 NAG C . 5.03 29.76 19.42
O5 NAG C . 3.96 26.86 17.47
O6 NAG C . 5.90 26.01 19.83
O7 NAG C . 1.76 29.76 14.18
C1 BMA C . 4.36 30.15 20.63
C2 BMA C . 5.36 29.87 21.77
C3 BMA C . 4.78 30.29 23.10
C4 BMA C . 4.25 31.77 23.04
C5 BMA C . 3.30 31.98 21.83
C6 BMA C . 2.90 33.44 21.65
O2 BMA C . 6.56 30.62 21.60
O3 BMA C . 5.76 30.10 24.15
O4 BMA C . 3.55 32.11 24.23
O5 BMA C . 3.95 31.52 20.62
O6 BMA C . 3.20 33.86 20.31
C1 NAG D . -38.76 -12.56 -16.26
C2 NAG D . -39.74 -12.73 -17.36
C3 NAG D . -39.22 -13.75 -18.40
C4 NAG D . -37.86 -13.33 -18.93
C5 NAG D . -36.91 -13.05 -17.73
C6 NAG D . -35.67 -12.31 -18.18
C7 NAG D . -42.17 -12.44 -17.15
C8 NAG D . -43.42 -12.98 -16.58
N2 NAG D . -41.04 -13.13 -16.88
O3 NAG D . -40.16 -13.87 -19.48
O4 NAG D . -37.28 -14.32 -19.79
O5 NAG D . -37.54 -12.16 -16.79
O6 NAG D . -34.49 -12.72 -17.50
O7 NAG D . -42.14 -11.39 -17.84
C1 NAG D . -36.93 -13.81 -21.08
C2 NAG D . -36.25 -14.90 -21.94
C3 NAG D . -36.03 -14.44 -23.39
C4 NAG D . -37.23 -13.70 -23.97
C5 NAG D . -37.85 -12.71 -22.98
C6 NAG D . -39.18 -12.18 -23.47
C7 NAG D . -34.84 -16.14 -20.33
C8 NAG D . -33.45 -16.44 -19.87
N2 NAG D . -34.96 -15.30 -21.37
O3 NAG D . -35.75 -15.60 -24.19
O4 NAG D . -36.82 -12.96 -25.11
O5 NAG D . -38.09 -13.36 -21.73
O6 NAG D . -39.27 -10.78 -23.32
O7 NAG D . -35.83 -16.63 -19.77
C1 NAG E . 28.56 -1.75 41.90
C2 NAG E . 30.00 -1.54 41.96
C3 NAG E . 30.26 -0.11 42.34
C4 NAG E . 29.80 0.83 41.25
C5 NAG E . 28.31 0.52 40.92
C6 NAG E . 27.94 0.99 39.52
C7 NAG E . 31.82 -2.99 42.79
C8 NAG E . 32.49 -2.69 41.48
N2 NAG E . 30.62 -2.40 42.95
O3 NAG E . 31.67 -0.01 42.52
O4 NAG E . 29.81 2.15 41.79
O5 NAG E . 28.01 -0.88 40.94
O6 NAG E . 26.66 0.53 39.10
O7 NAG E . 32.32 -3.70 43.61
C1 NAG E . 30.32 3.14 40.91
C2 NAG E . 29.58 4.45 41.31
C3 NAG E . 30.31 5.72 40.85
C4 NAG E . 31.81 5.63 41.10
C5 NAG E . 32.28 4.41 40.38
C6 NAG E . 33.79 4.25 40.36
C7 NAG E . 27.14 4.07 41.47
C8 NAG E . 25.83 4.11 40.72
N2 NAG E . 28.22 4.43 40.78
O3 NAG E . 29.78 6.88 41.49
O4 NAG E . 32.48 6.81 40.69
O5 NAG E . 31.71 3.29 41.06
O6 NAG E . 34.31 4.57 39.07
O7 NAG E . 27.19 3.72 42.65
C1 NAG F . -10.92 -27.66 1.78
C2 NAG F . -11.99 -28.56 2.41
C3 NAG F . -11.79 -30.00 1.94
C4 NAG F . -11.89 -30.15 0.43
C5 NAG F . -10.82 -29.20 -0.18
C6 NAG F . -10.86 -29.11 -1.69
C7 NAG F . -12.88 -28.00 4.62
C8 NAG F . -12.64 -27.95 6.05
N2 NAG F . -11.91 -28.50 3.86
O3 NAG F . -12.76 -30.79 2.60
O4 NAG F . -11.49 -31.48 0.07
O5 NAG F . -10.95 -27.84 0.32
O6 NAG F . -12.15 -28.88 -2.25
O7 NAG F . -13.94 -27.60 4.09
C1 NAG F . -12.40 -32.28 -0.72
C2 NAG F . -11.64 -33.56 -1.19
C3 NAG F . -12.55 -34.50 -1.97
C4 NAG F . -13.80 -34.81 -1.15
C5 NAG F . -14.51 -33.53 -0.70
C6 NAG F . -15.63 -33.82 0.27
C7 NAG F . -10.17 -32.70 -3.06
C8 NAG F . -11.38 -32.19 -3.81
N2 NAG F . -10.39 -33.31 -1.88
O3 NAG F . -11.85 -35.70 -2.28
O4 NAG F . -14.67 -35.65 -1.92
O5 NAG F . -13.59 -32.67 -0.01
O6 NAG F . -15.09 -34.13 1.54
O7 NAG F . -9.04 -32.56 -3.52
PA FAD G . -13.06 15.08 -3.89
O1A FAD G . -14.26 14.93 -3.03
O2A FAD G . -12.92 14.01 -4.96
O5B FAD G . -11.72 15.21 -3.10
C5B FAD G . -11.70 15.68 -1.74
C4B FAD G . -10.90 14.67 -0.97
O4B FAD G . -10.27 15.29 0.16
C3B FAD G . -11.69 13.48 -0.42
O3B FAD G . -10.87 12.33 -0.59
C2B FAD G . -11.85 13.85 1.05
O2B FAD G . -12.00 12.71 1.88
C1B FAD G . -10.51 14.51 1.31
N9A FAD G . -10.44 15.40 2.46
C8A FAD G . -11.39 16.29 2.91
N7A FAD G . -11.00 17.02 3.93
C5A FAD G . -9.69 16.60 4.16
C6A FAD G . -8.72 16.98 5.11
N6A FAD G . -8.92 17.90 6.04
N1A FAD G . -7.52 16.35 5.05
C2A FAD G . -7.31 15.42 4.11
N3A FAD G . -8.16 14.97 3.18
C4A FAD G . -9.34 15.60 3.25
N1 FAD G . -19.98 14.41 -10.86
C2 FAD G . -20.21 14.01 -12.14
O2 FAD G . -19.60 14.51 -13.08
N3 FAD G . -21.19 13.04 -12.39
C4 FAD G . -21.94 12.40 -11.43
O4 FAD G . -22.76 11.54 -11.75
C4X FAD G . -21.65 12.81 -10.08
N5 FAD G . -22.32 12.24 -9.12
C5X FAD G . -22.05 12.64 -7.82
C6 FAD G . -22.74 12.04 -6.78
C7 FAD G . -22.49 12.40 -5.46
C7M FAD G . -23.26 11.73 -4.36
C8 FAD G . -21.52 13.38 -5.17
C8M FAD G . -21.23 13.82 -3.77
C9 FAD G . -20.83 13.99 -6.22
C9A FAD G . -21.09 13.63 -7.53
N10 FAD G . -20.37 14.19 -8.60
C10 FAD G . -20.65 13.84 -9.89
C1' FAD G . -19.43 15.30 -8.36
C2' FAD G . -17.99 15.06 -8.73
O2' FAD G . -17.65 13.68 -8.60
C3' FAD G . -17.13 15.92 -7.80
O3' FAD G . -17.45 17.29 -7.95
C4' FAD G . -15.63 15.75 -7.93
O4' FAD G . -15.30 14.36 -7.92
C5' FAD G . -14.94 16.45 -6.79
O5' FAD G . -13.52 16.36 -6.97
P FAD G . -12.56 17.05 -5.97
O1P FAD G . -11.18 16.47 -6.33
O2P FAD G . -12.74 18.51 -6.00
O3P FAD G . -13.09 16.50 -4.59
C1 NAG H . -37.76 30.29 7.26
C2 NAG H . -39.21 30.58 7.13
C3 NAG H . -39.55 31.70 8.09
C4 NAG H . -39.37 31.28 9.55
C5 NAG H . -38.49 30.00 9.63
C6 NAG H . -39.29 28.67 9.43
C7 NAG H . -40.53 30.31 5.05
C8 NAG H . -40.92 30.94 3.75
N2 NAG H . -39.63 30.97 5.79
O3 NAG H . -40.90 32.05 7.87
O4 NAG H . -38.49 32.23 10.13
O5 NAG H . -37.42 30.10 8.66
O6 NAG H . -39.33 27.86 10.59
O7 NAG H . -40.99 29.22 5.42
C1 NAG I . -21.05 22.40 15.66
C2 NAG I . -22.37 21.93 15.03
C3 NAG I . -23.14 21.03 16.04
C4 NAG I . -22.33 19.81 16.39
C5 NAG I . -21.01 20.28 17.04
C6 NAG I . -20.06 19.13 17.35
C7 NAG I . -23.93 22.98 13.47
C8 NAG I . -24.75 24.17 13.13
N2 NAG I . -23.22 23.04 14.60
O3 NAG I . -24.39 20.66 15.44
O4 NAG I . -23.01 18.98 17.34
O5 NAG I . -20.30 21.20 16.20
O6 NAG I . -19.12 18.87 16.31
O7 NAG I . -23.89 21.96 12.74
S SO4 J . 6.68 4.28 -0.64
O1 SO4 J . 5.88 4.08 0.57
O2 SO4 J . 5.79 4.60 -1.76
O3 SO4 J . 7.41 3.06 -0.99
O4 SO4 J . 7.64 5.36 -0.39
CA CA K . -24.02 -0.31 -12.61
C1 B3P L . -32.37 22.69 -28.87
C2 B3P L . -33.84 23.17 -29.06
C3 B3P L . -31.64 22.15 -30.15
N1 B3P L . -31.64 23.09 -31.32
C4 B3P L . -30.37 23.22 -32.08
C5 B3P L . -29.37 24.01 -31.30
C6 B3P L . -29.69 21.91 -32.39
C7 B3P L . -30.55 24.05 -33.37
N2 B3P L . -34.00 24.07 -30.21
C8 B3P L . -35.36 24.49 -30.64
C9 B3P L . -35.59 24.25 -32.18
C10 B3P L . -36.54 23.86 -29.85
C11 B3P L . -35.39 26.00 -30.54
O1 B3P L . -34.96 23.10 -32.73
O2 B3P L . -36.57 24.17 -28.49
O3 B3P L . -34.46 26.50 -31.49
O4 B3P L . -28.13 24.15 -31.96
O5 B3P L . -28.37 22.16 -32.83
O6 B3P L . -29.30 24.59 -33.72
C1 EDO M . -24.54 18.94 -33.37
O1 EDO M . -23.72 19.93 -32.70
C2 EDO M . -25.78 19.52 -34.06
O2 EDO M . -27.03 19.14 -33.40
PA FAD N . 9.96 -17.92 10.84
O1A FAD N . 10.39 -16.52 11.10
O2A FAD N . 10.17 -18.87 12.02
O5B FAD N . 8.49 -17.92 10.32
C5B FAD N . 7.64 -19.08 10.51
C4B FAD N . 6.33 -18.57 11.05
O4B FAD N . 5.28 -19.47 10.62
C3B FAD N . 6.23 -18.48 12.58
O3B FAD N . 5.60 -17.24 12.90
C2B FAD N . 5.36 -19.70 12.94
O2B FAD N . 4.60 -19.43 14.13
C1B FAD N . 4.46 -19.79 11.72
N9A FAD N . 3.88 -21.10 11.42
C8A FAD N . 4.46 -22.34 11.46
N7A FAD N . 3.66 -23.30 11.07
C5A FAD N . 2.48 -22.65 10.71
C6A FAD N . 1.26 -23.10 10.19
N6A FAD N . 0.97 -24.37 9.94
N1A FAD N . 0.30 -22.16 9.95
C2A FAD N . 0.56 -20.88 10.20
N3A FAD N . 1.68 -20.34 10.68
C4A FAD N . 2.61 -21.28 10.91
N1 FAD N . 19.17 -15.49 13.13
C2 FAD N . 20.10 -14.49 13.10
O2 FAD N . 20.43 -13.96 12.04
N3 FAD N . 20.72 -14.09 14.26
C4 FAD N . 20.47 -14.57 15.52
O4 FAD N . 21.07 -14.14 16.50
C4X FAD N . 19.46 -15.62 15.56
N5 FAD N . 19.16 -16.12 16.70
C5X FAD N . 18.19 -17.10 16.74
C6 FAD N . 17.85 -17.65 17.97
C7 FAD N . 16.88 -18.65 18.07
C7M FAD N . 16.55 -19.21 19.42
C8 FAD N . 16.23 -19.09 16.91
C8M FAD N . 15.18 -20.16 16.97
C9 FAD N . 16.58 -18.55 15.67
C9A FAD N . 17.55 -17.56 15.58
N10 FAD N . 17.89 -16.96 14.35
C10 FAD N . 18.88 -16.00 14.30
C1' FAD N . 17.32 -17.45 13.10
C2' FAD N . 16.35 -16.52 12.40
O2' FAD N . 15.46 -15.88 13.32
C3' FAD N . 15.51 -17.35 11.42
O3' FAD N . 16.35 -18.10 10.54
C4' FAD N . 14.56 -16.54 10.57
O4' FAD N . 13.73 -15.74 11.41
C5' FAD N . 13.77 -17.49 9.71
O5' FAD N . 12.53 -16.86 9.33
P FAD N . 11.48 -17.63 8.49
O1P FAD N . 10.55 -16.52 7.96
O2P FAD N . 12.26 -18.51 7.56
O3P FAD N . 10.72 -18.51 9.58
C1 NAG O . 23.47 -44.90 19.66
C2 NAG O . 24.74 -45.41 20.41
C3 NAG O . 25.00 -46.88 20.03
C4 NAG O . 23.78 -47.71 20.35
C5 NAG O . 22.57 -47.06 19.62
C6 NAG O . 21.25 -47.78 19.82
C7 NAG O . 26.90 -44.32 21.00
C8 NAG O . 28.03 -43.50 20.48
N2 NAG O . 25.93 -44.60 20.12
O3 NAG O . 26.13 -47.34 20.77
O4 NAG O . 23.96 -49.04 19.84
O5 NAG O . 22.36 -45.70 20.02
O6 NAG O . 20.18 -46.86 19.92
O7 NAG O . 26.87 -44.73 22.17
CA CA P . 19.35 -6.33 25.35
C1 144 Q . 5.84 -34.12 -13.57
N 144 Q . 6.91 -33.20 -13.95
C2 144 Q . 8.14 -33.96 -14.11
O2 144 Q . 7.96 -35.02 -15.01
C3 144 Q . 7.07 -32.20 -12.91
O3 144 Q . 6.08 -31.22 -13.10
C4 144 Q . 6.55 -32.54 -15.18
O4 144 Q . 6.46 -33.49 -16.21
C1 B3P R . 42.30 -12.18 7.59
C2 B3P R . 42.70 -12.05 6.10
C3 B3P R . 42.54 -13.64 8.08
N1 B3P R . 43.88 -13.80 8.70
C4 B3P R . 44.30 -15.20 8.87
C5 B3P R . 43.11 -16.07 9.16
C6 B3P R . 45.26 -15.41 10.05
C7 B3P R . 45.04 -15.65 7.59
N2 B3P R . 41.71 -11.19 5.41
C8 B3P R . 42.14 -10.82 4.05
C9 B3P R . 42.75 -12.04 3.34
C10 B3P R . 43.16 -9.68 4.11
C11 B3P R . 40.94 -10.32 3.27
O1 B3P R . 43.13 -11.68 2.03
O2 B3P R . 44.45 -10.21 4.11
O3 B3P R . 41.01 -8.93 3.04
O4 B3P R . 43.57 -17.32 9.61
O5 B3P R . 45.49 -16.76 10.37
O6 B3P R . 45.88 -16.74 7.87
#